data_8R5S
#
_entry.id   8R5S
#
_cell.length_a   60.711
_cell.length_b   212.171
_cell.length_c   72.289
_cell.angle_alpha   90.000
_cell.angle_beta   102.590
_cell.angle_gamma   90.000
#
_symmetry.space_group_name_H-M   'P 1 21 1'
#
_entity_poly.entity_id   1
_entity_poly.type   'polypeptide(L)'
_entity_poly.pdbx_seq_one_letter_code
;GSHMDLRAELLKALLKAVEEFLKAAEEAIKELLELLKKALEVLKKLDPKSKGVEALVKGAKGAAKGIEAAMKIAKAVLEV
AKIKVEKAIAGEVDPEEALRALRAALEIAFAAFELACEVLKKTLEAIKAVADDKYTAAILAGDNPAAQQKALAETNALCT
DSLIAVEGVEKGLKGAYLALEAIIEALEVAEDEEGLKIVAKAIKEAIKKAEEAIKKAEEAIKLAKESVEKNLEKLKA
;
_entity_poly.pdbx_strand_id   A,B,C,D,E,F,G,H
#
# COMPACT_ATOMS: atom_id res chain seq x y z
N GLY A 1 -15.25 -17.20 -10.50
CA GLY A 1 -15.68 -17.87 -11.72
C GLY A 1 -16.73 -17.08 -12.48
N SER A 2 -17.79 -16.65 -11.80
CA SER A 2 -18.79 -15.84 -12.46
C SER A 2 -18.32 -14.40 -12.72
N HIS A 3 -17.30 -13.92 -11.99
CA HIS A 3 -16.87 -12.54 -12.05
C HIS A 3 -15.37 -12.38 -12.11
N MET A 4 -14.63 -13.26 -11.42
CA MET A 4 -13.18 -13.25 -11.55
C MET A 4 -12.72 -13.66 -12.95
N ASP A 5 -13.57 -14.37 -13.71
CA ASP A 5 -13.24 -14.72 -15.07
C ASP A 5 -13.40 -13.53 -16.01
N LEU A 6 -14.45 -12.72 -15.80
CA LEU A 6 -14.60 -11.49 -16.58
C LEU A 6 -13.44 -10.54 -16.36
N ARG A 7 -12.98 -10.42 -15.11
CA ARG A 7 -11.81 -9.60 -14.82
C ARG A 7 -10.58 -10.10 -15.57
N ALA A 8 -10.34 -11.41 -15.51
CA ALA A 8 -9.19 -11.99 -16.20
C ALA A 8 -9.29 -11.81 -17.71
N GLU A 9 -10.51 -11.84 -18.26
CA GLU A 9 -10.68 -11.64 -19.69
C GLU A 9 -10.33 -10.21 -20.11
N LEU A 10 -10.82 -9.22 -19.35
CA LEU A 10 -10.55 -7.82 -19.69
C LEU A 10 -9.07 -7.48 -19.55
N LEU A 11 -8.44 -7.92 -18.46
CA LEU A 11 -7.02 -7.63 -18.25
C LEU A 11 -6.14 -8.19 -19.37
N LYS A 12 -6.52 -9.34 -19.93
CA LYS A 12 -5.73 -9.93 -21.01
C LYS A 12 -5.85 -9.10 -22.29
N ALA A 13 -7.07 -8.79 -22.71
CA ALA A 13 -7.27 -7.97 -23.90
C ALA A 13 -6.67 -6.58 -23.72
N LEU A 14 -6.74 -6.03 -22.50
CA LEU A 14 -6.12 -4.74 -22.23
C LEU A 14 -4.60 -4.83 -22.39
N LEU A 15 -4.00 -5.87 -21.81
CA LEU A 15 -2.56 -6.07 -21.96
C LEU A 15 -2.16 -6.20 -23.43
N LYS A 16 -2.97 -6.92 -24.22
CA LYS A 16 -2.70 -7.04 -25.64
C LYS A 16 -2.73 -5.67 -26.33
N ALA A 17 -3.75 -4.86 -26.02
CA ALA A 17 -3.85 -3.53 -26.61
C ALA A 17 -2.66 -2.67 -26.25
N VAL A 18 -2.23 -2.73 -24.99
CA VAL A 18 -1.05 -1.95 -24.58
C VAL A 18 0.19 -2.44 -25.29
N GLU A 19 0.30 -3.77 -25.49
CA GLU A 19 1.43 -4.31 -26.23
C GLU A 19 1.48 -3.78 -27.65
N GLU A 20 0.33 -3.72 -28.33
CA GLU A 20 0.29 -3.15 -29.67
C GLU A 20 0.62 -1.66 -29.65
N PHE A 21 0.11 -0.94 -28.64
CA PHE A 21 0.42 0.48 -28.52
C PHE A 21 1.91 0.70 -28.33
N LEU A 22 2.53 -0.08 -27.44
CA LEU A 22 3.95 0.09 -27.17
C LEU A 22 4.81 -0.22 -28.39
N LYS A 23 4.40 -1.19 -29.21
CA LYS A 23 5.12 -1.47 -30.44
C LYS A 23 5.06 -0.30 -31.41
N ALA A 24 3.84 0.20 -31.68
CA ALA A 24 3.68 1.35 -32.56
C ALA A 24 4.46 2.56 -32.06
N ALA A 25 4.46 2.78 -30.75
CA ALA A 25 5.19 3.91 -30.18
C ALA A 25 6.68 3.82 -30.48
N GLU A 26 7.25 2.60 -30.41
CA GLU A 26 8.67 2.42 -30.70
C GLU A 26 8.97 2.68 -32.17
N GLU A 27 8.15 2.13 -33.06
CA GLU A 27 8.34 2.37 -34.49
C GLU A 27 8.27 3.86 -34.83
N ALA A 28 7.27 4.55 -34.27
CA ALA A 28 7.15 5.99 -34.49
C ALA A 28 8.41 6.73 -34.06
N ILE A 29 8.87 6.50 -32.82
CA ILE A 29 10.04 7.18 -32.29
C ILE A 29 11.27 6.92 -33.16
N LYS A 30 11.44 5.67 -33.62
CA LYS A 30 12.61 5.32 -34.44
C LYS A 30 12.68 6.17 -35.70
N GLU A 31 11.55 6.33 -36.39
CA GLU A 31 11.56 7.08 -37.65
C GLU A 31 11.55 8.58 -37.41
N LEU A 32 10.81 9.04 -36.40
CA LEU A 32 10.79 10.47 -36.10
C LEU A 32 12.20 10.96 -35.76
N LEU A 33 12.95 10.17 -34.99
CA LEU A 33 14.32 10.54 -34.69
C LEU A 33 15.20 10.49 -35.95
N GLU A 34 14.86 9.62 -36.89
CA GLU A 34 15.58 9.58 -38.16
C GLU A 34 15.28 10.82 -39.01
N LEU A 35 14.01 11.20 -39.10
CA LEU A 35 13.66 12.42 -39.81
C LEU A 35 14.29 13.64 -39.15
N LEU A 36 14.39 13.63 -37.82
CA LEU A 36 15.02 14.74 -37.12
C LEU A 36 16.48 14.90 -37.54
N LYS A 37 17.20 13.78 -37.71
CA LYS A 37 18.57 13.84 -38.18
C LYS A 37 18.65 14.52 -39.54
N LYS A 38 17.81 14.10 -40.49
CA LYS A 38 17.78 14.73 -41.80
C LYS A 38 17.39 16.19 -41.70
N ALA A 39 16.45 16.51 -40.81
CA ALA A 39 16.00 17.89 -40.65
C ALA A 39 17.10 18.78 -40.10
N LEU A 40 17.86 18.28 -39.11
CA LEU A 40 18.95 19.08 -38.54
C LEU A 40 20.03 19.37 -39.58
N GLU A 41 20.25 18.46 -40.52
CA GLU A 41 21.22 18.72 -41.59
C GLU A 41 20.73 19.84 -42.50
N VAL A 42 19.46 19.77 -42.91
CA VAL A 42 18.89 20.82 -43.75
C VAL A 42 18.94 22.17 -43.02
N LEU A 43 18.65 22.15 -41.71
CA LEU A 43 18.69 23.39 -40.94
C LEU A 43 20.09 23.97 -40.87
N LYS A 44 21.10 23.13 -40.67
CA LYS A 44 22.47 23.61 -40.64
C LYS A 44 22.87 24.20 -41.98
N LYS A 45 22.55 23.49 -43.07
CA LYS A 45 22.86 24.02 -44.41
C LYS A 45 22.14 25.34 -44.66
N LEU A 46 20.97 25.53 -44.06
CA LEU A 46 20.22 26.77 -44.30
C LEU A 46 20.87 27.94 -43.57
N ASP A 47 21.42 27.72 -42.38
CA ASP A 47 22.12 28.76 -41.63
C ASP A 47 23.27 28.12 -40.88
N PRO A 48 24.44 27.99 -41.52
CA PRO A 48 25.55 27.27 -40.89
C PRO A 48 26.37 28.08 -39.90
N LYS A 49 26.29 29.40 -39.92
CA LYS A 49 27.11 30.24 -39.05
C LYS A 49 26.31 30.87 -37.91
N SER A 50 25.10 30.39 -37.66
CA SER A 50 24.24 30.93 -36.62
C SER A 50 24.43 30.15 -35.33
N LYS A 51 24.80 30.83 -34.26
CA LYS A 51 24.89 30.16 -32.97
C LYS A 51 23.52 29.78 -32.43
N GLY A 52 22.48 30.52 -32.81
CA GLY A 52 21.13 30.12 -32.46
C GLY A 52 20.74 28.79 -33.08
N VAL A 53 21.01 28.64 -34.37
CA VAL A 53 20.73 27.37 -35.05
C VAL A 53 21.57 26.25 -34.45
N GLU A 54 22.84 26.52 -34.18
CA GLU A 54 23.70 25.51 -33.57
C GLU A 54 23.22 25.12 -32.20
N ALA A 55 22.76 26.10 -31.40
CA ALA A 55 22.21 25.80 -30.08
C ALA A 55 21.04 24.83 -30.16
N LEU A 56 20.16 25.02 -31.16
CA LEU A 56 19.05 24.09 -31.33
C LEU A 56 19.54 22.69 -31.67
N VAL A 57 20.57 22.59 -32.51
CA VAL A 57 21.12 21.29 -32.86
C VAL A 57 21.63 20.58 -31.61
N LYS A 58 22.40 21.29 -30.78
CA LYS A 58 22.84 20.72 -29.51
C LYS A 58 21.65 20.32 -28.64
N GLY A 59 20.66 21.22 -28.53
CA GLY A 59 19.48 20.91 -27.75
C GLY A 59 18.66 19.75 -28.29
N ALA A 60 18.54 19.68 -29.63
CA ALA A 60 17.74 18.62 -30.23
C ALA A 60 18.38 17.24 -30.03
N LYS A 61 19.70 17.16 -30.14
CA LYS A 61 20.37 15.89 -29.90
C LYS A 61 20.22 15.44 -28.45
N GLY A 62 20.28 16.38 -27.51
CA GLY A 62 20.08 16.03 -26.11
C GLY A 62 18.70 15.46 -25.84
N ALA A 63 17.66 16.10 -26.40
CA ALA A 63 16.31 15.58 -26.24
C ALA A 63 16.18 14.18 -26.84
N ALA A 64 16.84 13.94 -27.97
CA ALA A 64 16.78 12.61 -28.59
C ALA A 64 17.32 11.54 -27.66
N LYS A 65 18.40 11.84 -26.94
CA LYS A 65 18.94 10.88 -25.97
C LYS A 65 17.92 10.56 -24.90
N GLY A 66 17.22 11.58 -24.37
CA GLY A 66 16.21 11.35 -23.37
C GLY A 66 15.03 10.54 -23.87
N ILE A 67 14.67 10.70 -25.15
CA ILE A 67 13.57 9.92 -25.72
C ILE A 67 13.96 8.46 -25.82
N GLU A 68 15.18 8.18 -26.29
CA GLU A 68 15.64 6.80 -26.41
C GLU A 68 15.74 6.13 -25.04
N ALA A 69 16.32 6.85 -24.07
CA ALA A 69 16.41 6.32 -22.71
C ALA A 69 15.03 6.07 -22.13
N ALA A 70 14.09 6.98 -22.36
CA ALA A 70 12.75 6.84 -21.78
C ALA A 70 12.01 5.64 -22.34
N MET A 71 12.23 5.29 -23.60
CA MET A 71 11.51 4.16 -24.19
C MET A 71 12.07 2.82 -23.74
N LYS A 72 13.39 2.72 -23.54
CA LYS A 72 13.95 1.50 -22.96
C LYS A 72 13.30 1.20 -21.61
N ILE A 73 13.06 2.24 -20.80
CA ILE A 73 12.33 2.07 -19.55
C ILE A 73 10.92 1.56 -19.81
N ALA A 74 10.24 2.12 -20.83
CA ALA A 74 8.86 1.76 -21.08
C ALA A 74 8.69 0.29 -21.46
N LYS A 75 9.67 -0.27 -22.19
CA LYS A 75 9.59 -1.69 -22.51
C LYS A 75 9.79 -2.56 -21.27
N ALA A 76 10.75 -2.18 -20.41
CA ALA A 76 10.99 -2.95 -19.20
C ALA A 76 9.76 -2.93 -18.29
N VAL A 77 9.13 -1.76 -18.13
CA VAL A 77 7.92 -1.67 -17.33
C VAL A 77 6.81 -2.54 -17.91
N LEU A 78 6.77 -2.67 -19.23
CA LEU A 78 5.79 -3.57 -19.85
C LEU A 78 5.99 -5.01 -19.41
N GLU A 79 7.25 -5.43 -19.26
CA GLU A 79 7.52 -6.78 -18.78
C GLU A 79 7.05 -6.96 -17.34
N VAL A 80 7.35 -5.97 -16.48
CA VAL A 80 6.81 -5.97 -15.13
C VAL A 80 5.28 -5.94 -15.17
N ALA A 81 4.71 -5.21 -16.13
CA ALA A 81 3.26 -5.17 -16.27
C ALA A 81 2.71 -6.54 -16.64
N LYS A 82 3.41 -7.28 -17.50
CA LYS A 82 2.95 -8.61 -17.89
C LYS A 82 2.87 -9.53 -16.69
N ILE A 83 3.88 -9.50 -15.83
CA ILE A 83 3.92 -10.38 -14.66
C ILE A 83 2.78 -10.03 -13.71
N LYS A 84 2.60 -8.75 -13.41
CA LYS A 84 1.53 -8.34 -12.50
C LYS A 84 0.15 -8.63 -13.06
N VAL A 85 -0.03 -8.57 -14.38
CA VAL A 85 -1.33 -8.90 -14.97
C VAL A 85 -1.62 -10.39 -14.82
N GLU A 86 -0.65 -11.25 -15.15
CA GLU A 86 -0.84 -12.69 -14.98
C GLU A 86 -1.13 -13.04 -13.53
N LYS A 87 -0.38 -12.45 -12.59
CA LYS A 87 -0.62 -12.72 -11.17
C LYS A 87 -1.98 -12.20 -10.72
N ALA A 88 -2.45 -11.09 -11.32
CA ALA A 88 -3.79 -10.61 -11.00
C ALA A 88 -4.84 -11.54 -11.55
N ILE A 89 -4.58 -12.15 -12.72
CA ILE A 89 -5.49 -13.15 -13.26
C ILE A 89 -5.51 -14.38 -12.37
N ALA A 90 -4.35 -14.76 -11.83
CA ALA A 90 -4.23 -15.88 -10.91
C ALA A 90 -4.57 -15.51 -9.48
N GLY A 91 -4.97 -14.27 -9.22
CA GLY A 91 -5.33 -13.86 -7.88
C GLY A 91 -4.18 -13.64 -6.94
N GLU A 92 -2.95 -13.61 -7.44
CA GLU A 92 -1.77 -13.47 -6.59
C GLU A 92 -1.58 -12.03 -6.13
N VAL A 93 -1.87 -11.07 -7.00
CA VAL A 93 -1.66 -9.65 -6.74
C VAL A 93 -2.97 -8.93 -6.97
N ASP A 94 -3.20 -7.86 -6.20
CA ASP A 94 -4.39 -7.04 -6.39
C ASP A 94 -4.39 -6.47 -7.81
N PRO A 95 -5.53 -6.51 -8.51
CA PRO A 95 -5.56 -6.03 -9.90
C PRO A 95 -5.13 -4.59 -10.09
N GLU A 96 -5.20 -3.74 -9.05
CA GLU A 96 -4.79 -2.36 -9.20
C GLU A 96 -3.28 -2.22 -9.46
N GLU A 97 -2.47 -3.11 -8.87
CA GLU A 97 -1.04 -3.08 -9.17
C GLU A 97 -0.75 -3.39 -10.64
N ALA A 98 -1.57 -4.25 -11.25
CA ALA A 98 -1.40 -4.52 -12.68
C ALA A 98 -1.85 -3.34 -13.51
N LEU A 99 -2.98 -2.72 -13.13
CA LEU A 99 -3.44 -1.53 -13.83
C LEU A 99 -2.46 -0.38 -13.69
N ARG A 100 -1.95 -0.16 -12.48
CA ARG A 100 -0.97 0.90 -12.25
C ARG A 100 0.32 0.63 -13.03
N ALA A 101 0.69 -0.64 -13.20
CA ALA A 101 1.88 -0.97 -13.98
C ALA A 101 1.67 -0.69 -15.46
N LEU A 102 0.50 -1.09 -15.99
CA LEU A 102 0.18 -0.80 -17.39
C LEU A 102 0.20 0.70 -17.67
N ARG A 103 -0.34 1.49 -16.75
CA ARG A 103 -0.35 2.95 -16.93
C ARG A 103 1.08 3.49 -17.06
N ALA A 104 2.00 2.99 -16.23
CA ALA A 104 3.38 3.47 -16.28
C ALA A 104 4.01 3.21 -17.65
N ALA A 105 3.96 1.97 -18.12
CA ALA A 105 4.49 1.65 -19.44
C ALA A 105 3.79 2.46 -20.53
N LEU A 106 2.47 2.62 -20.40
CA LEU A 106 1.72 3.38 -21.40
C LEU A 106 2.10 4.86 -21.38
N GLU A 107 2.08 5.49 -20.20
CA GLU A 107 2.30 6.92 -20.11
C GLU A 107 3.74 7.30 -20.42
N ILE A 108 4.70 6.49 -19.97
CA ILE A 108 6.12 6.81 -20.21
C ILE A 108 6.43 6.80 -21.69
N ALA A 109 5.94 5.79 -22.42
CA ALA A 109 6.22 5.70 -23.85
C ALA A 109 5.59 6.84 -24.62
N PHE A 110 4.29 7.07 -24.39
CA PHE A 110 3.59 8.14 -25.10
C PHE A 110 4.25 9.49 -24.82
N ALA A 111 4.77 9.68 -23.61
CA ALA A 111 5.50 10.90 -23.30
C ALA A 111 6.72 11.06 -24.22
N ALA A 112 7.49 9.99 -24.38
CA ALA A 112 8.62 10.04 -25.31
C ALA A 112 8.15 10.24 -26.74
N PHE A 113 7.03 9.62 -27.11
CA PHE A 113 6.47 9.82 -28.44
C PHE A 113 6.06 11.27 -28.63
N GLU A 114 5.39 11.85 -27.63
CA GLU A 114 4.91 13.23 -27.74
C GLU A 114 6.07 14.20 -27.92
N LEU A 115 7.20 13.94 -27.25
CA LEU A 115 8.36 14.81 -27.41
C LEU A 115 8.98 14.67 -28.79
N ALA A 116 9.02 13.45 -29.34
CA ALA A 116 9.56 13.25 -30.67
C ALA A 116 8.79 14.06 -31.71
N CYS A 117 7.45 14.01 -31.65
CA CYS A 117 6.64 14.81 -32.56
C CYS A 117 6.88 16.29 -32.34
N GLU A 118 7.03 16.71 -31.08
CA GLU A 118 7.19 18.14 -30.78
C GLU A 118 8.54 18.65 -31.24
N VAL A 119 9.62 17.90 -30.98
CA VAL A 119 10.95 18.33 -31.42
C VAL A 119 11.01 18.42 -32.93
N LEU A 120 10.43 17.44 -33.63
CA LEU A 120 10.43 17.48 -35.09
C LEU A 120 9.64 18.67 -35.61
N LYS A 121 8.48 18.95 -35.00
CA LYS A 121 7.70 20.13 -35.39
C LYS A 121 8.53 21.41 -35.22
N LYS A 122 9.18 21.56 -34.06
CA LYS A 122 9.97 22.75 -33.80
C LYS A 122 11.12 22.90 -34.79
N THR A 123 11.72 21.78 -35.21
CA THR A 123 12.79 21.85 -36.19
C THR A 123 12.25 22.23 -37.57
N LEU A 124 11.15 21.60 -37.98
CA LEU A 124 10.53 21.96 -39.26
C LEU A 124 10.09 23.42 -39.27
N GLU A 125 9.54 23.90 -38.15
CA GLU A 125 9.17 25.31 -38.05
C GLU A 125 10.40 26.21 -38.09
N ALA A 126 11.53 25.74 -37.59
CA ALA A 126 12.76 26.51 -37.66
C ALA A 126 13.26 26.62 -39.09
N ILE A 127 13.24 25.50 -39.83
CA ILE A 127 13.63 25.52 -41.24
C ILE A 127 12.79 26.51 -42.01
N LYS A 128 11.47 26.52 -41.76
CA LYS A 128 10.60 27.47 -42.44
C LYS A 128 10.94 28.91 -42.05
N ALA A 129 11.18 29.15 -40.76
CA ALA A 129 11.46 30.51 -40.30
C ALA A 129 12.81 31.00 -40.80
N VAL A 130 13.81 30.13 -40.83
CA VAL A 130 15.13 30.55 -41.31
C VAL A 130 15.09 30.83 -42.81
N ALA A 131 14.39 29.99 -43.57
CA ALA A 131 14.27 30.22 -45.00
C ALA A 131 13.53 31.52 -45.30
N ASP A 132 12.44 31.78 -44.55
CA ASP A 132 11.72 33.04 -44.73
C ASP A 132 12.63 34.24 -44.50
N ASP A 133 13.55 34.14 -43.56
CA ASP A 133 14.46 35.24 -43.28
C ASP A 133 15.59 35.34 -44.28
N LYS A 134 15.94 34.22 -44.95
CA LYS A 134 17.00 34.27 -45.95
C LYS A 134 16.48 34.81 -47.27
N TYR A 135 15.34 34.31 -47.73
CA TYR A 135 14.79 34.77 -49.01
C TYR A 135 14.33 36.22 -48.93
N THR A 136 13.62 36.58 -47.85
CA THR A 136 13.17 37.96 -47.70
C THR A 136 14.34 38.93 -47.69
N ALA A 137 15.46 38.54 -47.07
CA ALA A 137 16.65 39.38 -47.11
C ALA A 137 17.18 39.53 -48.54
N ALA A 138 17.03 38.50 -49.36
CA ALA A 138 17.47 38.57 -50.76
C ALA A 138 16.47 39.34 -51.62
N ILE A 139 15.16 39.18 -51.35
CA ILE A 139 14.15 39.91 -52.09
C ILE A 139 14.35 41.41 -51.92
N LEU A 140 14.55 41.86 -50.68
CA LEU A 140 14.75 43.28 -50.42
C LEU A 140 16.08 43.79 -50.95
N ALA A 141 17.01 42.89 -51.27
CA ALA A 141 18.30 43.27 -51.83
C ALA A 141 18.30 43.26 -53.35
N GLY A 142 17.19 42.90 -53.98
CA GLY A 142 17.09 42.91 -55.42
C GLY A 142 17.75 41.73 -56.10
N ASP A 143 18.09 40.67 -55.37
CA ASP A 143 18.75 39.50 -55.95
C ASP A 143 17.70 38.58 -56.57
N ASN A 144 17.15 39.03 -57.71
CA ASN A 144 16.13 38.31 -58.46
C ASN A 144 14.91 38.05 -57.60
N PRO A 145 14.09 39.06 -57.32
CA PRO A 145 12.93 38.85 -56.43
C PRO A 145 11.94 37.81 -56.95
N ALA A 146 11.83 37.64 -58.27
CA ALA A 146 10.90 36.65 -58.81
C ALA A 146 11.32 35.24 -58.43
N ALA A 147 12.60 34.92 -58.59
CA ALA A 147 13.08 33.57 -58.29
C ALA A 147 13.07 33.30 -56.79
N GLN A 148 13.42 34.32 -55.98
CA GLN A 148 13.44 34.12 -54.54
C GLN A 148 12.04 33.87 -54.00
N GLN A 149 11.06 34.65 -54.46
CA GLN A 149 9.68 34.43 -54.03
C GLN A 149 9.18 33.07 -54.48
N LYS A 150 9.67 32.56 -55.60
CA LYS A 150 9.30 31.21 -56.03
C LYS A 150 9.86 30.16 -55.08
N ALA A 151 11.15 30.27 -54.75
CA ALA A 151 11.74 29.36 -53.77
C ALA A 151 11.10 29.54 -52.40
N LEU A 152 10.81 30.79 -52.02
CA LEU A 152 10.15 31.05 -50.75
C LEU A 152 8.78 30.38 -50.69
N ALA A 153 7.99 30.52 -51.76
CA ALA A 153 6.67 29.89 -51.78
C ALA A 153 6.79 28.37 -51.76
N GLU A 154 7.72 27.82 -52.53
CA GLU A 154 7.93 26.38 -52.55
C GLU A 154 8.39 25.86 -51.19
N THR A 155 9.36 26.56 -50.58
CA THR A 155 9.86 26.15 -49.27
C THR A 155 8.74 26.14 -48.23
N ASN A 156 7.93 27.20 -48.20
CA ASN A 156 6.82 27.26 -47.24
C ASN A 156 5.81 26.14 -47.52
N ALA A 157 5.60 25.81 -48.78
CA ALA A 157 4.71 24.69 -49.11
C ALA A 157 5.30 23.37 -48.64
N LEU A 158 6.62 23.20 -48.74
CA LEU A 158 7.23 21.94 -48.34
C LEU A 158 7.26 21.80 -46.82
N CYS A 159 7.59 22.88 -46.11
CA CYS A 159 7.61 22.82 -44.65
C CYS A 159 6.22 22.61 -44.08
N THR A 160 5.21 23.27 -44.66
CA THR A 160 3.84 23.10 -44.18
C THR A 160 3.38 21.67 -44.36
N ASP A 161 3.70 21.05 -45.50
CA ASP A 161 3.28 19.68 -45.75
C ASP A 161 3.90 18.72 -44.74
N SER A 162 5.14 18.98 -44.33
CA SER A 162 5.78 18.12 -43.32
C SER A 162 5.13 18.30 -41.96
N LEU A 163 4.78 19.55 -41.61
CA LEU A 163 4.10 19.80 -40.33
C LEU A 163 2.73 19.12 -40.28
N ILE A 164 2.02 19.10 -41.40
CA ILE A 164 0.72 18.42 -41.46
C ILE A 164 0.91 16.92 -41.29
N ALA A 165 1.98 16.36 -41.85
CA ALA A 165 2.24 14.94 -41.72
C ALA A 165 2.51 14.55 -40.27
N VAL A 166 3.38 15.32 -39.60
CA VAL A 166 3.70 15.03 -38.20
C VAL A 166 2.44 15.15 -37.33
N GLU A 167 1.60 16.14 -37.62
CA GLU A 167 0.37 16.31 -36.83
C GLU A 167 -0.55 15.11 -36.98
N GLY A 168 -0.59 14.51 -38.16
CA GLY A 168 -1.40 13.30 -38.35
C GLY A 168 -0.92 12.13 -37.51
N VAL A 169 0.40 11.99 -37.36
CA VAL A 169 0.96 10.89 -36.58
C VAL A 169 0.60 11.03 -35.11
N GLU A 170 0.76 12.24 -34.57
CA GLU A 170 0.49 12.47 -33.15
C GLU A 170 -0.98 12.19 -32.83
N LYS A 171 -1.90 12.70 -33.66
CA LYS A 171 -3.32 12.50 -33.42
C LYS A 171 -3.72 11.03 -33.54
N GLY A 172 -3.04 10.26 -34.38
CA GLY A 172 -3.34 8.84 -34.51
C GLY A 172 -3.19 8.09 -33.20
N LEU A 173 -2.00 8.21 -32.59
CA LEU A 173 -1.75 7.50 -31.33
C LEU A 173 -2.49 8.14 -30.16
N LYS A 174 -2.68 9.46 -30.20
CA LYS A 174 -3.41 10.14 -29.12
C LYS A 174 -4.81 9.57 -28.96
N GLY A 175 -5.46 9.22 -30.08
CA GLY A 175 -6.75 8.55 -30.00
C GLY A 175 -6.66 7.20 -29.31
N ALA A 176 -5.64 6.42 -29.65
CA ALA A 176 -5.43 5.13 -29.00
C ALA A 176 -5.09 5.31 -27.52
N TYR A 177 -4.19 6.26 -27.23
CA TYR A 177 -3.86 6.55 -25.83
C TYR A 177 -5.08 7.01 -25.05
N LEU A 178 -5.97 7.75 -25.70
CA LEU A 178 -7.19 8.22 -25.02
C LEU A 178 -8.09 7.05 -24.64
N ALA A 179 -8.30 6.12 -25.57
CA ALA A 179 -9.18 4.99 -25.30
C ALA A 179 -8.62 4.10 -24.19
N LEU A 180 -7.35 3.73 -24.29
CA LEU A 180 -6.75 2.84 -23.30
C LEU A 180 -6.72 3.47 -21.91
N GLU A 181 -6.44 4.77 -21.84
CA GLU A 181 -6.45 5.45 -20.55
C GLU A 181 -7.85 5.46 -19.95
N ALA A 182 -8.88 5.61 -20.79
CA ALA A 182 -10.25 5.55 -20.31
C ALA A 182 -10.62 4.14 -19.87
N ILE A 183 -10.07 3.12 -20.54
CA ILE A 183 -10.34 1.73 -20.17
C ILE A 183 -9.79 1.44 -18.79
N ILE A 184 -8.53 1.84 -18.55
CA ILE A 184 -7.90 1.62 -17.25
C ILE A 184 -8.65 2.38 -16.16
N GLU A 185 -9.15 3.58 -16.48
CA GLU A 185 -9.89 4.36 -15.50
C GLU A 185 -11.19 3.66 -15.11
N ALA A 186 -11.82 2.98 -16.06
CA ALA A 186 -13.05 2.24 -15.75
C ALA A 186 -12.77 1.05 -14.85
N LEU A 187 -11.69 0.30 -15.13
CA LEU A 187 -11.35 -0.85 -14.31
C LEU A 187 -10.96 -0.45 -12.90
N GLU A 188 -10.36 0.72 -12.72
CA GLU A 188 -9.99 1.17 -11.38
C GLU A 188 -11.22 1.60 -10.59
N VAL A 189 -12.27 2.06 -11.25
CA VAL A 189 -13.50 2.43 -10.58
C VAL A 189 -14.41 1.22 -10.37
N ALA A 190 -14.50 0.34 -11.38
CA ALA A 190 -15.34 -0.85 -11.29
C ALA A 190 -14.52 -1.99 -10.68
N GLU A 191 -14.43 -1.98 -9.35
CA GLU A 191 -13.72 -3.05 -8.65
C GLU A 191 -14.63 -4.21 -8.29
N ASP A 192 -15.92 -3.97 -8.07
CA ASP A 192 -16.83 -5.03 -7.67
C ASP A 192 -17.46 -5.68 -8.90
N GLU A 193 -18.21 -6.75 -8.66
CA GLU A 193 -18.85 -7.47 -9.76
C GLU A 193 -19.94 -6.63 -10.46
N GLU A 194 -20.76 -5.94 -9.68
CA GLU A 194 -21.88 -5.17 -10.26
C GLU A 194 -21.39 -4.10 -11.23
N GLY A 195 -20.36 -3.34 -10.84
CA GLY A 195 -19.83 -2.32 -11.72
C GLY A 195 -19.19 -2.92 -12.97
N LEU A 196 -18.43 -4.00 -12.78
CA LEU A 196 -17.72 -4.61 -13.90
C LEU A 196 -18.66 -5.10 -15.00
N LYS A 197 -19.86 -5.56 -14.65
CA LYS A 197 -20.79 -6.01 -15.69
C LYS A 197 -21.27 -4.84 -16.54
N ILE A 198 -21.30 -3.64 -15.98
CA ILE A 198 -21.75 -2.47 -16.74
C ILE A 198 -20.71 -2.03 -17.74
N VAL A 199 -19.43 -2.02 -17.35
CA VAL A 199 -18.37 -1.52 -18.21
C VAL A 199 -17.80 -2.58 -19.15
N ALA A 200 -18.10 -3.86 -18.94
CA ALA A 200 -17.56 -4.92 -19.78
C ALA A 200 -17.87 -4.70 -21.25
N LYS A 201 -19.13 -4.37 -21.56
CA LYS A 201 -19.52 -4.14 -22.95
C LYS A 201 -18.77 -2.96 -23.55
N ALA A 202 -18.70 -1.85 -22.81
CA ALA A 202 -17.99 -0.68 -23.32
C ALA A 202 -16.50 -0.94 -23.44
N ILE A 203 -15.92 -1.67 -22.48
CA ILE A 203 -14.49 -1.94 -22.52
C ILE A 203 -14.14 -2.85 -23.69
N LYS A 204 -14.93 -3.90 -23.92
CA LYS A 204 -14.67 -4.82 -25.02
C LYS A 204 -14.67 -4.08 -26.35
N GLU A 205 -15.67 -3.22 -26.57
CA GLU A 205 -15.70 -2.42 -27.79
C GLU A 205 -14.54 -1.44 -27.85
N ALA A 206 -14.16 -0.86 -26.71
CA ALA A 206 -13.09 0.13 -26.69
C ALA A 206 -11.74 -0.48 -27.07
N ILE A 207 -11.45 -1.70 -26.59
CA ILE A 207 -10.18 -2.34 -26.90
C ILE A 207 -10.06 -2.60 -28.39
N LYS A 208 -11.15 -3.01 -29.03
CA LYS A 208 -11.13 -3.20 -30.48
C LYS A 208 -10.92 -1.88 -31.20
N LYS A 209 -11.68 -0.84 -30.81
CA LYS A 209 -11.53 0.47 -31.42
C LYS A 209 -10.14 1.04 -31.17
N ALA A 210 -9.55 0.75 -30.00
CA ALA A 210 -8.19 1.19 -29.72
C ALA A 210 -7.19 0.52 -30.66
N GLU A 211 -7.37 -0.78 -30.91
CA GLU A 211 -6.48 -1.48 -31.83
C GLU A 211 -6.62 -0.96 -33.25
N GLU A 212 -7.84 -0.58 -33.65
CA GLU A 212 -8.02 0.05 -34.95
C GLU A 212 -7.30 1.39 -35.01
N ALA A 213 -7.33 2.16 -33.92
CA ALA A 213 -6.64 3.45 -33.89
C ALA A 213 -5.13 3.26 -34.02
N ILE A 214 -4.58 2.23 -33.37
CA ILE A 214 -3.15 1.94 -33.49
C ILE A 214 -2.80 1.62 -34.94
N LYS A 215 -3.67 0.86 -35.61
CA LYS A 215 -3.45 0.54 -37.03
C LYS A 215 -3.48 1.80 -37.88
N LYS A 216 -4.51 2.64 -37.69
CA LYS A 216 -4.60 3.89 -38.43
C LYS A 216 -3.40 4.79 -38.18
N ALA A 217 -2.84 4.74 -36.96
CA ALA A 217 -1.65 5.52 -36.67
C ALA A 217 -0.42 4.98 -37.40
N GLU A 218 -0.24 3.65 -37.39
CA GLU A 218 0.89 3.04 -38.09
C GLU A 218 0.89 3.41 -39.58
N GLU A 219 -0.28 3.40 -40.20
CA GLU A 219 -0.38 3.85 -41.59
C GLU A 219 0.09 5.29 -41.73
N ALA A 220 -0.37 6.17 -40.83
CA ALA A 220 0.05 7.56 -40.85
C ALA A 220 1.56 7.69 -40.66
N ILE A 221 2.15 6.86 -39.79
CA ILE A 221 3.59 6.92 -39.56
C ILE A 221 4.35 6.59 -40.84
N LYS A 222 3.89 5.57 -41.58
CA LYS A 222 4.56 5.19 -42.82
C LYS A 222 4.46 6.29 -43.86
N LEU A 223 3.25 6.84 -44.05
CA LEU A 223 3.07 7.94 -45.01
C LEU A 223 3.91 9.14 -44.62
N ALA A 224 4.06 9.39 -43.32
CA ALA A 224 4.85 10.53 -42.86
C ALA A 224 6.32 10.38 -43.21
N LYS A 225 6.84 9.14 -43.15
CA LYS A 225 8.24 8.91 -43.54
C LYS A 225 8.49 9.33 -44.98
N GLU A 226 7.68 8.83 -45.91
CA GLU A 226 7.90 9.12 -47.32
C GLU A 226 7.77 10.61 -47.62
N SER A 227 6.76 11.26 -47.03
CA SER A 227 6.53 12.67 -47.31
C SER A 227 7.67 13.53 -46.77
N VAL A 228 7.94 13.42 -45.48
CA VAL A 228 8.94 14.31 -44.86
C VAL A 228 10.33 14.04 -45.41
N GLU A 229 10.68 12.76 -45.61
CA GLU A 229 12.01 12.44 -46.14
C GLU A 229 12.22 13.03 -47.52
N LYS A 230 11.23 12.89 -48.41
CA LYS A 230 11.33 13.47 -49.74
C LYS A 230 11.37 14.98 -49.70
N ASN A 231 10.50 15.60 -48.89
CA ASN A 231 10.46 17.06 -48.80
C ASN A 231 11.76 17.63 -48.28
N LEU A 232 12.42 16.92 -47.36
CA LEU A 232 13.69 17.41 -46.84
C LEU A 232 14.79 17.37 -47.90
N GLU A 233 14.67 16.46 -48.87
CA GLU A 233 15.65 16.42 -49.96
C GLU A 233 15.46 17.58 -50.93
N LYS A 234 14.20 17.91 -51.24
CA LYS A 234 13.92 19.05 -52.12
C LYS A 234 14.37 20.36 -51.49
N LEU A 235 14.24 20.49 -50.16
CA LEU A 235 14.69 21.69 -49.48
C LEU A 235 16.20 21.84 -49.52
N LYS A 236 16.94 20.74 -49.28
CA LYS A 236 18.39 20.79 -49.34
C LYS A 236 18.88 21.23 -50.71
N ALA A 237 18.24 20.75 -51.78
CA ALA A 237 18.61 21.12 -53.14
C ALA A 237 18.27 22.57 -53.45
N GLY B 1 19.12 -8.99 0.07
CA GLY B 1 20.57 -8.99 0.01
C GLY B 1 21.11 -8.35 -1.25
N SER B 2 21.21 -9.14 -2.32
CA SER B 2 21.71 -8.62 -3.59
C SER B 2 20.72 -7.65 -4.23
N HIS B 3 19.42 -7.82 -3.95
CA HIS B 3 18.43 -6.91 -4.50
C HIS B 3 18.47 -5.56 -3.83
N MET B 4 18.69 -5.55 -2.50
CA MET B 4 18.87 -4.28 -1.79
C MET B 4 20.15 -3.59 -2.24
N ASP B 5 21.17 -4.36 -2.62
CA ASP B 5 22.38 -3.75 -3.18
C ASP B 5 22.12 -3.15 -4.55
N LEU B 6 21.35 -3.86 -5.38
CA LEU B 6 20.97 -3.31 -6.68
C LEU B 6 20.11 -2.06 -6.52
N ARG B 7 19.14 -2.09 -5.60
CA ARG B 7 18.32 -0.91 -5.34
C ARG B 7 19.17 0.25 -4.82
N ALA B 8 20.04 -0.03 -3.85
CA ALA B 8 20.92 1.02 -3.33
C ALA B 8 21.84 1.56 -4.42
N GLU B 9 22.28 0.71 -5.34
CA GLU B 9 23.13 1.16 -6.44
C GLU B 9 22.35 2.09 -7.37
N LEU B 10 21.13 1.71 -7.74
CA LEU B 10 20.32 2.54 -8.63
C LEU B 10 19.96 3.86 -7.97
N LEU B 11 19.56 3.83 -6.69
CA LEU B 11 19.21 5.07 -6.00
C LEU B 11 20.38 6.03 -5.94
N LYS B 12 21.61 5.51 -5.83
CA LYS B 12 22.78 6.39 -5.80
C LYS B 12 23.02 7.02 -7.17
N ALA B 13 23.04 6.21 -8.22
CA ALA B 13 23.25 6.74 -9.57
C ALA B 13 22.11 7.69 -9.96
N LEU B 14 20.89 7.38 -9.53
CA LEU B 14 19.77 8.30 -9.77
C LEU B 14 19.99 9.62 -9.07
N LEU B 15 20.39 9.57 -7.79
CA LEU B 15 20.67 10.79 -7.04
C LEU B 15 21.75 11.63 -7.72
N LYS B 16 22.80 10.96 -8.24
CA LYS B 16 23.84 11.68 -8.96
C LYS B 16 23.27 12.36 -10.21
N ALA B 17 22.47 11.63 -10.99
CA ALA B 17 21.88 12.20 -12.19
C ALA B 17 20.96 13.38 -11.86
N VAL B 18 20.15 13.25 -10.80
CA VAL B 18 19.26 14.33 -10.42
C VAL B 18 20.06 15.54 -9.94
N GLU B 19 21.15 15.31 -9.22
CA GLU B 19 21.99 16.42 -8.76
C GLU B 19 22.57 17.18 -9.95
N GLU B 20 23.02 16.47 -10.98
CA GLU B 20 23.52 17.14 -12.18
C GLU B 20 22.43 17.96 -12.86
N PHE B 21 21.21 17.43 -12.89
CA PHE B 21 20.10 18.15 -13.52
C PHE B 21 19.84 19.49 -12.84
N LEU B 22 19.76 19.50 -11.51
CA LEU B 22 19.45 20.74 -10.80
C LEU B 22 20.56 21.78 -10.98
N LYS B 23 21.81 21.33 -11.02
CA LYS B 23 22.91 22.27 -11.26
C LYS B 23 22.85 22.85 -12.66
N ALA B 24 22.76 21.99 -13.68
CA ALA B 24 22.65 22.47 -15.06
C ALA B 24 21.42 23.35 -15.24
N ALA B 25 20.29 22.94 -14.66
CA ALA B 25 19.08 23.75 -14.76
C ALA B 25 19.27 25.11 -14.09
N GLU B 26 19.99 25.15 -12.97
CA GLU B 26 20.22 26.41 -12.27
C GLU B 26 21.09 27.35 -13.09
N GLU B 27 22.16 26.83 -13.71
CA GLU B 27 23.00 27.66 -14.57
C GLU B 27 22.19 28.25 -15.71
N ALA B 28 21.34 27.43 -16.35
CA ALA B 28 20.44 27.94 -17.39
C ALA B 28 19.56 29.05 -16.86
N ILE B 29 18.90 28.82 -15.72
CA ILE B 29 18.00 29.82 -15.14
C ILE B 29 18.75 31.12 -14.87
N LYS B 30 19.99 31.02 -14.35
CA LYS B 30 20.79 32.22 -14.12
C LYS B 30 21.01 33.00 -15.40
N GLU B 31 21.26 32.30 -16.50
CA GLU B 31 21.52 32.97 -17.77
C GLU B 31 20.24 33.46 -18.42
N LEU B 32 19.16 32.68 -18.34
CA LEU B 32 17.88 33.10 -18.93
C LEU B 32 17.37 34.37 -18.27
N LEU B 33 17.44 34.45 -16.94
CA LEU B 33 16.99 35.65 -16.24
C LEU B 33 17.90 36.84 -16.57
N GLU B 34 19.17 36.58 -16.85
CA GLU B 34 20.07 37.66 -17.25
C GLU B 34 19.70 38.18 -18.64
N LEU B 35 19.45 37.26 -19.59
CA LEU B 35 18.98 37.67 -20.90
C LEU B 35 17.61 38.34 -20.83
N LEU B 36 16.76 37.91 -19.89
CA LEU B 36 15.45 38.53 -19.74
C LEU B 36 15.57 40.01 -19.40
N LYS B 37 16.53 40.37 -18.55
CA LYS B 37 16.74 41.77 -18.22
C LYS B 37 17.05 42.58 -19.47
N LYS B 38 18.00 42.11 -20.28
CA LYS B 38 18.34 42.80 -21.53
C LYS B 38 17.15 42.83 -22.48
N ALA B 39 16.39 41.74 -22.54
CA ALA B 39 15.24 41.68 -23.43
C ALA B 39 14.15 42.68 -23.03
N LEU B 40 13.91 42.82 -21.71
CA LEU B 40 12.92 43.81 -21.27
C LEU B 40 13.35 45.23 -21.59
N GLU B 41 14.66 45.50 -21.55
CA GLU B 41 15.16 46.83 -21.90
C GLU B 41 14.96 47.12 -23.38
N VAL B 42 15.31 46.16 -24.24
CA VAL B 42 15.13 46.34 -25.68
C VAL B 42 13.67 46.60 -26.01
N LEU B 43 12.76 45.87 -25.37
CA LEU B 43 11.33 46.09 -25.62
C LEU B 43 10.90 47.45 -25.12
N LYS B 44 11.39 47.87 -23.95
CA LYS B 44 11.06 49.19 -23.42
C LYS B 44 11.55 50.29 -24.35
N LYS B 45 12.78 50.18 -24.84
CA LYS B 45 13.31 51.17 -25.78
C LYS B 45 12.48 51.21 -27.06
N LEU B 46 11.91 50.07 -27.46
CA LEU B 46 11.14 50.03 -28.71
C LEU B 46 9.80 50.73 -28.57
N ASP B 47 9.16 50.63 -27.40
CA ASP B 47 7.89 51.29 -27.15
C ASP B 47 7.85 51.77 -25.71
N PRO B 48 8.37 52.98 -25.43
CA PRO B 48 8.46 53.44 -24.04
C PRO B 48 7.15 53.99 -23.47
N LYS B 49 6.17 54.32 -24.30
CA LYS B 49 4.94 54.92 -23.83
C LYS B 49 3.77 53.94 -23.83
N SER B 50 4.03 52.65 -23.99
CA SER B 50 2.97 51.65 -23.99
C SER B 50 2.85 51.06 -22.59
N LYS B 51 1.68 51.22 -21.98
CA LYS B 51 1.44 50.59 -20.68
C LYS B 51 1.28 49.09 -20.81
N GLY B 52 0.87 48.61 -21.99
CA GLY B 52 0.85 47.18 -22.22
C GLY B 52 2.25 46.58 -22.12
N VAL B 53 3.23 47.24 -22.75
CA VAL B 53 4.62 46.80 -22.62
C VAL B 53 5.07 46.91 -21.17
N GLU B 54 4.69 48.01 -20.50
CA GLU B 54 5.06 48.18 -19.09
C GLU B 54 4.44 47.10 -18.23
N ALA B 55 3.17 46.75 -18.49
CA ALA B 55 2.53 45.66 -17.75
C ALA B 55 3.30 44.35 -17.90
N LEU B 56 3.77 44.05 -19.12
CA LEU B 56 4.55 42.85 -19.33
C LEU B 56 5.86 42.89 -18.55
N VAL B 57 6.51 44.06 -18.52
CA VAL B 57 7.76 44.21 -17.78
C VAL B 57 7.53 43.94 -16.30
N LYS B 58 6.50 44.57 -15.72
CA LYS B 58 6.17 44.31 -14.33
C LYS B 58 5.84 42.83 -14.10
N GLY B 59 5.05 42.24 -14.99
CA GLY B 59 4.74 40.83 -14.86
C GLY B 59 5.98 39.95 -14.99
N ALA B 60 6.89 40.32 -15.89
CA ALA B 60 8.11 39.55 -16.06
C ALA B 60 9.01 39.66 -14.82
N LYS B 61 9.07 40.84 -14.20
CA LYS B 61 9.84 41.00 -12.98
C LYS B 61 9.28 40.11 -11.87
N GLY B 62 7.96 40.04 -11.76
CA GLY B 62 7.34 39.15 -10.78
C GLY B 62 7.64 37.69 -11.07
N ALA B 63 7.52 37.29 -12.34
CA ALA B 63 7.82 35.91 -12.73
C ALA B 63 9.29 35.58 -12.44
N ALA B 64 10.19 36.53 -12.68
CA ALA B 64 11.60 36.30 -12.38
C ALA B 64 11.82 36.05 -10.90
N LYS B 65 11.11 36.79 -10.05
CA LYS B 65 11.20 36.59 -8.60
C LYS B 65 10.74 35.17 -8.23
N GLY B 66 9.62 34.72 -8.80
CA GLY B 66 9.12 33.40 -8.50
C GLY B 66 10.04 32.28 -8.94
N ILE B 67 10.77 32.48 -10.03
CA ILE B 67 11.70 31.44 -10.50
C ILE B 67 12.84 31.26 -9.51
N GLU B 68 13.38 32.37 -8.98
CA GLU B 68 14.45 32.26 -7.99
C GLU B 68 13.97 31.56 -6.73
N ALA B 69 12.78 31.91 -6.25
CA ALA B 69 12.24 31.24 -5.06
C ALA B 69 12.09 29.73 -5.30
N ALA B 70 11.60 29.35 -6.48
CA ALA B 70 11.40 27.94 -6.77
C ALA B 70 12.72 27.18 -6.87
N MET B 71 13.78 27.83 -7.33
CA MET B 71 15.06 27.15 -7.47
C MET B 71 15.78 26.99 -6.14
N LYS B 72 15.66 27.99 -5.26
CA LYS B 72 16.18 27.87 -3.90
C LYS B 72 15.52 26.71 -3.16
N ILE B 73 14.21 26.54 -3.32
CA ILE B 73 13.52 25.39 -2.73
C ILE B 73 14.06 24.09 -3.31
N ALA B 74 14.31 24.06 -4.62
CA ALA B 74 14.76 22.83 -5.27
C ALA B 74 16.11 22.36 -4.73
N LYS B 75 17.01 23.28 -4.40
CA LYS B 75 18.28 22.84 -3.82
C LYS B 75 18.09 22.30 -2.40
N ALA B 76 17.26 22.97 -1.60
CA ALA B 76 17.02 22.50 -0.24
C ALA B 76 16.39 21.11 -0.24
N VAL B 77 15.40 20.90 -1.11
CA VAL B 77 14.78 19.57 -1.23
C VAL B 77 15.81 18.54 -1.70
N LEU B 78 16.75 18.96 -2.55
CA LEU B 78 17.80 18.06 -3.00
C LEU B 78 18.64 17.59 -1.81
N GLU B 79 18.90 18.46 -0.84
CA GLU B 79 19.62 18.07 0.36
C GLU B 79 18.82 17.07 1.18
N VAL B 80 17.52 17.35 1.38
CA VAL B 80 16.64 16.40 2.04
C VAL B 80 16.59 15.08 1.26
N ALA B 81 16.62 15.16 -0.07
CA ALA B 81 16.59 13.95 -0.88
C ALA B 81 17.84 13.10 -0.64
N LYS B 82 19.00 13.74 -0.49
CA LYS B 82 20.23 12.99 -0.24
C LYS B 82 20.15 12.21 1.08
N ILE B 83 19.63 12.85 2.13
CA ILE B 83 19.53 12.19 3.43
C ILE B 83 18.58 11.00 3.36
N LYS B 84 17.42 11.19 2.73
CA LYS B 84 16.46 10.10 2.61
C LYS B 84 17.02 8.94 1.80
N VAL B 85 17.90 9.23 0.82
CA VAL B 85 18.55 8.17 0.08
C VAL B 85 19.49 7.38 0.98
N GLU B 86 20.30 8.10 1.77
CA GLU B 86 21.19 7.45 2.73
C GLU B 86 20.40 6.59 3.71
N LYS B 87 19.28 7.10 4.23
CA LYS B 87 18.46 6.34 5.16
C LYS B 87 17.82 5.12 4.49
N ALA B 88 17.49 5.23 3.21
CA ALA B 88 16.95 4.08 2.49
C ALA B 88 18.00 3.02 2.25
N ILE B 89 19.26 3.44 2.04
CA ILE B 89 20.35 2.47 1.90
C ILE B 89 20.58 1.73 3.21
N ALA B 90 20.42 2.42 4.33
CA ALA B 90 20.57 1.79 5.64
C ALA B 90 19.30 1.08 6.10
N GLY B 91 18.25 1.08 5.28
CA GLY B 91 17.02 0.38 5.61
C GLY B 91 16.18 1.04 6.67
N GLU B 92 16.48 2.28 7.05
CA GLU B 92 15.72 2.95 8.10
C GLU B 92 14.42 3.54 7.60
N VAL B 93 14.39 4.03 6.35
CA VAL B 93 13.21 4.68 5.79
C VAL B 93 12.81 3.96 4.51
N ASP B 94 11.51 3.93 4.25
CA ASP B 94 10.99 3.32 3.02
C ASP B 94 11.57 4.03 1.80
N PRO B 95 12.08 3.29 0.81
CA PRO B 95 12.63 3.96 -0.38
C PRO B 95 11.61 4.80 -1.14
N GLU B 96 10.31 4.51 -0.99
CA GLU B 96 9.30 5.32 -1.68
C GLU B 96 9.28 6.75 -1.16
N GLU B 97 9.57 6.94 0.13
CA GLU B 97 9.68 8.29 0.66
C GLU B 97 10.83 9.06 0.02
N ALA B 98 11.91 8.36 -0.31
CA ALA B 98 13.05 9.01 -0.97
C ALA B 98 12.73 9.35 -2.42
N LEU B 99 12.02 8.45 -3.12
CA LEU B 99 11.67 8.71 -4.51
C LEU B 99 10.77 9.94 -4.64
N ARG B 100 9.78 10.08 -3.76
CA ARG B 100 8.93 11.26 -3.82
C ARG B 100 9.74 12.54 -3.56
N ALA B 101 10.78 12.45 -2.73
CA ALA B 101 11.63 13.62 -2.49
C ALA B 101 12.47 13.94 -3.72
N LEU B 102 13.07 12.92 -4.34
CA LEU B 102 13.83 13.14 -5.56
C LEU B 102 12.95 13.69 -6.67
N ARG B 103 11.76 13.11 -6.85
CA ARG B 103 10.84 13.60 -7.86
C ARG B 103 10.41 15.04 -7.56
N ALA B 104 10.17 15.34 -6.28
CA ALA B 104 9.77 16.70 -5.91
C ALA B 104 10.85 17.71 -6.29
N ALA B 105 12.09 17.46 -5.87
CA ALA B 105 13.19 18.33 -6.25
C ALA B 105 13.33 18.44 -7.76
N LEU B 106 13.13 17.32 -8.47
CA LEU B 106 13.22 17.32 -9.92
C LEU B 106 12.11 18.16 -10.54
N GLU B 107 10.86 17.93 -10.12
CA GLU B 107 9.73 18.62 -10.73
C GLU B 107 9.74 20.10 -10.40
N ILE B 108 10.13 20.46 -9.18
CA ILE B 108 10.15 21.87 -8.78
C ILE B 108 11.16 22.65 -9.60
N ALA B 109 12.34 22.08 -9.83
CA ALA B 109 13.38 22.78 -10.58
C ALA B 109 12.97 22.99 -12.04
N PHE B 110 12.55 21.93 -12.71
CA PHE B 110 12.15 22.03 -14.12
C PHE B 110 10.98 22.98 -14.32
N ALA B 111 10.06 23.04 -13.35
CA ALA B 111 8.93 23.97 -13.45
C ALA B 111 9.40 25.41 -13.55
N ALA B 112 10.34 25.80 -12.67
CA ALA B 112 10.89 27.15 -12.75
C ALA B 112 11.67 27.35 -14.05
N PHE B 113 12.40 26.32 -14.50
CA PHE B 113 13.16 26.43 -15.73
C PHE B 113 12.24 26.63 -16.93
N GLU B 114 11.19 25.81 -17.05
CA GLU B 114 10.29 25.92 -18.19
C GLU B 114 9.58 27.26 -18.21
N LEU B 115 9.29 27.83 -17.04
CA LEU B 115 8.69 29.16 -17.00
C LEU B 115 9.67 30.22 -17.48
N ALA B 116 10.95 30.07 -17.14
CA ALA B 116 11.96 31.01 -17.61
C ALA B 116 12.05 31.02 -19.13
N CYS B 117 12.04 29.83 -19.74
CA CYS B 117 12.06 29.75 -21.19
C CYS B 117 10.83 30.41 -21.80
N GLU B 118 9.67 30.28 -21.15
CA GLU B 118 8.45 30.86 -21.68
C GLU B 118 8.49 32.38 -21.60
N VAL B 119 8.93 32.93 -20.47
CA VAL B 119 8.97 34.38 -20.31
C VAL B 119 9.90 35.01 -21.35
N LEU B 120 11.09 34.44 -21.53
CA LEU B 120 12.01 34.97 -22.53
C LEU B 120 11.45 34.82 -23.93
N LYS B 121 10.87 33.65 -24.24
CA LYS B 121 10.24 33.45 -25.54
C LYS B 121 9.12 34.46 -25.78
N LYS B 122 8.25 34.64 -24.79
CA LYS B 122 7.16 35.60 -24.93
C LYS B 122 7.70 37.02 -25.09
N THR B 123 8.80 37.33 -24.41
CA THR B 123 9.38 38.67 -24.53
C THR B 123 9.97 38.89 -25.92
N LEU B 124 10.72 37.90 -26.42
CA LEU B 124 11.26 37.99 -27.77
C LEU B 124 10.14 38.09 -28.81
N GLU B 125 9.07 37.32 -28.62
CA GLU B 125 7.94 37.40 -29.55
C GLU B 125 7.25 38.76 -29.48
N ALA B 126 7.26 39.40 -28.32
CA ALA B 126 6.67 40.74 -28.20
C ALA B 126 7.50 41.76 -28.96
N ILE B 127 8.83 41.71 -28.82
CA ILE B 127 9.71 42.60 -29.56
C ILE B 127 9.48 42.47 -31.06
N LYS B 128 9.33 41.22 -31.53
CA LYS B 128 9.07 40.99 -32.95
C LYS B 128 7.73 41.57 -33.38
N ALA B 129 6.69 41.36 -32.57
CA ALA B 129 5.36 41.86 -32.93
C ALA B 129 5.29 43.38 -32.84
N VAL B 130 5.93 43.96 -31.83
CA VAL B 130 5.92 45.42 -31.69
C VAL B 130 6.69 46.07 -32.82
N ALA B 131 7.84 45.51 -33.20
CA ALA B 131 8.61 46.04 -34.31
C ALA B 131 7.83 45.97 -35.61
N ASP B 132 7.12 44.86 -35.84
CA ASP B 132 6.27 44.73 -37.02
C ASP B 132 5.24 45.84 -37.08
N ASP B 133 4.72 46.27 -35.92
CA ASP B 133 3.72 47.32 -35.88
C ASP B 133 4.32 48.70 -36.05
N LYS B 134 5.61 48.87 -35.72
CA LYS B 134 6.25 50.17 -35.85
C LYS B 134 6.67 50.43 -37.30
N TYR B 135 7.35 49.47 -37.92
CA TYR B 135 7.84 49.66 -39.28
C TYR B 135 6.69 49.69 -40.29
N THR B 136 5.75 48.75 -40.18
CA THR B 136 4.62 48.72 -41.11
C THR B 136 3.83 50.01 -41.06
N ALA B 137 3.65 50.59 -39.88
CA ALA B 137 2.98 51.88 -39.77
C ALA B 137 3.76 52.98 -40.48
N ALA B 138 5.09 52.89 -40.47
CA ALA B 138 5.92 53.87 -41.16
C ALA B 138 5.95 53.62 -42.67
N ILE B 139 5.97 52.35 -43.08
CA ILE B 139 5.95 52.01 -44.50
C ILE B 139 4.69 52.57 -45.14
N LEU B 140 3.54 52.36 -44.51
CA LEU B 140 2.28 52.88 -45.05
C LEU B 140 2.20 54.39 -44.96
N ALA B 141 3.03 55.02 -44.13
CA ALA B 141 3.05 56.47 -44.01
C ALA B 141 4.05 57.14 -44.94
N GLY B 142 4.78 56.35 -45.74
CA GLY B 142 5.74 56.91 -46.68
C GLY B 142 7.06 57.35 -46.08
N ASP B 143 7.37 56.96 -44.85
CA ASP B 143 8.61 57.37 -44.18
C ASP B 143 9.75 56.46 -44.60
N ASN B 144 10.19 56.64 -45.86
CA ASN B 144 11.27 55.87 -46.47
C ASN B 144 10.98 54.37 -46.41
N PRO B 145 10.05 53.87 -47.22
CA PRO B 145 9.70 52.44 -47.13
C PRO B 145 10.86 51.50 -47.40
N ALA B 146 11.85 51.92 -48.20
CA ALA B 146 12.98 51.05 -48.49
C ALA B 146 13.79 50.74 -47.24
N ALA B 147 14.10 51.76 -46.44
CA ALA B 147 14.89 51.55 -45.23
C ALA B 147 14.08 50.83 -44.16
N GLN B 148 12.79 51.15 -44.06
CA GLN B 148 11.95 50.52 -43.04
C GLN B 148 11.78 49.03 -43.30
N GLN B 149 11.55 48.64 -44.56
CA GLN B 149 11.38 47.23 -44.89
C GLN B 149 12.64 46.43 -44.57
N LYS B 150 13.82 47.02 -44.73
CA LYS B 150 15.06 46.34 -44.38
C LYS B 150 15.20 46.20 -42.87
N ALA B 151 14.93 47.27 -42.13
CA ALA B 151 15.00 47.21 -40.67
C ALA B 151 13.98 46.20 -40.13
N LEU B 152 12.80 46.14 -40.75
CA LEU B 152 11.81 45.15 -40.35
C LEU B 152 12.34 43.74 -40.55
N ALA B 153 12.96 43.49 -41.71
CA ALA B 153 13.53 42.18 -41.98
C ALA B 153 14.70 41.86 -41.04
N GLU B 154 15.56 42.85 -40.78
CA GLU B 154 16.69 42.63 -39.89
C GLU B 154 16.23 42.29 -38.47
N THR B 155 15.27 43.05 -37.96
CA THR B 155 14.74 42.79 -36.62
C THR B 155 14.15 41.39 -36.53
N ASN B 156 13.34 41.01 -37.50
CA ASN B 156 12.75 39.67 -37.51
C ASN B 156 13.82 38.59 -37.61
N ALA B 157 14.90 38.85 -38.37
CA ALA B 157 15.99 37.89 -38.46
C ALA B 157 16.69 37.72 -37.12
N LEU B 158 16.85 38.80 -36.37
CA LEU B 158 17.52 38.71 -35.07
C LEU B 158 16.63 38.04 -34.03
N CYS B 159 15.33 38.37 -34.02
CA CYS B 159 14.42 37.75 -33.07
C CYS B 159 14.24 36.26 -33.35
N THR B 160 14.15 35.89 -34.62
CA THR B 160 13.95 34.48 -34.97
C THR B 160 15.12 33.62 -34.52
N ASP B 161 16.35 34.08 -34.73
CA ASP B 161 17.51 33.29 -34.33
C ASP B 161 17.57 33.11 -32.82
N SER B 162 17.14 34.13 -32.07
CA SER B 162 17.12 34.01 -30.62
C SER B 162 16.03 33.05 -30.15
N LEU B 163 14.87 33.07 -30.80
CA LEU B 163 13.81 32.12 -30.45
C LEU B 163 14.24 30.69 -30.72
N ILE B 164 15.01 30.47 -31.78
CA ILE B 164 15.53 29.14 -32.06
C ILE B 164 16.52 28.73 -30.99
N ALA B 165 17.32 29.69 -30.50
CA ALA B 165 18.29 29.39 -29.45
C ALA B 165 17.60 28.99 -28.15
N VAL B 166 16.59 29.78 -27.74
CA VAL B 166 15.88 29.46 -26.50
C VAL B 166 15.17 28.12 -26.62
N GLU B 167 14.61 27.82 -27.79
CA GLU B 167 13.92 26.54 -27.96
C GLU B 167 14.87 25.37 -27.82
N GLY B 168 16.14 25.55 -28.23
CA GLY B 168 17.12 24.50 -28.02
C GLY B 168 17.35 24.22 -26.55
N VAL B 169 17.30 25.27 -25.72
CA VAL B 169 17.49 25.10 -24.28
C VAL B 169 16.33 24.31 -23.68
N GLU B 170 15.10 24.65 -24.04
CA GLU B 170 13.94 23.94 -23.51
C GLU B 170 13.98 22.47 -23.88
N LYS B 171 14.23 22.16 -25.15
CA LYS B 171 14.24 20.77 -25.59
C LYS B 171 15.39 20.01 -24.96
N GLY B 172 16.51 20.66 -24.72
CA GLY B 172 17.65 20.01 -24.09
C GLY B 172 17.36 19.45 -22.71
N LEU B 173 16.88 20.31 -21.81
CA LEU B 173 16.62 19.85 -20.44
C LEU B 173 15.35 19.00 -20.36
N LYS B 174 14.33 19.32 -21.17
CA LYS B 174 13.12 18.52 -21.16
C LYS B 174 13.41 17.07 -21.55
N GLY B 175 14.34 16.88 -22.49
CA GLY B 175 14.76 15.52 -22.81
C GLY B 175 15.39 14.82 -21.62
N ALA B 176 16.26 15.53 -20.90
CA ALA B 176 16.84 14.98 -19.69
C ALA B 176 15.78 14.76 -18.62
N TYR B 177 14.87 15.73 -18.45
CA TYR B 177 13.77 15.57 -17.49
C TYR B 177 12.92 14.36 -17.84
N LEU B 178 12.74 14.07 -19.13
CA LEU B 178 11.95 12.92 -19.55
C LEU B 178 12.59 11.61 -19.09
N ALA B 179 13.91 11.49 -19.29
CA ALA B 179 14.61 10.28 -18.89
C ALA B 179 14.57 10.09 -17.38
N LEU B 180 14.90 11.14 -16.62
CA LEU B 180 14.91 11.04 -15.17
C LEU B 180 13.52 10.73 -14.62
N GLU B 181 12.48 11.35 -15.20
CA GLU B 181 11.12 11.08 -14.75
C GLU B 181 10.72 9.62 -15.04
N ALA B 182 11.18 9.08 -16.17
CA ALA B 182 10.90 7.68 -16.48
C ALA B 182 11.62 6.73 -15.53
N ILE B 183 12.83 7.10 -15.09
CA ILE B 183 13.57 6.27 -14.14
C ILE B 183 12.84 6.21 -12.81
N ILE B 184 12.41 7.35 -12.29
CA ILE B 184 11.70 7.39 -11.02
C ILE B 184 10.40 6.58 -11.10
N GLU B 185 9.70 6.66 -12.24
CA GLU B 185 8.47 5.89 -12.40
C GLU B 185 8.74 4.39 -12.44
N ALA B 186 9.87 3.98 -13.00
CA ALA B 186 10.20 2.55 -13.03
C ALA B 186 10.49 2.02 -11.64
N LEU B 187 11.22 2.78 -10.82
CA LEU B 187 11.53 2.33 -9.47
C LEU B 187 10.29 2.18 -8.60
N GLU B 188 9.28 3.02 -8.82
CA GLU B 188 8.05 2.90 -8.03
C GLU B 188 7.23 1.68 -8.45
N VAL B 189 7.37 1.24 -9.70
CA VAL B 189 6.64 0.04 -10.14
C VAL B 189 7.42 -1.22 -9.79
N ALA B 190 8.74 -1.19 -9.91
CA ALA B 190 9.58 -2.35 -9.61
C ALA B 190 9.92 -2.35 -8.12
N GLU B 191 8.96 -2.84 -7.31
CA GLU B 191 9.14 -2.93 -5.87
C GLU B 191 9.76 -4.25 -5.41
N ASP B 192 9.50 -5.35 -6.13
CA ASP B 192 10.00 -6.64 -5.72
C ASP B 192 11.36 -6.93 -6.34
N GLU B 193 11.94 -8.07 -5.94
CA GLU B 193 13.25 -8.44 -6.47
C GLU B 193 13.18 -8.75 -7.96
N GLU B 194 12.14 -9.44 -8.41
CA GLU B 194 12.02 -9.78 -9.83
C GLU B 194 11.91 -8.51 -10.68
N GLY B 195 11.07 -7.57 -10.25
CA GLY B 195 10.91 -6.33 -11.01
C GLY B 195 12.16 -5.49 -11.05
N LEU B 196 12.86 -5.38 -9.92
CA LEU B 196 14.07 -4.56 -9.85
C LEU B 196 15.13 -5.07 -10.82
N LYS B 197 15.20 -6.39 -11.02
CA LYS B 197 16.18 -6.96 -11.94
C LYS B 197 15.84 -6.60 -13.39
N ILE B 198 14.56 -6.39 -13.68
CA ILE B 198 14.14 -6.03 -15.04
C ILE B 198 14.50 -4.58 -15.35
N VAL B 199 14.32 -3.68 -14.39
CA VAL B 199 14.55 -2.26 -14.66
C VAL B 199 16.01 -1.87 -14.50
N ALA B 200 16.83 -2.71 -13.88
CA ALA B 200 18.24 -2.38 -13.68
C ALA B 200 18.94 -2.08 -15.00
N LYS B 201 18.72 -2.94 -16.00
CA LYS B 201 19.35 -2.77 -17.30
C LYS B 201 18.90 -1.47 -17.97
N ALA B 202 17.60 -1.21 -18.01
CA ALA B 202 17.09 0.00 -18.64
C ALA B 202 17.49 1.25 -17.87
N ILE B 203 17.46 1.19 -16.54
CA ILE B 203 17.78 2.37 -15.74
C ILE B 203 19.25 2.76 -15.86
N LYS B 204 20.15 1.78 -15.78
CA LYS B 204 21.57 2.06 -15.89
C LYS B 204 21.91 2.74 -17.22
N GLU B 205 21.37 2.21 -18.31
CA GLU B 205 21.57 2.83 -19.61
C GLU B 205 20.93 4.21 -19.68
N ALA B 206 19.77 4.38 -19.05
CA ALA B 206 19.07 5.66 -19.09
C ALA B 206 19.85 6.76 -18.38
N ILE B 207 20.49 6.44 -17.25
CA ILE B 207 21.23 7.45 -16.50
C ILE B 207 22.40 7.99 -17.32
N LYS B 208 23.07 7.11 -18.08
CA LYS B 208 24.12 7.58 -18.97
C LYS B 208 23.55 8.47 -20.06
N LYS B 209 22.48 8.03 -20.71
CA LYS B 209 21.85 8.86 -21.74
C LYS B 209 21.31 10.16 -21.18
N ALA B 210 20.82 10.13 -19.93
CA ALA B 210 20.34 11.36 -19.31
C ALA B 210 21.48 12.34 -19.07
N GLU B 211 22.63 11.85 -18.59
CA GLU B 211 23.78 12.74 -18.40
C GLU B 211 24.33 13.23 -19.73
N GLU B 212 24.25 12.41 -20.78
CA GLU B 212 24.63 12.89 -22.11
C GLU B 212 23.75 14.04 -22.55
N ALA B 213 22.45 13.97 -22.25
CA ALA B 213 21.55 15.06 -22.59
C ALA B 213 21.91 16.33 -21.83
N ILE B 214 22.29 16.20 -20.56
CA ILE B 214 22.72 17.35 -19.78
C ILE B 214 23.96 17.99 -20.40
N LYS B 215 24.90 17.17 -20.88
CA LYS B 215 26.10 17.70 -21.52
C LYS B 215 25.74 18.48 -22.77
N LYS B 216 24.96 17.88 -23.66
CA LYS B 216 24.51 18.57 -24.87
C LYS B 216 23.68 19.80 -24.53
N ALA B 217 22.94 19.76 -23.42
CA ALA B 217 22.18 20.95 -23.00
C ALA B 217 23.10 22.06 -22.53
N GLU B 218 24.13 21.72 -21.72
CA GLU B 218 25.08 22.72 -21.26
C GLU B 218 25.78 23.40 -22.44
N GLU B 219 26.14 22.63 -23.47
CA GLU B 219 26.69 23.22 -24.69
C GLU B 219 25.70 24.20 -25.31
N ALA B 220 24.44 23.80 -25.41
CA ALA B 220 23.41 24.68 -25.95
C ALA B 220 23.26 25.95 -25.11
N ILE B 221 23.34 25.81 -23.79
CA ILE B 221 23.21 26.98 -22.91
C ILE B 221 24.32 27.99 -23.20
N LYS B 222 25.55 27.51 -23.41
CA LYS B 222 26.65 28.41 -23.71
C LYS B 222 26.45 29.11 -25.05
N LEU B 223 26.12 28.35 -26.09
CA LEU B 223 25.87 28.95 -27.40
C LEU B 223 24.67 29.90 -27.36
N ALA B 224 23.65 29.56 -26.59
CA ALA B 224 22.47 30.41 -26.51
C ALA B 224 22.78 31.75 -25.87
N LYS B 225 23.64 31.77 -24.85
CA LYS B 225 24.02 33.02 -24.21
C LYS B 225 24.64 33.99 -25.21
N GLU B 226 25.67 33.53 -25.93
CA GLU B 226 26.34 34.40 -26.89
C GLU B 226 25.39 34.85 -27.99
N SER B 227 24.56 33.94 -28.49
CA SER B 227 23.65 34.27 -29.59
C SER B 227 22.63 35.32 -29.18
N VAL B 228 21.87 35.06 -28.12
CA VAL B 228 20.80 35.98 -27.72
C VAL B 228 21.38 37.31 -27.26
N GLU B 229 22.47 37.28 -26.50
CA GLU B 229 23.09 38.52 -26.03
C GLU B 229 23.54 39.38 -27.21
N LYS B 230 24.20 38.77 -28.19
CA LYS B 230 24.66 39.50 -29.37
C LYS B 230 23.49 40.08 -30.15
N ASN B 231 22.43 39.29 -30.37
CA ASN B 231 21.27 39.79 -31.10
C ASN B 231 20.58 40.92 -30.34
N LEU B 232 20.54 40.83 -29.00
CA LEU B 232 19.87 41.86 -28.22
C LEU B 232 20.61 43.20 -28.23
N GLU B 233 21.94 43.18 -28.33
CA GLU B 233 22.68 44.44 -28.39
C GLU B 233 22.53 45.11 -29.75
N LYS B 234 22.50 44.33 -30.83
CA LYS B 234 22.29 44.90 -32.16
C LYS B 234 20.96 45.63 -32.24
N LEU B 235 19.92 45.08 -31.60
CA LEU B 235 18.63 45.76 -31.55
C LEU B 235 18.70 47.03 -30.71
N LYS B 236 19.39 46.96 -29.56
CA LYS B 236 19.55 48.13 -28.70
C LYS B 236 20.24 49.28 -29.44
N ALA B 237 21.24 48.97 -30.25
CA ALA B 237 21.94 49.99 -31.02
C ALA B 237 21.06 50.56 -32.12
N GLY C 1 30.63 2.23 43.43
CA GLY C 1 31.58 2.73 42.44
C GLY C 1 31.58 1.93 41.15
N SER C 2 32.13 0.71 41.20
CA SER C 2 32.15 -0.15 40.04
C SER C 2 30.78 -0.70 39.68
N HIS C 3 29.76 -0.44 40.51
CA HIS C 3 28.42 -0.91 40.22
C HIS C 3 27.84 -0.20 39.00
N MET C 4 28.31 1.00 38.68
CA MET C 4 27.75 1.79 37.59
C MET C 4 28.35 1.44 36.24
N ASP C 5 29.65 1.13 36.18
CA ASP C 5 30.26 0.80 34.89
C ASP C 5 29.81 -0.57 34.39
N LEU C 6 29.69 -1.54 35.29
CA LEU C 6 29.21 -2.86 34.90
C LEU C 6 27.78 -2.80 34.37
N ARG C 7 26.91 -2.02 35.01
CA ARG C 7 25.55 -1.84 34.48
C ARG C 7 25.58 -1.20 33.10
N ALA C 8 26.36 -0.12 32.95
CA ALA C 8 26.48 0.52 31.65
C ALA C 8 27.10 -0.42 30.62
N GLU C 9 28.02 -1.28 31.06
CA GLU C 9 28.62 -2.24 30.13
C GLU C 9 27.60 -3.26 29.64
N LEU C 10 26.82 -3.83 30.56
CA LEU C 10 25.82 -4.82 30.17
C LEU C 10 24.71 -4.19 29.32
N LEU C 11 24.24 -3.00 29.72
CA LEU C 11 23.20 -2.33 28.96
C LEU C 11 23.63 -2.04 27.52
N LYS C 12 24.92 -1.75 27.32
CA LYS C 12 25.41 -1.49 25.96
C LYS C 12 25.45 -2.77 25.13
N ALA C 13 26.08 -3.84 25.67
CA ALA C 13 26.16 -5.10 24.94
C ALA C 13 24.77 -5.67 24.68
N LEU C 14 23.85 -5.52 25.64
CA LEU C 14 22.47 -5.96 25.42
C LEU C 14 21.82 -5.18 24.29
N LEU C 15 21.99 -3.86 24.30
CA LEU C 15 21.44 -3.03 23.24
C LEU C 15 21.98 -3.45 21.88
N LYS C 16 23.27 -3.76 21.80
CA LYS C 16 23.83 -4.26 20.55
C LYS C 16 23.17 -5.57 20.12
N ALA C 17 23.03 -6.50 21.07
CA ALA C 17 22.39 -7.78 20.75
C ALA C 17 20.96 -7.59 20.29
N VAL C 18 20.21 -6.70 20.96
CA VAL C 18 18.82 -6.45 20.55
C VAL C 18 18.77 -5.82 19.17
N GLU C 19 19.71 -4.92 18.87
CA GLU C 19 19.75 -4.30 17.55
C GLU C 19 19.97 -5.34 16.44
N GLU C 20 20.88 -6.30 16.68
CA GLU C 20 21.11 -7.35 15.68
C GLU C 20 19.87 -8.22 15.51
N PHE C 21 19.17 -8.52 16.61
CA PHE C 21 17.97 -9.35 16.52
C PHE C 21 16.92 -8.70 15.62
N LEU C 22 16.66 -7.41 15.82
CA LEU C 22 15.66 -6.73 14.99
C LEU C 22 16.08 -6.66 13.53
N LYS C 23 17.38 -6.54 13.26
CA LYS C 23 17.85 -6.55 11.87
C LYS C 23 17.57 -7.89 11.20
N ALA C 24 18.02 -8.98 11.83
CA ALA C 24 17.77 -10.31 11.30
C ALA C 24 16.28 -10.60 11.18
N ALA C 25 15.50 -10.20 12.18
CA ALA C 25 14.05 -10.44 12.15
C ALA C 25 13.40 -9.77 10.96
N GLU C 26 13.84 -8.55 10.62
CA GLU C 26 13.26 -7.85 9.47
C GLU C 26 13.61 -8.54 8.17
N GLU C 27 14.89 -8.91 8.00
CA GLU C 27 15.30 -9.62 6.79
C GLU C 27 14.51 -10.91 6.61
N ALA C 28 14.34 -11.67 7.69
CA ALA C 28 13.50 -12.86 7.64
C ALA C 28 12.10 -12.51 7.18
N ILE C 29 11.48 -11.50 7.80
CA ILE C 29 10.13 -11.11 7.44
C ILE C 29 10.05 -10.71 5.97
N LYS C 30 11.07 -9.99 5.48
CA LYS C 30 11.09 -9.61 4.06
C LYS C 30 11.05 -10.84 3.16
N GLU C 31 11.82 -11.88 3.51
CA GLU C 31 11.87 -13.07 2.67
C GLU C 31 10.66 -13.97 2.89
N LEU C 32 10.21 -14.11 4.14
CA LEU C 32 9.03 -14.92 4.42
C LEU C 32 7.79 -14.37 3.73
N LEU C 33 7.61 -13.05 3.76
CA LEU C 33 6.45 -12.45 3.10
C LEU C 33 6.53 -12.60 1.58
N GLU C 34 7.74 -12.64 1.02
CA GLU C 34 7.87 -12.88 -0.41
C GLU C 34 7.52 -14.33 -0.75
N LEU C 35 8.01 -15.28 0.05
CA LEU C 35 7.64 -16.68 -0.16
C LEU C 35 6.13 -16.89 0.02
N LEU C 36 5.50 -16.13 0.91
CA LEU C 36 4.06 -16.25 1.09
C LEU C 36 3.33 -15.92 -0.19
N LYS C 37 3.76 -14.88 -0.90
CA LYS C 37 3.17 -14.54 -2.19
C LYS C 37 3.32 -15.70 -3.17
N LYS C 38 4.53 -16.23 -3.28
CA LYS C 38 4.78 -17.37 -4.17
C LYS C 38 3.98 -18.59 -3.76
N ALA C 39 3.84 -18.82 -2.44
CA ALA C 39 3.05 -19.95 -1.97
C ALA C 39 1.58 -19.78 -2.33
N LEU C 40 1.06 -18.56 -2.21
CA LEU C 40 -0.32 -18.30 -2.60
C LEU C 40 -0.52 -18.52 -4.09
N GLU C 41 0.54 -18.33 -4.88
CA GLU C 41 0.45 -18.58 -6.31
C GLU C 41 0.15 -20.04 -6.61
N VAL C 42 0.91 -20.95 -5.99
CA VAL C 42 0.69 -22.37 -6.19
C VAL C 42 -0.71 -22.78 -5.72
N LEU C 43 -1.16 -22.22 -4.58
CA LEU C 43 -2.45 -22.62 -4.02
C LEU C 43 -3.61 -22.22 -4.91
N LYS C 44 -3.62 -20.97 -5.41
CA LYS C 44 -4.72 -20.56 -6.28
C LYS C 44 -4.73 -21.32 -7.59
N LYS C 45 -3.57 -21.51 -8.23
CA LYS C 45 -3.53 -22.30 -9.46
C LYS C 45 -4.02 -23.73 -9.22
N LEU C 46 -3.82 -24.24 -8.00
CA LEU C 46 -4.24 -25.61 -7.70
C LEU C 46 -5.76 -25.71 -7.57
N ASP C 47 -6.42 -24.66 -7.06
CA ASP C 47 -7.87 -24.63 -6.91
C ASP C 47 -8.36 -23.23 -7.23
N PRO C 48 -8.64 -22.94 -8.51
CA PRO C 48 -8.99 -21.57 -8.88
C PRO C 48 -10.43 -21.17 -8.59
N LYS C 49 -11.32 -22.13 -8.37
CA LYS C 49 -12.73 -21.82 -8.14
C LYS C 49 -13.13 -21.97 -6.68
N SER C 50 -12.17 -22.10 -5.76
CA SER C 50 -12.47 -22.29 -4.36
C SER C 50 -12.46 -20.94 -3.65
N LYS C 51 -13.61 -20.57 -3.08
CA LYS C 51 -13.67 -19.35 -2.27
C LYS C 51 -12.96 -19.53 -0.95
N GLY C 52 -12.86 -20.77 -0.45
CA GLY C 52 -12.06 -21.02 0.73
C GLY C 52 -10.60 -20.65 0.53
N VAL C 53 -10.04 -21.06 -0.61
CA VAL C 53 -8.67 -20.68 -0.94
C VAL C 53 -8.55 -19.17 -1.08
N GLU C 54 -9.54 -18.54 -1.73
CA GLU C 54 -9.52 -17.08 -1.88
C GLU C 54 -9.62 -16.39 -0.53
N ALA C 55 -10.48 -16.89 0.35
CA ALA C 55 -10.60 -16.34 1.70
C ALA C 55 -9.27 -16.38 2.45
N LEU C 56 -8.54 -17.49 2.31
CA LEU C 56 -7.23 -17.58 2.96
C LEU C 56 -6.26 -16.55 2.40
N VAL C 57 -6.28 -16.36 1.08
CA VAL C 57 -5.40 -15.37 0.46
C VAL C 57 -5.70 -13.97 0.99
N LYS C 58 -6.99 -13.61 1.04
CA LYS C 58 -7.36 -12.33 1.63
C LYS C 58 -6.88 -12.25 3.07
N GLY C 59 -7.11 -13.31 3.84
CA GLY C 59 -6.62 -13.34 5.22
C GLY C 59 -5.11 -13.29 5.30
N ALA C 60 -4.42 -13.98 4.38
CA ALA C 60 -2.96 -13.97 4.38
C ALA C 60 -2.41 -12.60 4.01
N LYS C 61 -3.03 -11.93 3.05
CA LYS C 61 -2.62 -10.57 2.71
C LYS C 61 -2.86 -9.63 3.88
N GLY C 62 -3.98 -9.79 4.58
CA GLY C 62 -4.22 -8.98 5.76
C GLY C 62 -3.19 -9.21 6.84
N ALA C 63 -2.85 -10.47 7.10
CA ALA C 63 -1.80 -10.78 8.07
C ALA C 63 -0.47 -10.17 7.67
N ALA C 64 -0.16 -10.17 6.37
CA ALA C 64 1.09 -9.57 5.91
C ALA C 64 1.15 -8.08 6.23
N LYS C 65 0.02 -7.38 6.07
CA LYS C 65 -0.02 -5.96 6.42
C LYS C 65 0.26 -5.76 7.90
N GLY C 66 -0.36 -6.58 8.77
CA GLY C 66 -0.12 -6.45 10.19
C GLY C 66 1.30 -6.74 10.59
N ILE C 67 1.96 -7.65 9.89
CA ILE C 67 3.36 -7.95 10.19
C ILE C 67 4.24 -6.76 9.81
N GLU C 68 3.99 -6.17 8.65
CA GLU C 68 4.77 -5.02 8.21
C GLU C 68 4.57 -3.83 9.14
N ALA C 69 3.32 -3.54 9.49
CA ALA C 69 3.04 -2.45 10.42
C ALA C 69 3.67 -2.68 11.78
N ALA C 70 3.59 -3.92 12.29
CA ALA C 70 4.12 -4.22 13.61
C ALA C 70 5.64 -4.06 13.67
N MET C 71 6.33 -4.36 12.58
CA MET C 71 7.78 -4.26 12.61
C MET C 71 8.26 -2.81 12.51
N LYS C 72 7.53 -1.97 11.78
CA LYS C 72 7.83 -0.53 11.79
C LYS C 72 7.79 0.02 13.21
N ILE C 73 6.82 -0.43 14.00
CA ILE C 73 6.76 -0.06 15.41
C ILE C 73 8.01 -0.52 16.15
N ALA C 74 8.48 -1.74 15.86
CA ALA C 74 9.64 -2.27 16.56
C ALA C 74 10.89 -1.44 16.35
N LYS C 75 11.05 -0.85 15.15
CA LYS C 75 12.20 0.03 14.92
C LYS C 75 12.06 1.33 15.70
N ALA C 76 10.86 1.92 15.70
CA ALA C 76 10.67 3.17 16.44
C ALA C 76 10.91 2.96 17.93
N VAL C 77 10.38 1.87 18.50
CA VAL C 77 10.63 1.56 19.89
C VAL C 77 12.11 1.31 20.12
N LEU C 78 12.80 0.72 19.14
CA LEU C 78 14.24 0.52 19.26
C LEU C 78 14.97 1.85 19.38
N GLU C 79 14.52 2.87 18.63
CA GLU C 79 15.13 4.19 18.74
C GLU C 79 14.87 4.80 20.11
N VAL C 80 13.63 4.72 20.59
CA VAL C 80 13.32 5.14 21.95
C VAL C 80 14.14 4.35 22.96
N ALA C 81 14.35 3.06 22.68
CA ALA C 81 15.18 2.24 23.57
C ALA C 81 16.62 2.72 23.61
N LYS C 82 17.16 3.13 22.46
CA LYS C 82 18.54 3.62 22.43
C LYS C 82 18.71 4.84 23.32
N ILE C 83 17.78 5.79 23.23
CA ILE C 83 17.87 6.99 24.05
C ILE C 83 17.75 6.64 25.54
N LYS C 84 16.78 5.79 25.87
CA LYS C 84 16.59 5.40 27.27
C LYS C 84 17.82 4.64 27.79
N VAL C 85 18.52 3.91 26.94
CA VAL C 85 19.75 3.24 27.37
C VAL C 85 20.83 4.28 27.67
N GLU C 86 21.01 5.26 26.77
CA GLU C 86 21.95 6.34 27.02
C GLU C 86 21.59 7.10 28.30
N LYS C 87 20.31 7.41 28.48
CA LYS C 87 19.88 8.14 29.67
C LYS C 87 20.05 7.31 30.93
N ALA C 88 19.92 5.98 30.84
CA ALA C 88 20.19 5.13 32.00
C ALA C 88 21.68 5.14 32.34
N ILE C 89 22.54 5.15 31.32
CA ILE C 89 23.97 5.30 31.56
C ILE C 89 24.28 6.69 32.10
N ALA C 90 23.56 7.71 31.59
CA ALA C 90 23.73 9.08 32.04
C ALA C 90 22.96 9.38 33.31
N GLY C 91 22.28 8.39 33.89
CA GLY C 91 21.62 8.57 35.16
C GLY C 91 20.37 9.42 35.15
N GLU C 92 19.86 9.79 33.98
CA GLU C 92 18.67 10.65 33.94
C GLU C 92 17.39 9.84 34.19
N VAL C 93 17.34 8.60 33.71
CA VAL C 93 16.17 7.75 33.84
C VAL C 93 16.61 6.46 34.51
N ASP C 94 15.71 5.89 35.31
CA ASP C 94 15.97 4.62 35.96
C ASP C 94 16.20 3.53 34.92
N PRO C 95 17.22 2.69 35.09
CA PRO C 95 17.49 1.63 34.09
C PRO C 95 16.32 0.69 33.83
N GLU C 96 15.37 0.59 34.77
CA GLU C 96 14.22 -0.28 34.56
C GLU C 96 13.36 0.19 33.38
N GLU C 97 13.28 1.50 33.17
CA GLU C 97 12.56 2.03 32.01
C GLU C 97 13.23 1.63 30.70
N ALA C 98 14.55 1.51 30.70
CA ALA C 98 15.26 1.11 29.48
C ALA C 98 15.04 -0.37 29.17
N LEU C 99 15.04 -1.23 30.20
CA LEU C 99 14.82 -2.65 29.98
C LEU C 99 13.43 -2.91 29.42
N ARG C 100 12.41 -2.24 29.96
CA ARG C 100 11.05 -2.41 29.43
C ARG C 100 10.96 -1.95 27.98
N ALA C 101 11.75 -0.95 27.60
CA ALA C 101 11.76 -0.51 26.21
C ALA C 101 12.43 -1.55 25.32
N LEU C 102 13.55 -2.11 25.76
CA LEU C 102 14.21 -3.17 24.99
C LEU C 102 13.29 -4.36 24.78
N ARG C 103 12.55 -4.75 25.83
CA ARG C 103 11.61 -5.86 25.69
C ARG C 103 10.55 -5.55 24.65
N ALA C 104 10.04 -4.32 24.63
CA ALA C 104 9.01 -3.96 23.66
C ALA C 104 9.50 -4.14 22.23
N ALA C 105 10.66 -3.57 21.90
CA ALA C 105 11.22 -3.76 20.58
C ALA C 105 11.46 -5.25 20.30
N LEU C 106 11.94 -5.98 21.31
CA LEU C 106 12.19 -7.42 21.14
C LEU C 106 10.89 -8.19 20.96
N GLU C 107 9.92 -7.98 21.86
CA GLU C 107 8.69 -8.76 21.81
C GLU C 107 7.84 -8.42 20.59
N ILE C 108 7.78 -7.14 20.22
CA ILE C 108 6.97 -6.75 19.06
C ILE C 108 7.53 -7.37 17.78
N ALA C 109 8.85 -7.34 17.63
CA ALA C 109 9.48 -7.90 16.43
C ALA C 109 9.26 -9.40 16.34
N PHE C 110 9.59 -10.11 17.42
CA PHE C 110 9.45 -11.57 17.42
C PHE C 110 8.00 -11.99 17.20
N ALA C 111 7.05 -11.22 17.74
CA ALA C 111 5.63 -11.53 17.52
C ALA C 111 5.29 -11.46 16.04
N ALA C 112 5.72 -10.40 15.36
CA ALA C 112 5.49 -10.30 13.92
C ALA C 112 6.22 -11.40 13.17
N PHE C 113 7.43 -11.74 13.61
CA PHE C 113 8.19 -12.81 12.96
C PHE C 113 7.47 -14.15 13.07
N GLU C 114 7.00 -14.49 14.28
CA GLU C 114 6.32 -15.77 14.47
C GLU C 114 5.05 -15.87 13.64
N LEU C 115 4.34 -14.75 13.43
CA LEU C 115 3.15 -14.79 12.60
C LEU C 115 3.50 -15.06 11.15
N ALA C 116 4.61 -14.50 10.67
CA ALA C 116 5.04 -14.79 9.30
C ALA C 116 5.31 -16.27 9.10
N CYS C 117 6.01 -16.90 10.04
CA CYS C 117 6.25 -18.34 9.95
C CYS C 117 4.95 -19.13 10.00
N GLU C 118 3.99 -18.69 10.81
CA GLU C 118 2.73 -19.43 10.94
C GLU C 118 1.92 -19.34 9.65
N VAL C 119 1.80 -18.14 9.08
CA VAL C 119 1.03 -17.98 7.85
C VAL C 119 1.65 -18.78 6.72
N LEU C 120 2.98 -18.72 6.60
CA LEU C 120 3.65 -19.49 5.56
C LEU C 120 3.50 -21.00 5.78
N LYS C 121 3.68 -21.46 7.02
CA LYS C 121 3.48 -22.88 7.32
C LYS C 121 2.06 -23.31 7.00
N LYS C 122 1.06 -22.53 7.42
CA LYS C 122 -0.33 -22.89 7.16
C LYS C 122 -0.60 -22.92 5.66
N THR C 123 0.03 -22.01 4.90
CA THR C 123 -0.16 -21.99 3.46
C THR C 123 0.48 -23.21 2.80
N LEU C 124 1.73 -23.52 3.20
CA LEU C 124 2.38 -24.72 2.68
C LEU C 124 1.60 -25.98 3.05
N GLU C 125 1.07 -26.03 4.28
CA GLU C 125 0.24 -27.16 4.66
C GLU C 125 -1.06 -27.21 3.85
N ALA C 126 -1.58 -26.05 3.46
CA ALA C 126 -2.78 -26.01 2.64
C ALA C 126 -2.53 -26.55 1.23
N ILE C 127 -1.43 -26.12 0.61
CA ILE C 127 -1.07 -26.62 -0.71
C ILE C 127 -0.95 -28.13 -0.70
N LYS C 128 -0.29 -28.69 0.33
CA LYS C 128 -0.15 -30.13 0.43
C LYS C 128 -1.51 -30.81 0.57
N ALA C 129 -2.38 -30.26 1.43
CA ALA C 129 -3.70 -30.85 1.62
C ALA C 129 -4.59 -30.68 0.38
N VAL C 130 -4.50 -29.53 -0.28
CA VAL C 130 -5.30 -29.30 -1.48
C VAL C 130 -4.87 -30.23 -2.61
N ALA C 131 -3.55 -30.40 -2.79
CA ALA C 131 -3.06 -31.30 -3.82
C ALA C 131 -3.49 -32.74 -3.55
N ASP C 132 -3.43 -33.17 -2.28
CA ASP C 132 -3.86 -34.52 -1.93
C ASP C 132 -5.31 -34.76 -2.33
N ASP C 133 -6.17 -33.75 -2.19
CA ASP C 133 -7.57 -33.90 -2.54
C ASP C 133 -7.84 -33.83 -4.04
N LYS C 134 -6.97 -33.16 -4.80
CA LYS C 134 -7.16 -33.07 -6.24
C LYS C 134 -6.67 -34.35 -6.94
N TYR C 135 -5.49 -34.82 -6.56
CA TYR C 135 -4.94 -36.04 -7.16
C TYR C 135 -5.77 -37.26 -6.78
N THR C 136 -6.15 -37.38 -5.50
CA THR C 136 -6.98 -38.50 -5.07
C THR C 136 -8.27 -38.57 -5.88
N ALA C 137 -8.86 -37.41 -6.19
CA ALA C 137 -10.03 -37.39 -7.05
C ALA C 137 -9.73 -37.91 -8.43
N ALA C 138 -8.52 -37.66 -8.94
CA ALA C 138 -8.13 -38.17 -10.26
C ALA C 138 -7.76 -39.64 -10.21
N ILE C 139 -7.09 -40.08 -9.15
CA ILE C 139 -6.74 -41.49 -9.00
C ILE C 139 -7.99 -42.35 -9.01
N LEU C 140 -9.00 -41.96 -8.21
CA LEU C 140 -10.24 -42.72 -8.14
C LEU C 140 -11.09 -42.59 -9.39
N ALA C 141 -10.83 -41.59 -10.24
CA ALA C 141 -11.56 -41.40 -11.48
C ALA C 141 -10.93 -42.10 -12.67
N GLY C 142 -9.79 -42.76 -12.49
CA GLY C 142 -9.14 -43.48 -13.57
C GLY C 142 -8.38 -42.62 -14.55
N ASP C 143 -8.10 -41.36 -14.22
CA ASP C 143 -7.36 -40.47 -15.12
C ASP C 143 -5.86 -40.71 -14.94
N ASN C 144 -5.42 -41.87 -15.45
CA ASN C 144 -4.03 -42.31 -15.38
C ASN C 144 -3.57 -42.36 -13.92
N PRO C 145 -4.05 -43.33 -13.13
CA PRO C 145 -3.67 -43.37 -11.71
C PRO C 145 -2.19 -43.50 -11.46
N ALA C 146 -1.43 -44.09 -12.38
CA ALA C 146 0.00 -44.23 -12.20
C ALA C 146 0.69 -42.86 -12.16
N ALA C 147 0.34 -41.99 -13.11
CA ALA C 147 0.96 -40.67 -13.16
C ALA C 147 0.51 -39.78 -12.01
N GLN C 148 -0.76 -39.90 -11.62
CA GLN C 148 -1.29 -39.05 -10.54
C GLN C 148 -0.61 -39.36 -9.21
N GLN C 149 -0.43 -40.64 -8.88
CA GLN C 149 0.23 -41.01 -7.63
C GLN C 149 1.67 -40.51 -7.58
N LYS C 150 2.34 -40.46 -8.73
CA LYS C 150 3.71 -39.93 -8.76
C LYS C 150 3.73 -38.43 -8.50
N ALA C 151 2.85 -37.68 -9.18
CA ALA C 151 2.76 -36.25 -8.95
C ALA C 151 2.34 -35.95 -7.51
N LEU C 152 1.43 -36.75 -6.95
CA LEU C 152 1.04 -36.59 -5.56
C LEU C 152 2.24 -36.76 -4.63
N ALA C 153 3.04 -37.79 -4.87
CA ALA C 153 4.23 -38.01 -4.03
C ALA C 153 5.23 -36.87 -4.16
N GLU C 154 5.44 -36.39 -5.39
CA GLU C 154 6.38 -35.30 -5.61
C GLU C 154 5.90 -34.03 -4.91
N THR C 155 4.63 -33.69 -5.06
CA THR C 155 4.09 -32.50 -4.42
C THR C 155 4.26 -32.55 -2.90
N ASN C 156 3.90 -33.68 -2.28
CA ASN C 156 4.06 -33.81 -0.85
C ASN C 156 5.52 -33.74 -0.43
N ALA C 157 6.43 -34.26 -1.27
CA ALA C 157 7.85 -34.15 -0.97
C ALA C 157 8.33 -32.71 -0.99
N LEU C 158 7.79 -31.90 -1.91
CA LEU C 158 8.20 -30.51 -2.01
C LEU C 158 7.63 -29.67 -0.86
N CYS C 159 6.37 -29.91 -0.49
CA CYS C 159 5.79 -29.18 0.63
C CYS C 159 6.47 -29.54 1.93
N THR C 160 6.79 -30.83 2.12
CA THR C 160 7.46 -31.24 3.36
C THR C 160 8.83 -30.59 3.48
N ASP C 161 9.58 -30.54 2.39
CA ASP C 161 10.90 -29.92 2.42
C ASP C 161 10.80 -28.44 2.74
N SER C 162 9.75 -27.77 2.25
CA SER C 162 9.56 -26.36 2.54
C SER C 162 9.18 -26.14 4.00
N LEU C 163 8.34 -27.02 4.55
CA LEU C 163 7.99 -26.90 5.97
C LEU C 163 9.21 -27.12 6.86
N ILE C 164 10.10 -28.03 6.47
CA ILE C 164 11.32 -28.26 7.24
C ILE C 164 12.22 -27.02 7.18
N ALA C 165 12.27 -26.37 6.02
CA ALA C 165 13.10 -25.18 5.88
C ALA C 165 12.59 -24.04 6.75
N VAL C 166 11.28 -23.76 6.70
CA VAL C 166 10.70 -22.70 7.51
C VAL C 166 10.87 -23.00 9.00
N GLU C 167 10.73 -24.27 9.38
CA GLU C 167 10.89 -24.65 10.78
C GLU C 167 12.29 -24.36 11.29
N GLY C 168 13.31 -24.51 10.43
CA GLY C 168 14.66 -24.16 10.82
C GLY C 168 14.80 -22.68 11.12
N VAL C 169 14.10 -21.84 10.34
CA VAL C 169 14.14 -20.40 10.58
C VAL C 169 13.46 -20.06 11.91
N GLU C 170 12.30 -20.67 12.17
CA GLU C 170 11.59 -20.41 13.41
C GLU C 170 12.44 -20.78 14.63
N LYS C 171 13.03 -21.98 14.61
CA LYS C 171 13.85 -22.41 15.74
C LYS C 171 15.13 -21.59 15.85
N GLY C 172 15.69 -21.13 14.73
CA GLY C 172 16.89 -20.33 14.78
C GLY C 172 16.73 -19.05 15.59
N LEU C 173 15.74 -18.23 15.21
CA LEU C 173 15.52 -16.97 15.91
C LEU C 173 14.92 -17.17 17.30
N LYS C 174 14.11 -18.21 17.47
CA LYS C 174 13.53 -18.49 18.79
C LYS C 174 14.61 -18.71 19.84
N GLY C 175 15.72 -19.33 19.45
CA GLY C 175 16.84 -19.48 20.38
C GLY C 175 17.43 -18.16 20.82
N ALA C 176 17.61 -17.23 19.88
CA ALA C 176 18.12 -15.90 20.24
C ALA C 176 17.11 -15.15 21.12
N TYR C 177 15.83 -15.21 20.77
CA TYR C 177 14.80 -14.58 21.59
C TYR C 177 14.79 -15.15 23.01
N LEU C 178 15.05 -16.45 23.15
CA LEU C 178 15.07 -17.07 24.47
C LEU C 178 16.21 -16.51 25.32
N ALA C 179 17.40 -16.42 24.75
CA ALA C 179 18.55 -15.91 25.50
C ALA C 179 18.34 -14.45 25.90
N LEU C 180 17.95 -13.61 24.94
CA LEU C 180 17.76 -12.20 25.23
C LEU C 180 16.66 -11.99 26.27
N GLU C 181 15.58 -12.76 26.19
CA GLU C 181 14.52 -12.64 27.17
C GLU C 181 15.02 -13.03 28.56
N ALA C 182 15.87 -14.05 28.64
CA ALA C 182 16.44 -14.44 29.92
C ALA C 182 17.43 -13.40 30.44
N ILE C 183 18.17 -12.76 29.53
CA ILE C 183 19.13 -11.74 29.94
C ILE C 183 18.42 -10.53 30.54
N ILE C 184 17.39 -10.03 29.85
CA ILE C 184 16.65 -8.88 30.35
C ILE C 184 15.97 -9.22 31.68
N GLU C 185 15.46 -10.44 31.80
CA GLU C 185 14.80 -10.85 33.05
C GLU C 185 15.80 -10.90 34.20
N ALA C 186 17.04 -11.29 33.92
CA ALA C 186 18.06 -11.33 34.96
C ALA C 186 18.42 -9.92 35.44
N LEU C 187 18.51 -8.96 34.50
CA LEU C 187 18.86 -7.60 34.88
C LEU C 187 17.81 -6.95 35.79
N GLU C 188 16.54 -7.29 35.60
CA GLU C 188 15.51 -6.71 36.46
C GLU C 188 15.55 -7.29 37.87
N VAL C 189 16.04 -8.52 38.02
CA VAL C 189 16.15 -9.11 39.35
C VAL C 189 17.43 -8.64 40.05
N ALA C 190 18.52 -8.52 39.29
CA ALA C 190 19.79 -8.06 39.85
C ALA C 190 19.82 -6.53 39.82
N GLU C 191 19.16 -5.93 40.81
CA GLU C 191 19.14 -4.47 40.90
C GLU C 191 20.30 -3.93 41.72
N ASP C 192 20.81 -4.70 42.68
CA ASP C 192 21.90 -4.26 43.52
C ASP C 192 23.25 -4.64 42.93
N GLU C 193 24.32 -4.15 43.57
CA GLU C 193 25.67 -4.46 43.11
C GLU C 193 25.99 -5.94 43.30
N GLU C 194 25.60 -6.51 44.43
CA GLU C 194 25.91 -7.91 44.71
C GLU C 194 25.24 -8.85 43.71
N GLY C 195 23.95 -8.63 43.44
CA GLY C 195 23.24 -9.50 42.51
C GLY C 195 23.77 -9.42 41.09
N LEU C 196 24.05 -8.20 40.62
CA LEU C 196 24.52 -8.03 39.26
C LEU C 196 25.86 -8.72 39.02
N LYS C 197 26.72 -8.77 40.05
CA LYS C 197 28.01 -9.42 39.90
C LYS C 197 27.86 -10.92 39.73
N ILE C 198 26.78 -11.50 40.26
CA ILE C 198 26.56 -12.93 40.11
C ILE C 198 26.15 -13.27 38.68
N VAL C 199 25.26 -12.46 38.11
CA VAL C 199 24.75 -12.72 36.76
C VAL C 199 25.63 -12.14 35.66
N ALA C 200 26.57 -11.25 36.01
CA ALA C 200 27.40 -10.60 35.00
C ALA C 200 28.14 -11.62 34.14
N LYS C 201 28.77 -12.62 34.78
CA LYS C 201 29.51 -13.62 34.03
C LYS C 201 28.60 -14.42 33.13
N ALA C 202 27.45 -14.86 33.65
CA ALA C 202 26.51 -15.62 32.82
C ALA C 202 25.93 -14.75 31.70
N ILE C 203 25.66 -13.48 31.99
CA ILE C 203 25.11 -12.59 30.98
C ILE C 203 26.12 -12.33 29.88
N LYS C 204 27.39 -12.10 30.25
CA LYS C 204 28.43 -11.84 29.25
C LYS C 204 28.52 -12.97 28.24
N GLU C 205 28.53 -14.22 28.72
CA GLU C 205 28.53 -15.37 27.82
C GLU C 205 27.21 -15.45 27.05
N ALA C 206 26.11 -15.08 27.69
CA ALA C 206 24.81 -15.16 27.04
C ALA C 206 24.71 -14.22 25.85
N ILE C 207 25.29 -13.02 25.96
CA ILE C 207 25.25 -12.07 24.85
C ILE C 207 25.99 -12.63 23.64
N LYS C 208 27.13 -13.28 23.89
CA LYS C 208 27.89 -13.90 22.82
C LYS C 208 27.14 -15.07 22.19
N LYS C 209 26.60 -15.97 23.02
CA LYS C 209 25.85 -17.10 22.50
C LYS C 209 24.59 -16.65 21.77
N ALA C 210 23.96 -15.57 22.24
CA ALA C 210 22.77 -15.05 21.55
C ALA C 210 23.14 -14.51 20.17
N GLU C 211 24.24 -13.77 20.07
CA GLU C 211 24.68 -13.25 18.78
C GLU C 211 25.12 -14.37 17.85
N GLU C 212 25.73 -15.42 18.40
CA GLU C 212 26.09 -16.59 17.60
C GLU C 212 24.84 -17.28 17.06
N ALA C 213 23.78 -17.34 17.87
CA ALA C 213 22.52 -17.95 17.43
C ALA C 213 21.92 -17.16 16.26
N ILE C 214 22.01 -15.84 16.32
CA ILE C 214 21.53 -15.00 15.22
C ILE C 214 22.28 -15.31 13.94
N LYS C 215 23.60 -15.57 14.04
CA LYS C 215 24.39 -15.88 12.86
C LYS C 215 23.90 -17.15 12.18
N LYS C 216 23.75 -18.24 12.95
CA LYS C 216 23.20 -19.46 12.39
C LYS C 216 21.78 -19.26 11.88
N ALA C 217 21.02 -18.34 12.48
CA ALA C 217 19.69 -18.05 11.98
C ALA C 217 19.76 -17.37 10.62
N GLU C 218 20.69 -16.42 10.46
CA GLU C 218 20.87 -15.78 9.16
C GLU C 218 21.21 -16.80 8.08
N GLU C 219 22.08 -17.76 8.40
CA GLU C 219 22.39 -18.85 7.48
C GLU C 219 21.13 -19.65 7.13
N ALA C 220 20.35 -20.01 8.15
CA ALA C 220 19.12 -20.75 7.92
C ALA C 220 18.15 -19.98 7.03
N ILE C 221 18.05 -18.66 7.24
CA ILE C 221 17.17 -17.83 6.42
C ILE C 221 17.63 -17.86 4.97
N LYS C 222 18.94 -17.82 4.74
CA LYS C 222 19.47 -17.84 3.38
C LYS C 222 19.16 -19.17 2.69
N LEU C 223 19.44 -20.29 3.38
CA LEU C 223 19.14 -21.59 2.81
C LEU C 223 17.64 -21.77 2.56
N ALA C 224 16.81 -21.22 3.46
CA ALA C 224 15.36 -21.35 3.31
C ALA C 224 14.87 -20.62 2.08
N LYS C 225 15.44 -19.45 1.77
CA LYS C 225 15.04 -18.69 0.59
C LYS C 225 15.22 -19.53 -0.67
N GLU C 226 16.43 -20.06 -0.88
CA GLU C 226 16.70 -20.85 -2.07
C GLU C 226 15.86 -22.13 -2.10
N SER C 227 15.69 -22.77 -0.94
CA SER C 227 14.96 -24.03 -0.88
C SER C 227 13.49 -23.84 -1.24
N VAL C 228 12.80 -22.96 -0.52
CA VAL C 228 11.36 -22.79 -0.73
C VAL C 228 11.07 -22.22 -2.12
N GLU C 229 11.89 -21.27 -2.56
CA GLU C 229 11.68 -20.65 -3.87
C GLU C 229 11.75 -21.69 -4.99
N LYS C 230 12.78 -22.55 -4.96
CA LYS C 230 12.91 -23.57 -5.99
C LYS C 230 11.77 -24.57 -5.94
N ASN C 231 11.42 -25.04 -4.72
CA ASN C 231 10.36 -26.03 -4.59
C ASN C 231 9.01 -25.49 -5.06
N LEU C 232 8.75 -24.20 -4.82
CA LEU C 232 7.48 -23.63 -5.27
C LEU C 232 7.43 -23.51 -6.78
N GLU C 233 8.58 -23.36 -7.45
CA GLU C 233 8.59 -23.30 -8.91
C GLU C 233 8.34 -24.67 -9.52
N LYS C 234 8.91 -25.72 -8.92
CA LYS C 234 8.65 -27.07 -9.40
C LYS C 234 7.17 -27.42 -9.31
N LEU C 235 6.50 -26.94 -8.26
CA LEU C 235 5.05 -27.14 -8.14
C LEU C 235 4.30 -26.38 -9.22
N LYS C 236 4.69 -25.12 -9.46
CA LYS C 236 4.07 -24.33 -10.51
C LYS C 236 4.22 -25.01 -11.88
N ALA C 237 5.37 -25.60 -12.14
CA ALA C 237 5.62 -26.31 -13.40
C ALA C 237 4.80 -27.59 -13.46
N MET D 4 1.25 16.88 24.43
CA MET D 4 0.01 16.85 25.20
C MET D 4 -1.20 16.78 24.27
N ASP D 5 -1.05 17.32 23.06
CA ASP D 5 -2.10 17.30 22.05
C ASP D 5 -1.83 16.32 20.93
N LEU D 6 -0.57 16.18 20.50
CA LEU D 6 -0.24 15.17 19.52
C LEU D 6 -0.58 13.79 20.04
N ARG D 7 -0.34 13.55 21.34
CA ARG D 7 -0.77 12.31 21.98
C ARG D 7 -2.29 12.16 21.88
N ALA D 8 -3.02 13.24 22.18
CA ALA D 8 -4.47 13.22 22.10
C ALA D 8 -4.95 12.93 20.69
N GLU D 9 -4.22 13.39 19.67
CA GLU D 9 -4.62 13.10 18.29
C GLU D 9 -4.51 11.61 17.99
N LEU D 10 -3.41 10.99 18.41
CA LEU D 10 -3.25 9.55 18.19
C LEU D 10 -4.30 8.76 18.95
N LEU D 11 -4.57 9.16 20.19
CA LEU D 11 -5.60 8.48 20.99
C LEU D 11 -6.95 8.51 20.31
N LYS D 12 -7.26 9.57 19.56
CA LYS D 12 -8.53 9.65 18.86
C LYS D 12 -8.58 8.63 17.72
N ALA D 13 -7.56 8.64 16.85
CA ALA D 13 -7.50 7.67 15.77
C ALA D 13 -7.35 6.25 16.30
N LEU D 14 -6.64 6.07 17.41
CA LEU D 14 -6.50 4.75 18.01
C LEU D 14 -7.85 4.21 18.47
N LEU D 15 -8.63 5.05 19.15
CA LEU D 15 -9.97 4.62 19.58
C LEU D 15 -10.82 4.24 18.37
N LYS D 16 -10.70 4.99 17.27
CA LYS D 16 -11.41 4.64 16.04
C LYS D 16 -10.98 3.27 15.54
N ALA D 17 -9.67 3.03 15.50
CA ALA D 17 -9.17 1.73 15.03
C ALA D 17 -9.64 0.60 15.93
N VAL D 18 -9.60 0.81 17.26
CA VAL D 18 -10.08 -0.22 18.18
C VAL D 18 -11.57 -0.44 18.00
N GLU D 19 -12.32 0.65 17.78
CA GLU D 19 -13.76 0.52 17.56
C GLU D 19 -14.05 -0.31 16.32
N GLU D 20 -13.30 -0.09 15.24
CA GLU D 20 -13.48 -0.90 14.03
C GLU D 20 -13.15 -2.36 14.28
N PHE D 21 -12.10 -2.63 15.06
CA PHE D 21 -11.71 -4.01 15.36
C PHE D 21 -12.84 -4.75 16.06
N LEU D 22 -13.42 -4.15 17.11
CA LEU D 22 -14.48 -4.82 17.85
C LEU D 22 -15.72 -5.03 16.99
N LYS D 23 -16.01 -4.11 16.08
CA LYS D 23 -17.14 -4.30 15.18
C LYS D 23 -16.92 -5.52 14.29
N ALA D 24 -15.78 -5.57 13.60
CA ALA D 24 -15.44 -6.74 12.78
C ALA D 24 -15.39 -8.01 13.63
N ALA D 25 -14.83 -7.92 14.84
CA ALA D 25 -14.72 -9.09 15.70
C ALA D 25 -16.09 -9.67 16.04
N GLU D 26 -17.08 -8.81 16.30
CA GLU D 26 -18.43 -9.31 16.58
C GLU D 26 -19.05 -9.94 15.35
N GLU D 27 -18.92 -9.27 14.20
CA GLU D 27 -19.46 -9.81 12.95
C GLU D 27 -18.84 -11.16 12.63
N ALA D 28 -17.52 -11.29 12.80
CA ALA D 28 -16.86 -12.57 12.60
C ALA D 28 -17.45 -13.66 13.50
N ILE D 29 -17.51 -13.40 14.81
CA ILE D 29 -18.05 -14.38 15.75
C ILE D 29 -19.49 -14.73 15.40
N LYS D 30 -20.29 -13.73 15.04
CA LYS D 30 -21.67 -14.00 14.66
C LYS D 30 -21.74 -15.01 13.52
N GLU D 31 -20.85 -14.86 12.53
CA GLU D 31 -20.88 -15.75 11.38
C GLU D 31 -20.27 -17.10 11.73
N LEU D 32 -19.18 -17.09 12.50
CA LEU D 32 -18.52 -18.33 12.92
C LEU D 32 -19.44 -19.17 13.82
N LEU D 33 -20.12 -18.53 14.78
CA LEU D 33 -21.03 -19.27 15.65
C LEU D 33 -22.21 -19.82 14.88
N GLU D 34 -22.62 -19.14 13.80
CA GLU D 34 -23.71 -19.66 12.98
C GLU D 34 -23.27 -20.91 12.23
N LEU D 35 -22.06 -20.89 11.66
CA LEU D 35 -21.52 -22.08 11.00
C LEU D 35 -21.36 -23.23 11.98
N LEU D 36 -20.99 -22.92 13.24
CA LEU D 36 -20.82 -23.96 14.24
C LEU D 36 -22.11 -24.74 14.47
N LYS D 37 -23.24 -24.02 14.52
CA LYS D 37 -24.53 -24.67 14.71
C LYS D 37 -24.80 -25.68 13.59
N LYS D 38 -24.66 -25.24 12.34
CA LYS D 38 -24.85 -26.15 11.21
C LYS D 38 -23.82 -27.27 11.21
N ALA D 39 -22.58 -26.98 11.62
CA ALA D 39 -21.54 -27.99 11.67
C ALA D 39 -21.88 -29.09 12.66
N LEU D 40 -22.46 -28.73 13.81
CA LEU D 40 -22.86 -29.73 14.79
C LEU D 40 -23.97 -30.61 14.25
N GLU D 41 -24.83 -30.07 13.38
CA GLU D 41 -25.89 -30.87 12.76
C GLU D 41 -25.29 -31.93 11.85
N VAL D 42 -24.35 -31.53 10.99
CA VAL D 42 -23.70 -32.48 10.09
C VAL D 42 -23.01 -33.58 10.88
N LEU D 43 -22.37 -33.22 11.99
CA LEU D 43 -21.70 -34.20 12.82
C LEU D 43 -22.71 -35.17 13.45
N LYS D 44 -23.84 -34.63 13.94
CA LYS D 44 -24.86 -35.49 14.52
C LYS D 44 -25.44 -36.45 13.50
N LYS D 45 -25.78 -35.94 12.30
CA LYS D 45 -26.30 -36.81 11.25
C LYS D 45 -25.26 -37.85 10.82
N LEU D 46 -23.98 -37.51 10.91
CA LEU D 46 -22.94 -38.44 10.50
C LEU D 46 -22.78 -39.57 11.51
N ASP D 47 -22.94 -39.26 12.80
CA ASP D 47 -22.84 -40.26 13.87
C ASP D 47 -23.84 -39.93 14.96
N PRO D 48 -25.07 -40.42 14.84
CA PRO D 48 -26.10 -40.06 15.83
C PRO D 48 -26.05 -40.86 17.13
N LYS D 49 -25.32 -41.98 17.17
CA LYS D 49 -25.28 -42.85 18.33
C LYS D 49 -23.99 -42.72 19.14
N SER D 50 -23.17 -41.70 18.88
CA SER D 50 -21.89 -41.53 19.54
C SER D 50 -22.01 -40.58 20.73
N LYS D 51 -21.64 -41.06 21.92
CA LYS D 51 -21.60 -40.19 23.09
C LYS D 51 -20.46 -39.18 22.99
N GLY D 52 -19.39 -39.52 22.26
CA GLY D 52 -18.32 -38.55 22.04
C GLY D 52 -18.81 -37.33 21.29
N VAL D 53 -19.59 -37.55 20.22
CA VAL D 53 -20.18 -36.43 19.49
C VAL D 53 -21.11 -35.64 20.41
N GLU D 54 -21.90 -36.34 21.23
CA GLU D 54 -22.79 -35.67 22.16
C GLU D 54 -22.00 -34.83 23.16
N ALA D 55 -20.90 -35.38 23.67
CA ALA D 55 -20.04 -34.61 24.58
C ALA D 55 -19.49 -33.37 23.89
N LEU D 56 -19.07 -33.50 22.62
CA LEU D 56 -18.55 -32.36 21.89
C LEU D 56 -19.62 -31.31 21.66
N VAL D 57 -20.84 -31.74 21.32
CA VAL D 57 -21.93 -30.78 21.10
C VAL D 57 -22.22 -30.00 22.36
N LYS D 58 -22.36 -30.70 23.49
CA LYS D 58 -22.55 -30.03 24.78
C LYS D 58 -21.39 -29.10 25.08
N GLY D 59 -20.15 -29.58 24.89
CA GLY D 59 -19.00 -28.73 25.11
C GLY D 59 -18.96 -27.54 24.18
N ALA D 60 -19.35 -27.73 22.91
CA ALA D 60 -19.37 -26.62 21.96
C ALA D 60 -20.43 -25.60 22.32
N LYS D 61 -21.59 -26.06 22.77
CA LYS D 61 -22.64 -25.13 23.21
C LYS D 61 -22.18 -24.32 24.42
N GLY D 62 -21.47 -24.95 25.35
CA GLY D 62 -20.94 -24.23 26.49
C GLY D 62 -19.92 -23.17 26.10
N ALA D 63 -19.01 -23.52 25.19
CA ALA D 63 -18.02 -22.55 24.72
C ALA D 63 -18.70 -21.37 24.04
N ALA D 64 -19.78 -21.62 23.28
CA ALA D 64 -20.50 -20.54 22.62
C ALA D 64 -21.07 -19.55 23.63
N LYS D 65 -21.58 -20.05 24.76
CA LYS D 65 -22.10 -19.16 25.80
C LYS D 65 -21.02 -18.23 26.33
N GLY D 66 -19.83 -18.78 26.60
CA GLY D 66 -18.74 -17.95 27.09
C GLY D 66 -18.27 -16.92 26.07
N ILE D 67 -18.33 -17.26 24.79
CA ILE D 67 -17.96 -16.31 23.74
C ILE D 67 -18.96 -15.17 23.67
N GLU D 68 -20.26 -15.50 23.77
CA GLU D 68 -21.29 -14.46 23.74
C GLU D 68 -21.14 -13.51 24.92
N ALA D 69 -20.94 -14.07 26.12
CA ALA D 69 -20.72 -13.25 27.30
C ALA D 69 -19.50 -12.36 27.15
N ALA D 70 -18.41 -12.91 26.58
CA ALA D 70 -17.16 -12.16 26.46
C ALA D 70 -17.31 -10.96 25.55
N MET D 71 -18.16 -11.02 24.53
CA MET D 71 -18.28 -9.89 23.62
C MET D 71 -19.11 -8.76 24.22
N LYS D 72 -20.17 -9.08 24.96
CA LYS D 72 -20.91 -8.04 25.67
C LYS D 72 -20.00 -7.32 26.67
N ILE D 73 -19.13 -8.06 27.35
CA ILE D 73 -18.13 -7.43 28.20
C ILE D 73 -17.22 -6.54 27.37
N ALA D 74 -16.78 -7.04 26.20
CA ALA D 74 -15.90 -6.26 25.34
C ALA D 74 -16.57 -4.99 24.85
N LYS D 75 -17.89 -5.03 24.65
CA LYS D 75 -18.63 -3.84 24.26
C LYS D 75 -18.64 -2.80 25.38
N ALA D 76 -18.92 -3.26 26.60
CA ALA D 76 -18.97 -2.35 27.74
C ALA D 76 -17.61 -1.71 28.02
N VAL D 77 -16.54 -2.51 27.99
CA VAL D 77 -15.21 -1.96 28.20
C VAL D 77 -14.85 -0.94 27.12
N LEU D 78 -15.33 -1.17 25.89
CA LEU D 78 -15.11 -0.19 24.82
C LEU D 78 -15.79 1.13 25.16
N GLU D 79 -16.97 1.08 25.76
CA GLU D 79 -17.67 2.30 26.17
C GLU D 79 -16.90 3.03 27.26
N VAL D 80 -16.44 2.28 28.27
CA VAL D 80 -15.57 2.86 29.30
C VAL D 80 -14.31 3.43 28.66
N ALA D 81 -13.80 2.76 27.63
CA ALA D 81 -12.63 3.27 26.92
C ALA D 81 -12.93 4.60 26.24
N LYS D 82 -14.13 4.74 25.67
CA LYS D 82 -14.49 5.99 25.01
C LYS D 82 -14.45 7.17 25.97
N ILE D 83 -15.03 6.99 27.15
CA ILE D 83 -15.04 8.07 28.15
C ILE D 83 -13.62 8.38 28.63
N LYS D 84 -12.86 7.32 28.96
CA LYS D 84 -11.50 7.53 29.45
C LYS D 84 -10.61 8.20 28.40
N VAL D 85 -10.86 7.97 27.11
CA VAL D 85 -10.10 8.67 26.07
C VAL D 85 -10.43 10.16 26.10
N GLU D 86 -11.71 10.48 26.19
CA GLU D 86 -12.12 11.88 26.32
C GLU D 86 -11.51 12.52 27.55
N LYS D 87 -11.52 11.82 28.68
CA LYS D 87 -10.93 12.34 29.91
C LYS D 87 -9.42 12.45 29.81
N ALA D 88 -8.77 11.56 29.06
CA ALA D 88 -7.34 11.67 28.85
C ALA D 88 -6.98 12.86 27.97
N ILE D 89 -7.84 13.17 26.99
CA ILE D 89 -7.64 14.36 26.17
C ILE D 89 -7.79 15.62 27.02
N ALA D 90 -8.72 15.60 27.97
CA ALA D 90 -8.94 16.74 28.86
C ALA D 90 -7.98 16.77 30.04
N GLY D 91 -7.04 15.83 30.12
CA GLY D 91 -6.05 15.84 31.18
C GLY D 91 -6.56 15.42 32.54
N GLU D 92 -7.78 14.87 32.62
CA GLU D 92 -8.35 14.48 33.90
C GLU D 92 -7.81 13.14 34.40
N VAL D 93 -7.50 12.21 33.49
CA VAL D 93 -7.07 10.87 33.86
C VAL D 93 -5.72 10.59 33.21
N ASP D 94 -4.90 9.80 33.90
CA ASP D 94 -3.60 9.42 33.37
C ASP D 94 -3.77 8.67 32.06
N PRO D 95 -2.98 9.00 31.02
CA PRO D 95 -3.16 8.32 29.72
C PRO D 95 -2.98 6.81 29.77
N GLU D 96 -2.21 6.29 30.74
CA GLU D 96 -2.04 4.85 30.83
C GLU D 96 -3.35 4.16 31.22
N GLU D 97 -4.16 4.82 32.04
CA GLU D 97 -5.47 4.25 32.39
C GLU D 97 -6.36 4.09 31.17
N ALA D 98 -6.23 4.98 30.18
CA ALA D 98 -7.00 4.84 28.96
C ALA D 98 -6.46 3.69 28.12
N LEU D 99 -5.13 3.55 28.04
CA LEU D 99 -4.54 2.45 27.30
C LEU D 99 -4.92 1.10 27.90
N ARG D 100 -4.89 0.99 29.23
CA ARG D 100 -5.30 -0.26 29.88
C ARG D 100 -6.76 -0.58 29.59
N ALA D 101 -7.60 0.44 29.45
CA ALA D 101 -8.99 0.21 29.08
C ALA D 101 -9.11 -0.26 27.64
N LEU D 102 -8.39 0.41 26.72
CA LEU D 102 -8.39 -0.02 25.32
C LEU D 102 -7.85 -1.43 25.17
N ARG D 103 -6.74 -1.74 25.86
CA ARG D 103 -6.17 -3.07 25.80
C ARG D 103 -7.15 -4.13 26.31
N ALA D 104 -7.86 -3.83 27.40
CA ALA D 104 -8.81 -4.79 27.96
C ALA D 104 -9.91 -5.12 26.96
N ALA D 105 -10.55 -4.10 26.40
CA ALA D 105 -11.59 -4.34 25.39
C ALA D 105 -11.03 -5.11 24.20
N LEU D 106 -9.80 -4.79 23.79
CA LEU D 106 -9.18 -5.49 22.67
C LEU D 106 -8.89 -6.95 23.01
N GLU D 107 -8.25 -7.20 24.16
CA GLU D 107 -7.83 -8.56 24.49
C GLU D 107 -9.02 -9.46 24.79
N ILE D 108 -10.05 -8.92 25.45
CA ILE D 108 -11.24 -9.71 25.75
C ILE D 108 -11.94 -10.12 24.47
N ALA D 109 -12.07 -9.19 23.51
CA ALA D 109 -12.75 -9.48 22.26
C ALA D 109 -11.97 -10.49 21.43
N PHE D 110 -10.67 -10.25 21.22
CA PHE D 110 -9.85 -11.15 20.42
C PHE D 110 -9.79 -12.55 21.03
N ALA D 111 -9.77 -12.62 22.36
CA ALA D 111 -9.78 -13.93 23.02
C ALA D 111 -11.04 -14.71 22.66
N ALA D 112 -12.20 -14.06 22.71
CA ALA D 112 -13.44 -14.72 22.31
C ALA D 112 -13.44 -15.08 20.84
N PHE D 113 -12.88 -14.21 20.00
CA PHE D 113 -12.79 -14.49 18.57
C PHE D 113 -11.91 -15.70 18.31
N GLU D 114 -10.71 -15.71 18.90
CA GLU D 114 -9.77 -16.81 18.66
C GLU D 114 -10.34 -18.14 19.16
N LEU D 115 -11.08 -18.12 20.26
CA LEU D 115 -11.70 -19.34 20.76
C LEU D 115 -12.81 -19.82 19.83
N ALA D 116 -13.58 -18.88 19.27
CA ALA D 116 -14.66 -19.25 18.34
C ALA D 116 -14.10 -19.98 17.13
N CYS D 117 -13.00 -19.47 16.55
CA CYS D 117 -12.37 -20.13 15.42
C CYS D 117 -11.89 -21.54 15.78
N GLU D 118 -11.40 -21.71 17.01
CA GLU D 118 -10.88 -23.01 17.41
C GLU D 118 -11.98 -24.05 17.52
N VAL D 119 -13.12 -23.68 18.11
CA VAL D 119 -14.22 -24.62 18.27
C VAL D 119 -14.72 -25.09 16.90
N LEU D 120 -14.85 -24.17 15.95
CA LEU D 120 -15.26 -24.54 14.60
C LEU D 120 -14.23 -25.46 13.95
N LYS D 121 -12.95 -25.15 14.14
CA LYS D 121 -11.89 -26.01 13.63
C LYS D 121 -12.02 -27.42 14.18
N LYS D 122 -12.21 -27.55 15.49
CA LYS D 122 -12.33 -28.87 16.10
C LYS D 122 -13.55 -29.62 15.58
N THR D 123 -14.65 -28.91 15.31
CA THR D 123 -15.85 -29.56 14.81
C THR D 123 -15.64 -30.04 13.38
N LEU D 124 -15.07 -29.19 12.51
CA LEU D 124 -14.79 -29.62 11.14
C LEU D 124 -13.82 -30.78 11.11
N GLU D 125 -12.80 -30.75 11.98
CA GLU D 125 -11.88 -31.88 12.07
C GLU D 125 -12.57 -33.12 12.59
N ALA D 126 -13.58 -32.96 13.45
CA ALA D 126 -14.33 -34.11 13.95
C ALA D 126 -15.17 -34.74 12.85
N ILE D 127 -15.88 -33.92 12.07
CA ILE D 127 -16.68 -34.44 10.96
C ILE D 127 -15.80 -35.23 9.99
N LYS D 128 -14.63 -34.67 9.65
CA LYS D 128 -13.72 -35.37 8.75
C LYS D 128 -13.21 -36.67 9.39
N ALA D 129 -12.86 -36.61 10.68
CA ALA D 129 -12.35 -37.80 11.35
C ALA D 129 -13.45 -38.85 11.52
N VAL D 130 -14.67 -38.42 11.81
CA VAL D 130 -15.78 -39.37 11.95
C VAL D 130 -16.12 -39.99 10.60
N ALA D 131 -16.16 -39.17 9.54
CA ALA D 131 -16.42 -39.70 8.21
C ALA D 131 -15.34 -40.67 7.75
N ASP D 132 -14.07 -40.33 8.03
CA ASP D 132 -12.97 -41.22 7.67
C ASP D 132 -13.14 -42.59 8.32
N ASP D 133 -13.62 -42.63 9.56
CA ASP D 133 -13.81 -43.90 10.25
C ASP D 133 -15.10 -44.62 9.84
N LYS D 134 -16.09 -43.89 9.35
CA LYS D 134 -17.35 -44.52 8.94
C LYS D 134 -17.22 -45.15 7.55
N TYR D 135 -16.64 -44.42 6.59
CA TYR D 135 -16.49 -44.96 5.25
C TYR D 135 -15.50 -46.12 5.24
N THR D 136 -14.37 -45.96 5.93
CA THR D 136 -13.37 -47.03 5.99
C THR D 136 -13.97 -48.32 6.54
N ALA D 137 -14.87 -48.21 7.53
CA ALA D 137 -15.55 -49.40 8.04
C ALA D 137 -16.39 -50.07 6.96
N ALA D 138 -16.98 -49.27 6.06
CA ALA D 138 -17.76 -49.85 4.97
C ALA D 138 -16.86 -50.37 3.84
N ILE D 139 -15.77 -49.64 3.55
CA ILE D 139 -14.84 -50.08 2.51
C ILE D 139 -14.24 -51.44 2.87
N LEU D 140 -13.78 -51.58 4.12
CA LEU D 140 -13.19 -52.84 4.57
C LEU D 140 -14.23 -53.95 4.70
N ALA D 141 -15.51 -53.60 4.75
CA ALA D 141 -16.59 -54.58 4.84
C ALA D 141 -17.13 -54.98 3.46
N GLY D 142 -16.59 -54.41 2.39
CA GLY D 142 -17.03 -54.74 1.05
C GLY D 142 -18.34 -54.12 0.61
N ASP D 143 -18.83 -53.10 1.33
CA ASP D 143 -20.09 -52.46 0.98
C ASP D 143 -19.84 -51.39 -0.10
N ASN D 144 -19.58 -51.88 -1.31
CA ASN D 144 -19.30 -51.07 -2.50
C ASN D 144 -18.10 -50.16 -2.24
N PRO D 145 -16.88 -50.71 -2.21
CA PRO D 145 -15.71 -49.87 -1.92
C PRO D 145 -15.49 -48.75 -2.92
N ALA D 146 -15.93 -48.93 -4.17
CA ALA D 146 -15.74 -47.90 -5.18
C ALA D 146 -16.52 -46.63 -4.84
N ALA D 147 -17.79 -46.77 -4.48
CA ALA D 147 -18.61 -45.60 -4.16
C ALA D 147 -18.21 -44.97 -2.84
N GLN D 148 -17.85 -45.79 -1.85
CA GLN D 148 -17.47 -45.27 -0.54
C GLN D 148 -16.19 -44.46 -0.61
N GLN D 149 -15.18 -44.95 -1.34
CA GLN D 149 -13.94 -44.21 -1.48
C GLN D 149 -14.16 -42.86 -2.16
N LYS D 150 -15.15 -42.77 -3.05
CA LYS D 150 -15.44 -41.49 -3.69
C LYS D 150 -16.06 -40.51 -2.69
N ALA D 151 -17.04 -40.97 -1.91
CA ALA D 151 -17.63 -40.12 -0.88
C ALA D 151 -16.61 -39.71 0.17
N LEU D 152 -15.71 -40.63 0.54
CA LEU D 152 -14.65 -40.30 1.48
C LEU D 152 -13.77 -39.18 0.94
N ALA D 153 -13.35 -39.29 -0.32
CA ALA D 153 -12.53 -38.24 -0.91
C ALA D 153 -13.29 -36.92 -1.01
N GLU D 154 -14.57 -36.99 -1.38
CA GLU D 154 -15.38 -35.78 -1.47
C GLU D 154 -15.55 -35.12 -0.12
N THR D 155 -15.86 -35.93 0.91
CA THR D 155 -16.01 -35.39 2.26
C THR D 155 -14.73 -34.71 2.73
N ASN D 156 -13.59 -35.37 2.55
CA ASN D 156 -12.31 -34.77 2.95
C ASN D 156 -12.02 -33.50 2.15
N ALA D 157 -12.42 -33.48 0.88
CA ALA D 157 -12.24 -32.27 0.08
C ALA D 157 -13.10 -31.13 0.61
N LEU D 158 -14.31 -31.43 1.07
CA LEU D 158 -15.19 -30.39 1.59
C LEU D 158 -14.72 -29.90 2.94
N CYS D 159 -14.28 -30.81 3.81
CA CYS D 159 -13.80 -30.40 5.13
C CYS D 159 -12.51 -29.59 5.02
N THR D 160 -11.61 -29.99 4.12
CA THR D 160 -10.35 -29.27 3.96
C THR D 160 -10.59 -27.83 3.50
N ASP D 161 -11.49 -27.63 2.53
CA ASP D 161 -11.76 -26.29 2.04
C ASP D 161 -12.36 -25.41 3.13
N SER D 162 -13.20 -26.00 3.99
CA SER D 162 -13.77 -25.22 5.09
C SER D 162 -12.72 -24.87 6.13
N LEU D 163 -11.79 -25.79 6.40
CA LEU D 163 -10.70 -25.50 7.32
C LEU D 163 -9.81 -24.39 6.79
N ILE D 164 -9.59 -24.36 5.47
CA ILE D 164 -8.81 -23.30 4.87
C ILE D 164 -9.52 -21.97 5.00
N ALA D 165 -10.85 -21.97 4.88
CA ALA D 165 -11.62 -20.74 5.01
C ALA D 165 -11.52 -20.18 6.42
N VAL D 166 -11.69 -21.03 7.44
CA VAL D 166 -11.59 -20.58 8.83
C VAL D 166 -10.19 -20.05 9.11
N GLU D 167 -9.17 -20.70 8.55
CA GLU D 167 -7.79 -20.26 8.77
C GLU D 167 -7.56 -18.87 8.19
N GLY D 168 -8.22 -18.54 7.08
CA GLY D 168 -8.09 -17.20 6.53
C GLY D 168 -8.62 -16.13 7.46
N VAL D 169 -9.70 -16.43 8.18
CA VAL D 169 -10.27 -15.47 9.11
C VAL D 169 -9.32 -15.23 10.28
N GLU D 170 -8.74 -16.30 10.83
CA GLU D 170 -7.82 -16.16 11.95
C GLU D 170 -6.63 -15.29 11.59
N LYS D 171 -5.99 -15.58 10.45
CA LYS D 171 -4.81 -14.83 10.05
C LYS D 171 -5.14 -13.38 9.72
N GLY D 172 -6.33 -13.13 9.18
CA GLY D 172 -6.75 -11.77 8.86
C GLY D 172 -6.79 -10.87 10.08
N LEU D 173 -7.54 -11.30 11.11
CA LEU D 173 -7.65 -10.49 12.32
C LEU D 173 -6.39 -10.54 13.15
N LYS D 174 -5.65 -11.66 13.12
CA LYS D 174 -4.40 -11.76 13.86
C LYS D 174 -3.43 -10.66 13.46
N GLY D 175 -3.41 -10.31 12.16
CA GLY D 175 -2.59 -9.19 11.72
C GLY D 175 -3.03 -7.87 12.32
N ALA D 176 -4.35 -7.62 12.34
CA ALA D 176 -4.88 -6.40 12.94
C ALA D 176 -4.61 -6.36 14.44
N TYR D 177 -4.88 -7.47 15.14
CA TYR D 177 -4.58 -7.53 16.56
C TYR D 177 -3.09 -7.34 16.83
N LEU D 178 -2.24 -7.85 15.93
CA LEU D 178 -0.80 -7.69 16.10
C LEU D 178 -0.39 -6.23 15.99
N ALA D 179 -0.90 -5.53 14.97
CA ALA D 179 -0.57 -4.11 14.79
C ALA D 179 -1.11 -3.27 15.94
N LEU D 180 -2.39 -3.48 16.27
CA LEU D 180 -3.01 -2.72 17.36
C LEU D 180 -2.30 -2.95 18.68
N GLU D 181 -1.88 -4.19 18.95
CA GLU D 181 -1.14 -4.48 20.18
C GLU D 181 0.19 -3.75 20.21
N ALA D 182 0.86 -3.64 19.06
CA ALA D 182 2.12 -2.92 18.98
C ALA D 182 1.93 -1.42 19.17
N ILE D 183 0.81 -0.86 18.69
CA ILE D 183 0.55 0.56 18.84
C ILE D 183 0.38 0.91 20.32
N ILE D 184 -0.44 0.15 21.03
CA ILE D 184 -0.65 0.40 22.45
C ILE D 184 0.66 0.25 23.23
N GLU D 185 1.47 -0.76 22.85
CA GLU D 185 2.74 -0.97 23.53
C GLU D 185 3.71 0.18 23.27
N ALA D 186 3.67 0.76 22.07
CA ALA D 186 4.56 1.89 21.76
C ALA D 186 4.21 3.12 22.58
N LEU D 187 2.92 3.41 22.74
CA LEU D 187 2.52 4.58 23.52
C LEU D 187 2.90 4.42 24.99
N GLU D 188 2.91 3.19 25.50
CA GLU D 188 3.29 2.96 26.89
C GLU D 188 4.80 3.15 27.09
N VAL D 189 5.59 2.94 26.05
CA VAL D 189 7.03 3.16 26.15
C VAL D 189 7.36 4.63 25.91
N ALA D 190 6.67 5.28 24.98
CA ALA D 190 6.88 6.69 24.68
C ALA D 190 6.01 7.52 25.62
N GLU D 191 6.52 7.77 26.83
CA GLU D 191 5.78 8.53 27.81
C GLU D 191 6.01 10.03 27.72
N ASP D 192 7.20 10.47 27.28
CA ASP D 192 7.49 11.89 27.18
C ASP D 192 7.20 12.41 25.78
N GLU D 193 7.33 13.73 25.63
CA GLU D 193 7.14 14.35 24.31
C GLU D 193 8.21 13.91 23.34
N GLU D 194 9.46 13.79 23.82
CA GLU D 194 10.56 13.36 22.96
C GLU D 194 10.32 11.98 22.38
N GLY D 195 9.87 11.05 23.22
CA GLY D 195 9.59 9.70 22.75
C GLY D 195 8.47 9.63 21.74
N LEU D 196 7.41 10.41 21.97
CA LEU D 196 6.25 10.38 21.08
C LEU D 196 6.61 10.79 19.66
N LYS D 197 7.57 11.71 19.50
CA LYS D 197 7.93 12.18 18.16
C LYS D 197 8.60 11.08 17.35
N ILE D 198 9.26 10.13 18.00
CA ILE D 198 9.92 9.05 17.27
C ILE D 198 8.91 8.05 16.74
N VAL D 199 7.93 7.68 17.58
CA VAL D 199 6.95 6.65 17.20
C VAL D 199 5.76 7.20 16.44
N ALA D 200 5.57 8.52 16.43
CA ALA D 200 4.40 9.12 15.79
C ALA D 200 4.28 8.70 14.33
N LYS D 201 5.37 8.79 13.57
CA LYS D 201 5.32 8.42 12.16
C LYS D 201 5.00 6.93 11.99
N ALA D 202 5.67 6.08 12.76
CA ALA D 202 5.43 4.64 12.67
C ALA D 202 4.02 4.28 13.12
N ILE D 203 3.53 4.93 14.18
CA ILE D 203 2.20 4.62 14.69
C ILE D 203 1.13 5.03 13.69
N LYS D 204 1.27 6.22 13.10
CA LYS D 204 0.29 6.68 12.11
C LYS D 204 0.22 5.74 10.92
N GLU D 205 1.37 5.29 10.42
CA GLU D 205 1.38 4.30 9.34
C GLU D 205 0.75 2.99 9.80
N ALA D 206 0.98 2.62 11.06
CA ALA D 206 0.40 1.37 11.58
C ALA D 206 -1.11 1.44 11.61
N ILE D 207 -1.67 2.59 11.97
CA ILE D 207 -3.13 2.74 12.00
C ILE D 207 -3.69 2.60 10.60
N LYS D 208 -2.98 3.10 9.60
CA LYS D 208 -3.41 2.96 8.21
C LYS D 208 -3.42 1.49 7.80
N LYS D 209 -2.31 0.80 8.03
CA LYS D 209 -2.21 -0.61 7.69
C LYS D 209 -3.16 -1.48 8.52
N ALA D 210 -3.39 -1.10 9.78
CA ALA D 210 -4.31 -1.87 10.62
C ALA D 210 -5.74 -1.84 10.09
N GLU D 211 -6.20 -0.66 9.66
CA GLU D 211 -7.56 -0.58 9.11
C GLU D 211 -7.65 -1.33 7.78
N GLU D 212 -6.58 -1.32 6.99
CA GLU D 212 -6.56 -2.12 5.77
C GLU D 212 -6.68 -3.60 6.09
N ALA D 213 -6.01 -4.05 7.15
CA ALA D 213 -6.10 -5.45 7.56
C ALA D 213 -7.52 -5.81 7.99
N ILE D 214 -8.20 -4.90 8.69
CA ILE D 214 -9.59 -5.14 9.07
C ILE D 214 -10.46 -5.29 7.83
N LYS D 215 -10.20 -4.47 6.80
CA LYS D 215 -10.94 -4.58 5.55
C LYS D 215 -10.68 -5.93 4.88
N LYS D 216 -9.41 -6.31 4.75
CA LYS D 216 -9.09 -7.62 4.19
C LYS D 216 -9.65 -8.75 5.02
N ALA D 217 -9.76 -8.57 6.34
CA ALA D 217 -10.35 -9.60 7.18
C ALA D 217 -11.84 -9.75 6.91
N GLU D 218 -12.56 -8.63 6.79
CA GLU D 218 -13.98 -8.69 6.47
C GLU D 218 -14.22 -9.41 5.14
N GLU D 219 -13.38 -9.14 4.14
CA GLU D 219 -13.46 -9.86 2.87
C GLU D 219 -13.32 -11.36 3.09
N ALA D 220 -12.30 -11.75 3.87
CA ALA D 220 -12.12 -13.17 4.18
C ALA D 220 -13.34 -13.74 4.89
N ILE D 221 -13.93 -12.98 5.81
CA ILE D 221 -15.12 -13.44 6.52
C ILE D 221 -16.27 -13.67 5.54
N LYS D 222 -16.42 -12.77 4.57
CA LYS D 222 -17.49 -12.93 3.58
C LYS D 222 -17.26 -14.16 2.71
N LEU D 223 -16.05 -14.29 2.16
CA LEU D 223 -15.75 -15.45 1.33
C LEU D 223 -15.81 -16.75 2.13
N ALA D 224 -15.35 -16.71 3.39
CA ALA D 224 -15.40 -17.91 4.22
C ALA D 224 -16.83 -18.30 4.53
N LYS D 225 -17.69 -17.31 4.77
CA LYS D 225 -19.10 -17.59 5.04
C LYS D 225 -19.74 -18.37 3.89
N GLU D 226 -19.63 -17.84 2.66
CA GLU D 226 -20.24 -18.51 1.52
C GLU D 226 -19.66 -19.90 1.29
N SER D 227 -18.34 -20.04 1.44
CA SER D 227 -17.69 -21.32 1.18
C SER D 227 -18.15 -22.37 2.18
N VAL D 228 -18.00 -22.09 3.47
CA VAL D 228 -18.32 -23.08 4.50
C VAL D 228 -19.82 -23.41 4.49
N GLU D 229 -20.67 -22.40 4.28
CA GLU D 229 -22.11 -22.64 4.25
C GLU D 229 -22.48 -23.64 3.17
N LYS D 230 -21.96 -23.44 1.96
CA LYS D 230 -22.26 -24.35 0.86
C LYS D 230 -21.69 -25.74 1.13
N ASN D 231 -20.44 -25.81 1.62
CA ASN D 231 -19.83 -27.11 1.88
C ASN D 231 -20.58 -27.86 2.97
N LEU D 232 -21.08 -27.15 3.98
CA LEU D 232 -21.86 -27.81 5.02
C LEU D 232 -23.20 -28.30 4.48
N GLU D 233 -23.73 -27.62 3.45
CA GLU D 233 -24.96 -28.06 2.83
C GLU D 233 -24.74 -29.32 1.98
N LYS D 234 -23.62 -29.37 1.26
CA LYS D 234 -23.30 -30.57 0.49
C LYS D 234 -23.12 -31.77 1.40
N LEU D 235 -22.51 -31.57 2.57
CA LEU D 235 -22.40 -32.63 3.55
C LEU D 235 -23.76 -33.01 4.12
N LYS D 236 -24.59 -32.01 4.42
CA LYS D 236 -25.94 -32.27 4.91
C LYS D 236 -26.75 -33.10 3.91
N ALA D 237 -26.60 -32.81 2.62
CA ALA D 237 -27.29 -33.56 1.59
C ALA D 237 -26.74 -34.99 1.46
N ASP E 5 6.90 24.78 16.77
CA ASP E 5 6.75 26.23 16.65
C ASP E 5 7.36 26.74 15.36
N LEU E 6 8.51 26.20 14.97
CA LEU E 6 9.11 26.56 13.69
C LEU E 6 8.20 26.17 12.53
N ARG E 7 7.64 24.97 12.58
CA ARG E 7 6.66 24.57 11.57
C ARG E 7 5.43 25.47 11.62
N ALA E 8 4.92 25.73 12.82
CA ALA E 8 3.79 26.63 12.98
C ALA E 8 4.12 28.03 12.48
N GLU E 9 5.38 28.46 12.61
CA GLU E 9 5.78 29.76 12.11
C GLU E 9 5.67 29.83 10.60
N LEU E 10 6.17 28.81 9.90
CA LEU E 10 6.08 28.78 8.45
C LEU E 10 4.64 28.66 7.97
N LEU E 11 3.85 27.81 8.63
CA LEU E 11 2.45 27.65 8.27
C LEU E 11 1.66 28.96 8.38
N LYS E 12 2.03 29.83 9.32
CA LYS E 12 1.34 31.10 9.46
C LYS E 12 1.63 32.02 8.29
N ALA E 13 2.92 32.21 7.98
CA ALA E 13 3.30 33.05 6.86
C ALA E 13 2.79 32.49 5.54
N LEU E 14 2.78 31.16 5.40
CA LEU E 14 2.26 30.54 4.19
C LEU E 14 0.77 30.82 4.02
N LEU E 15 -0.02 30.65 5.10
CA LEU E 15 -1.44 30.94 5.02
C LEU E 15 -1.69 32.40 4.62
N LYS E 16 -0.91 33.32 5.18
CA LYS E 16 -1.04 34.73 4.82
C LYS E 16 -0.70 34.94 3.34
N ALA E 17 0.38 34.31 2.86
CA ALA E 17 0.77 34.44 1.46
C ALA E 17 -0.32 33.93 0.52
N VAL E 18 -0.93 32.80 0.86
CA VAL E 18 -2.01 32.26 0.03
C VAL E 18 -3.21 33.20 0.03
N GLU E 19 -3.49 33.82 1.19
CA GLU E 19 -4.58 34.79 1.26
C GLU E 19 -4.33 35.97 0.34
N GLU E 20 -3.10 36.50 0.33
CA GLU E 20 -2.77 37.59 -0.57
C GLU E 20 -2.87 37.18 -2.03
N PHE E 21 -2.43 35.95 -2.35
CA PHE E 21 -2.56 35.44 -3.71
C PHE E 21 -4.01 35.41 -4.13
N LEU E 22 -4.89 34.91 -3.26
CA LEU E 22 -6.31 34.82 -3.57
C LEU E 22 -6.91 36.21 -3.77
N LYS E 23 -6.41 37.20 -3.03
CA LYS E 23 -6.87 38.57 -3.21
C LYS E 23 -6.53 39.10 -4.60
N ALA E 24 -5.26 39.00 -4.98
CA ALA E 24 -4.84 39.43 -6.32
C ALA E 24 -5.56 38.64 -7.41
N ALA E 25 -5.73 37.34 -7.21
CA ALA E 25 -6.41 36.51 -8.20
C ALA E 25 -7.84 36.97 -8.41
N GLU E 26 -8.53 37.36 -7.33
CA GLU E 26 -9.90 37.82 -7.45
C GLU E 26 -9.98 39.13 -8.23
N GLU E 27 -9.10 40.08 -7.89
CA GLU E 27 -9.06 41.35 -8.63
C GLU E 27 -8.76 41.11 -10.10
N ALA E 28 -7.79 40.24 -10.40
CA ALA E 28 -7.51 39.89 -11.79
C ALA E 28 -8.74 39.33 -12.47
N ILE E 29 -9.38 38.32 -11.87
CA ILE E 29 -10.56 37.70 -12.46
C ILE E 29 -11.67 38.74 -12.65
N LYS E 30 -11.85 39.60 -11.65
CA LYS E 30 -12.87 40.65 -11.75
C LYS E 30 -12.60 41.57 -12.92
N GLU E 31 -11.33 41.96 -13.11
CA GLU E 31 -11.00 42.90 -14.17
C GLU E 31 -10.91 42.23 -15.53
N LEU E 32 -10.33 41.02 -15.60
CA LEU E 32 -10.22 40.32 -16.87
C LEU E 32 -11.59 40.01 -17.44
N LEU E 33 -12.52 39.56 -16.59
CA LEU E 33 -13.88 39.28 -17.06
C LEU E 33 -14.59 40.56 -17.48
N GLU E 34 -14.26 41.69 -16.86
CA GLU E 34 -14.86 42.95 -17.27
C GLU E 34 -14.37 43.38 -18.65
N LEU E 35 -13.06 43.26 -18.89
CA LEU E 35 -12.53 43.54 -20.22
C LEU E 35 -13.12 42.60 -21.26
N LEU E 36 -13.42 41.36 -20.86
CA LEU E 36 -14.01 40.40 -21.79
C LEU E 36 -15.35 40.89 -22.33
N LYS E 37 -16.17 41.51 -21.47
CA LYS E 37 -17.46 42.02 -21.92
C LYS E 37 -17.29 43.03 -23.05
N LYS E 38 -16.45 44.04 -22.84
CA LYS E 38 -16.20 45.02 -23.90
C LYS E 38 -15.56 44.37 -25.11
N ALA E 39 -14.67 43.39 -24.89
CA ALA E 39 -14.03 42.71 -26.00
C ALA E 39 -15.06 41.94 -26.84
N LEU E 40 -16.03 41.30 -26.18
CA LEU E 40 -17.08 40.60 -26.93
C LEU E 40 -17.94 41.57 -27.73
N GLU E 41 -18.12 42.80 -27.24
CA GLU E 41 -18.88 43.80 -27.98
C GLU E 41 -18.17 44.19 -29.28
N VAL E 42 -16.86 44.46 -29.18
CA VAL E 42 -16.07 44.82 -30.36
C VAL E 42 -16.10 43.70 -31.40
N LEU E 43 -16.02 42.44 -30.94
CA LEU E 43 -16.02 41.32 -31.88
C LEU E 43 -17.34 41.20 -32.62
N LYS E 44 -18.46 41.35 -31.92
CA LYS E 44 -19.77 41.29 -32.59
C LYS E 44 -19.92 42.41 -33.60
N LYS E 45 -19.53 43.63 -33.22
CA LYS E 45 -19.61 44.77 -34.14
C LYS E 45 -18.77 44.57 -35.38
N LEU E 46 -17.68 43.79 -35.28
CA LEU E 46 -16.80 43.61 -36.42
C LEU E 46 -17.44 42.74 -37.49
N ASP E 47 -18.20 41.73 -37.09
CA ASP E 47 -18.92 40.87 -38.02
C ASP E 47 -20.25 40.46 -37.37
N PRO E 48 -21.30 41.26 -37.60
CA PRO E 48 -22.56 41.00 -36.88
C PRO E 48 -23.38 39.84 -37.42
N LYS E 49 -23.09 39.35 -38.63
CA LYS E 49 -23.87 38.27 -39.22
C LYS E 49 -23.14 36.93 -39.17
N SER E 50 -22.08 36.82 -38.37
CA SER E 50 -21.29 35.60 -38.29
C SER E 50 -21.80 34.72 -37.15
N LYS E 51 -22.24 33.51 -37.48
CA LYS E 51 -22.65 32.55 -36.45
C LYS E 51 -21.47 32.01 -35.66
N GLY E 52 -20.28 32.00 -36.26
CA GLY E 52 -19.09 31.59 -35.52
C GLY E 52 -18.81 32.51 -34.34
N VAL E 53 -18.86 33.82 -34.57
CA VAL E 53 -18.69 34.77 -33.48
C VAL E 53 -19.79 34.60 -32.44
N GLU E 54 -21.03 34.37 -32.89
CA GLU E 54 -22.13 34.18 -31.97
C GLU E 54 -21.88 32.99 -31.05
N ALA E 55 -21.36 31.89 -31.61
CA ALA E 55 -21.01 30.73 -30.79
C ALA E 55 -19.97 31.10 -29.73
N LEU E 56 -18.96 31.89 -30.12
CA LEU E 56 -17.93 32.30 -29.16
C LEU E 56 -18.51 33.20 -28.07
N VAL E 57 -19.41 34.12 -28.43
CA VAL E 57 -20.01 35.01 -27.44
C VAL E 57 -20.75 34.21 -26.37
N LYS E 58 -21.61 33.29 -26.80
CA LYS E 58 -22.28 32.39 -25.86
C LYS E 58 -21.26 31.56 -25.09
N GLY E 59 -20.28 31.00 -25.79
CA GLY E 59 -19.24 30.23 -25.12
C GLY E 59 -18.43 31.04 -24.14
N ALA E 60 -18.11 32.29 -24.50
CA ALA E 60 -17.32 33.13 -23.61
C ALA E 60 -18.12 33.48 -22.35
N LYS E 61 -19.41 33.74 -22.49
CA LYS E 61 -20.25 33.99 -21.31
C LYS E 61 -20.33 32.74 -20.44
N GLY E 62 -20.43 31.56 -21.06
CA GLY E 62 -20.43 30.33 -20.30
C GLY E 62 -19.13 30.11 -19.54
N ALA E 63 -18.00 30.35 -20.21
CA ALA E 63 -16.71 30.25 -19.55
C ALA E 63 -16.60 31.23 -18.40
N ALA E 64 -17.14 32.45 -18.58
CA ALA E 64 -17.12 33.44 -17.51
C ALA E 64 -17.90 32.96 -16.29
N LYS E 65 -19.03 32.29 -16.50
CA LYS E 65 -19.80 31.73 -15.39
C LYS E 65 -18.99 30.72 -14.60
N GLY E 66 -18.27 29.83 -15.30
CA GLY E 66 -17.46 28.84 -14.61
C GLY E 66 -16.32 29.44 -13.81
N ILE E 67 -15.76 30.56 -14.27
CA ILE E 67 -14.67 31.20 -13.55
C ILE E 67 -15.18 31.77 -12.22
N GLU E 68 -16.34 32.42 -12.23
CA GLU E 68 -16.90 32.95 -10.99
C GLU E 68 -17.27 31.83 -10.03
N ALA E 69 -17.91 30.78 -10.53
CA ALA E 69 -18.26 29.64 -9.70
C ALA E 69 -17.01 28.98 -9.10
N ALA E 70 -15.96 28.83 -9.91
CA ALA E 70 -14.75 28.18 -9.42
C ALA E 70 -14.07 29.02 -8.34
N MET E 71 -14.16 30.35 -8.43
CA MET E 71 -13.51 31.19 -7.44
C MET E 71 -14.29 31.25 -6.13
N LYS E 72 -15.62 31.17 -6.20
CA LYS E 72 -16.42 31.04 -4.98
C LYS E 72 -15.99 29.82 -4.17
N ILE E 73 -15.72 28.71 -4.86
CA ILE E 73 -15.20 27.52 -4.19
C ILE E 73 -13.86 27.83 -3.54
N ALA E 74 -12.99 28.56 -4.24
CA ALA E 74 -11.66 28.87 -3.71
C ALA E 74 -11.74 29.69 -2.43
N LYS E 75 -12.76 30.55 -2.31
CA LYS E 75 -12.93 31.32 -1.08
C LYS E 75 -13.32 30.41 0.08
N ALA E 76 -14.25 29.49 -0.15
CA ALA E 76 -14.69 28.57 0.90
C ALA E 76 -13.55 27.66 1.35
N VAL E 77 -12.79 27.11 0.39
CA VAL E 77 -11.69 26.22 0.74
C VAL E 77 -10.64 26.95 1.57
N LEU E 78 -10.42 28.23 1.30
CA LEU E 78 -9.48 29.01 2.11
C LEU E 78 -9.93 29.08 3.56
N GLU E 79 -11.24 29.21 3.79
CA GLU E 79 -11.75 29.25 5.15
C GLU E 79 -11.55 27.91 5.84
N VAL E 80 -11.88 26.80 5.17
CA VAL E 80 -11.59 25.48 5.69
C VAL E 80 -10.10 25.31 5.92
N ALA E 81 -9.28 25.89 5.03
CA ALA E 81 -7.83 25.82 5.21
C ALA E 81 -7.38 26.55 6.46
N LYS E 82 -8.03 27.67 6.78
CA LYS E 82 -7.65 28.43 7.97
C LYS E 82 -7.82 27.60 9.24
N ILE E 83 -8.94 26.89 9.35
CA ILE E 83 -9.18 26.08 10.55
C ILE E 83 -8.15 24.97 10.67
N LYS E 84 -7.89 24.26 9.57
CA LYS E 84 -6.90 23.19 9.59
C LYS E 84 -5.51 23.72 9.94
N VAL E 85 -5.20 24.95 9.54
CA VAL E 85 -3.94 25.56 9.91
C VAL E 85 -3.90 25.81 11.42
N GLU E 86 -4.99 26.35 11.97
CA GLU E 86 -5.07 26.56 13.41
C GLU E 86 -4.89 25.26 14.18
N LYS E 87 -5.55 24.18 13.72
CA LYS E 87 -5.40 22.90 14.39
C LYS E 87 -3.99 22.34 14.22
N ALA E 88 -3.33 22.62 13.10
CA ALA E 88 -1.95 22.18 12.93
C ALA E 88 -1.01 22.96 13.83
N ILE E 89 -1.27 24.26 14.02
CA ILE E 89 -0.47 25.05 14.96
C ILE E 89 -0.72 24.59 16.40
N ALA E 90 -1.96 24.25 16.72
CA ALA E 90 -2.30 23.77 18.06
C ALA E 90 -2.03 22.29 18.23
N GLY E 91 -1.55 21.60 17.19
CA GLY E 91 -1.23 20.19 17.30
C GLY E 91 -2.39 19.22 17.30
N GLU E 92 -3.61 19.67 17.01
CA GLU E 92 -4.73 18.72 17.02
C GLU E 92 -4.78 17.87 15.75
N VAL E 93 -4.41 18.45 14.61
CA VAL E 93 -4.47 17.76 13.32
C VAL E 93 -3.10 17.80 12.65
N ASP E 94 -2.80 16.76 11.90
CA ASP E 94 -1.55 16.69 11.15
C ASP E 94 -1.44 17.87 10.19
N PRO E 95 -0.28 18.53 10.11
CA PRO E 95 -0.13 19.65 9.18
C PRO E 95 -0.42 19.29 7.73
N GLU E 96 -0.36 18.00 7.37
CA GLU E 96 -0.62 17.59 6.00
C GLU E 96 -2.05 17.90 5.59
N GLU E 97 -3.01 17.79 6.51
CA GLU E 97 -4.38 18.17 6.20
C GLU E 97 -4.50 19.65 5.89
N ALA E 98 -3.69 20.48 6.56
CA ALA E 98 -3.71 21.91 6.27
C ALA E 98 -3.06 22.20 4.92
N LEU E 99 -1.97 21.52 4.60
CA LEU E 99 -1.31 21.71 3.31
C LEU E 99 -2.22 21.30 2.16
N ARG E 100 -2.93 20.17 2.30
CA ARG E 100 -3.85 19.74 1.26
C ARG E 100 -4.97 20.74 1.03
N ALA E 101 -5.41 21.43 2.09
CA ALA E 101 -6.43 22.45 1.96
C ALA E 101 -5.89 23.69 1.27
N LEU E 102 -4.71 24.16 1.69
CA LEU E 102 -4.08 25.32 1.07
C LEU E 102 -3.81 25.10 -0.42
N ARG E 103 -3.29 23.92 -0.77
CA ARG E 103 -3.01 23.63 -2.17
C ARG E 103 -4.29 23.66 -3.00
N ALA E 104 -5.39 23.12 -2.46
CA ALA E 104 -6.65 23.12 -3.19
C ALA E 104 -7.12 24.54 -3.48
N ALA E 105 -7.18 25.39 -2.44
CA ALA E 105 -7.57 26.78 -2.64
C ALA E 105 -6.64 27.49 -3.61
N LEU E 106 -5.34 27.20 -3.52
CA LEU E 106 -4.37 27.84 -4.42
C LEU E 106 -4.58 27.38 -5.86
N GLU E 107 -4.68 26.06 -6.08
CA GLU E 107 -4.75 25.53 -7.43
C GLU E 107 -6.08 25.88 -8.11
N ILE E 108 -7.18 25.89 -7.35
CA ILE E 108 -8.49 26.18 -7.93
C ILE E 108 -8.52 27.60 -8.48
N ALA E 109 -7.96 28.56 -7.72
CA ALA E 109 -7.98 29.95 -8.16
C ALA E 109 -7.14 30.14 -9.42
N PHE E 110 -5.90 29.65 -9.40
CA PHE E 110 -5.02 29.80 -10.56
C PHE E 110 -5.63 29.15 -11.80
N ALA E 111 -6.32 28.02 -11.61
CA ALA E 111 -7.01 27.39 -12.74
C ALA E 111 -8.04 28.31 -13.35
N ALA E 112 -8.88 28.93 -12.51
CA ALA E 112 -9.86 29.89 -13.00
C ALA E 112 -9.17 31.12 -13.58
N PHE E 113 -8.09 31.58 -12.93
CA PHE E 113 -7.35 32.73 -13.44
C PHE E 113 -6.73 32.43 -14.80
N GLU E 114 -6.06 31.28 -14.93
CA GLU E 114 -5.43 30.93 -16.19
C GLU E 114 -6.46 30.76 -17.31
N LEU E 115 -7.65 30.26 -16.97
CA LEU E 115 -8.70 30.15 -17.98
C LEU E 115 -9.22 31.52 -18.41
N ALA E 116 -9.32 32.46 -17.46
CA ALA E 116 -9.76 33.82 -17.80
C ALA E 116 -8.82 34.46 -18.80
N CYS E 117 -7.51 34.34 -18.56
CA CYS E 117 -6.53 34.88 -19.50
C CYS E 117 -6.65 34.21 -20.87
N GLU E 118 -6.95 32.91 -20.90
CA GLU E 118 -7.06 32.20 -22.16
C GLU E 118 -8.29 32.65 -22.95
N VAL E 119 -9.43 32.79 -22.28
CA VAL E 119 -10.65 33.22 -22.97
C VAL E 119 -10.47 34.64 -23.52
N LEU E 120 -9.88 35.53 -22.74
CA LEU E 120 -9.64 36.89 -23.20
C LEU E 120 -8.65 36.92 -24.36
N LYS E 121 -7.57 36.13 -24.24
CA LYS E 121 -6.59 36.04 -25.33
C LYS E 121 -7.27 35.56 -26.62
N LYS E 122 -8.08 34.50 -26.53
CA LYS E 122 -8.77 34.01 -27.72
C LYS E 122 -9.74 35.05 -28.28
N THR E 123 -10.36 35.85 -27.42
CA THR E 123 -11.28 36.89 -27.90
C THR E 123 -10.53 38.00 -28.62
N LEU E 124 -9.43 38.48 -28.02
CA LEU E 124 -8.62 39.50 -28.68
C LEU E 124 -8.05 38.99 -29.99
N GLU E 125 -7.61 37.73 -30.02
CA GLU E 125 -7.12 37.14 -31.26
C GLU E 125 -8.24 37.01 -32.29
N ALA E 126 -9.48 36.81 -31.84
CA ALA E 126 -10.60 36.74 -32.77
C ALA E 126 -10.87 38.10 -33.39
N ILE E 127 -10.87 39.16 -32.57
CA ILE E 127 -11.03 40.52 -33.09
C ILE E 127 -9.95 40.82 -34.12
N LYS E 128 -8.70 40.44 -33.81
CA LYS E 128 -7.61 40.64 -34.76
C LYS E 128 -7.81 39.83 -36.03
N ALA E 129 -8.20 38.56 -35.90
CA ALA E 129 -8.37 37.70 -37.07
C ALA E 129 -9.56 38.13 -37.93
N VAL E 130 -10.66 38.55 -37.29
CA VAL E 130 -11.83 38.97 -38.06
C VAL E 130 -11.54 40.26 -38.81
N ALA E 131 -10.87 41.21 -38.16
CA ALA E 131 -10.54 42.47 -38.82
C ALA E 131 -9.60 42.24 -40.00
N ASP E 132 -8.59 41.38 -39.84
CA ASP E 132 -7.69 41.08 -40.94
C ASP E 132 -8.44 40.55 -42.15
N ASP E 133 -9.48 39.74 -41.92
CA ASP E 133 -10.25 39.19 -43.02
C ASP E 133 -11.25 40.19 -43.58
N LYS E 134 -11.66 41.19 -42.79
CA LYS E 134 -12.59 42.19 -43.29
C LYS E 134 -11.87 43.26 -44.12
N TYR E 135 -10.75 43.77 -43.60
CA TYR E 135 -10.02 44.81 -44.33
C TYR E 135 -9.41 44.26 -45.61
N THR E 136 -8.82 43.07 -45.55
CA THR E 136 -8.25 42.46 -46.75
C THR E 136 -9.29 42.31 -47.85
N ALA E 137 -10.52 41.96 -47.48
CA ALA E 137 -11.60 41.89 -48.46
C ALA E 137 -11.89 43.25 -49.07
N ALA E 138 -11.73 44.33 -48.29
CA ALA E 138 -11.96 45.68 -48.81
C ALA E 138 -10.77 46.15 -49.65
N ILE E 139 -9.54 45.82 -49.23
CA ILE E 139 -8.37 46.18 -50.01
C ILE E 139 -8.44 45.56 -51.40
N LEU E 140 -8.77 44.27 -51.46
CA LEU E 140 -8.88 43.58 -52.74
C LEU E 140 -10.10 44.01 -53.53
N ALA E 141 -11.06 44.69 -52.90
CA ALA E 141 -12.25 45.19 -53.59
C ALA E 141 -12.08 46.61 -54.12
N GLY E 142 -10.93 47.24 -53.89
CA GLY E 142 -10.68 48.58 -54.38
C GLY E 142 -11.34 49.70 -53.61
N ASP E 143 -11.87 49.43 -52.42
CA ASP E 143 -12.52 50.47 -51.62
C ASP E 143 -11.47 51.24 -50.83
N ASN E 144 -10.70 52.06 -51.57
CA ASN E 144 -9.62 52.88 -51.04
C ASN E 144 -8.62 52.00 -50.30
N PRO E 145 -7.80 51.23 -51.02
CA PRO E 145 -6.86 50.32 -50.33
C PRO E 145 -5.87 51.02 -49.43
N ALA E 146 -5.53 52.28 -49.72
CA ALA E 146 -4.60 53.02 -48.86
C ALA E 146 -5.19 53.24 -47.48
N ALA E 147 -6.45 53.67 -47.43
CA ALA E 147 -7.10 53.92 -46.15
C ALA E 147 -7.38 52.63 -45.39
N GLN E 148 -7.75 51.57 -46.11
CA GLN E 148 -8.03 50.29 -45.45
C GLN E 148 -6.77 49.72 -44.81
N GLN E 149 -5.64 49.78 -45.53
CA GLN E 149 -4.39 49.31 -44.97
C GLN E 149 -4.00 50.10 -43.73
N LYS E 150 -4.40 51.37 -43.66
CA LYS E 150 -4.13 52.18 -42.47
C LYS E 150 -4.98 51.69 -41.29
N ALA E 151 -6.28 51.48 -41.51
CA ALA E 151 -7.13 50.93 -40.46
C ALA E 151 -6.70 49.53 -40.10
N LEU E 152 -6.30 48.73 -41.09
CA LEU E 152 -5.79 47.39 -40.83
C LEU E 152 -4.55 47.43 -39.96
N ALA E 153 -3.61 48.32 -40.28
CA ALA E 153 -2.38 48.42 -39.50
C ALA E 153 -2.66 48.88 -38.07
N GLU E 154 -3.56 49.86 -37.90
CA GLU E 154 -3.89 50.34 -36.57
C GLU E 154 -4.56 49.24 -35.75
N THR E 155 -5.51 48.52 -36.34
CA THR E 155 -6.20 47.44 -35.64
C THR E 155 -5.20 46.39 -35.14
N ASN E 156 -4.29 45.96 -36.00
CA ASN E 156 -3.30 44.96 -35.58
C ASN E 156 -2.42 45.51 -34.46
N ALA E 157 -2.10 46.80 -34.50
CA ALA E 157 -1.33 47.41 -33.43
C ALA E 157 -2.12 47.44 -32.11
N LEU E 158 -3.43 47.65 -32.20
CA LEU E 158 -4.25 47.72 -30.98
C LEU E 158 -4.45 46.34 -30.37
N CYS E 159 -4.69 45.32 -31.19
CA CYS E 159 -4.85 43.97 -30.67
C CYS E 159 -3.54 43.42 -30.11
N THR E 160 -2.42 43.69 -30.78
CA THR E 160 -1.14 43.14 -30.34
C THR E 160 -0.73 43.65 -28.96
N ASP E 161 -0.86 44.96 -28.72
CA ASP E 161 -0.48 45.50 -27.42
C ASP E 161 -1.39 44.98 -26.31
N SER E 162 -2.66 44.74 -26.61
CA SER E 162 -3.58 44.20 -25.61
C SER E 162 -3.20 42.77 -25.25
N LEU E 163 -2.76 41.98 -26.24
CA LEU E 163 -2.29 40.63 -25.96
C LEU E 163 -1.04 40.66 -25.07
N ILE E 164 -0.19 41.66 -25.26
CA ILE E 164 1.01 41.81 -24.43
C ILE E 164 0.61 42.14 -22.99
N ALA E 165 -0.44 42.95 -22.82
CA ALA E 165 -0.90 43.32 -21.49
C ALA E 165 -1.42 42.11 -20.72
N VAL E 166 -2.27 41.31 -21.37
CA VAL E 166 -2.82 40.12 -20.72
C VAL E 166 -1.71 39.13 -20.38
N GLU E 167 -0.72 38.99 -21.26
CA GLU E 167 0.37 38.06 -21.03
C GLU E 167 1.20 38.47 -19.80
N GLY E 168 1.36 39.77 -19.59
CA GLY E 168 2.06 40.22 -18.39
C GLY E 168 1.33 39.87 -17.11
N VAL E 169 0.00 39.94 -17.12
CA VAL E 169 -0.77 39.60 -15.94
C VAL E 169 -0.66 38.11 -15.62
N GLU E 170 -0.80 37.27 -16.66
CA GLU E 170 -0.71 35.82 -16.44
C GLU E 170 0.67 35.43 -15.90
N LYS E 171 1.73 35.95 -16.52
CA LYS E 171 3.08 35.59 -16.08
C LYS E 171 3.37 36.12 -14.69
N GLY E 172 2.78 37.25 -14.31
CA GLY E 172 2.99 37.76 -12.96
C GLY E 172 2.51 36.80 -11.88
N LEU E 173 1.24 36.39 -11.97
CA LEU E 173 0.69 35.48 -10.96
C LEU E 173 1.24 34.07 -11.10
N LYS E 174 1.53 33.63 -12.33
CA LYS E 174 2.11 32.31 -12.53
C LYS E 174 3.43 32.17 -11.79
N GLY E 175 4.23 33.24 -11.75
CA GLY E 175 5.45 33.22 -10.95
C GLY E 175 5.16 33.09 -9.46
N ALA E 176 4.17 33.84 -8.96
CA ALA E 176 3.78 33.72 -7.57
C ALA E 176 3.22 32.33 -7.26
N TYR E 177 2.36 31.82 -8.14
CA TYR E 177 1.83 30.47 -7.97
C TYR E 177 2.94 29.43 -7.94
N LEU E 178 4.00 29.65 -8.73
CA LEU E 178 5.12 28.71 -8.75
C LEU E 178 5.84 28.67 -7.40
N ALA E 179 6.09 29.84 -6.81
CA ALA E 179 6.79 29.89 -5.53
C ALA E 179 5.98 29.22 -4.43
N LEU E 180 4.69 29.58 -4.32
CA LEU E 180 3.84 28.97 -3.29
C LEU E 180 3.70 27.47 -3.50
N GLU E 181 3.58 27.03 -4.76
CA GLU E 181 3.46 25.60 -5.03
C GLU E 181 4.72 24.86 -4.62
N ALA E 182 5.89 25.48 -4.83
CA ALA E 182 7.14 24.86 -4.41
C ALA E 182 7.26 24.80 -2.88
N ILE E 183 6.74 25.81 -2.19
CA ILE E 183 6.79 25.83 -0.73
C ILE E 183 5.96 24.69 -0.16
N ILE E 184 4.75 24.49 -0.68
CA ILE E 184 3.88 23.43 -0.18
C ILE E 184 4.53 22.06 -0.38
N GLU E 185 5.20 21.86 -1.52
CA GLU E 185 5.87 20.59 -1.76
C GLU E 185 7.05 20.38 -0.82
N ALA E 186 7.75 21.46 -0.48
CA ALA E 186 8.89 21.34 0.44
C ALA E 186 8.44 20.94 1.84
N LEU E 187 7.34 21.54 2.32
CA LEU E 187 6.83 21.20 3.64
C LEU E 187 6.35 19.76 3.69
N GLU E 188 5.83 19.24 2.57
CA GLU E 188 5.37 17.86 2.53
C GLU E 188 6.53 16.87 2.54
N VAL E 189 7.69 17.28 2.02
CA VAL E 189 8.85 16.40 2.04
C VAL E 189 9.58 16.50 3.38
N ALA E 190 9.66 17.70 3.94
CA ALA E 190 10.33 17.92 5.22
C ALA E 190 9.32 17.68 6.35
N GLU E 191 9.13 16.41 6.68
CA GLU E 191 8.20 16.05 7.75
C GLU E 191 8.85 16.06 9.12
N ASP E 192 10.14 15.77 9.20
CA ASP E 192 10.83 15.73 10.48
C ASP E 192 11.42 17.10 10.82
N GLU E 193 11.94 17.21 12.04
CA GLU E 193 12.56 18.46 12.48
C GLU E 193 13.83 18.75 11.67
N GLU E 194 14.62 17.71 11.38
CA GLU E 194 15.85 17.90 10.63
C GLU E 194 15.56 18.47 9.24
N GLY E 195 14.59 17.89 8.54
CA GLY E 195 14.26 18.38 7.21
C GLY E 195 13.70 19.79 7.22
N LEU E 196 12.84 20.10 8.19
CA LEU E 196 12.22 21.42 8.25
C LEU E 196 13.27 22.51 8.43
N LYS E 197 14.34 22.24 9.16
CA LYS E 197 15.39 23.24 9.37
C LYS E 197 16.18 23.51 8.09
N ILE E 198 16.26 22.54 7.18
CA ILE E 198 17.01 22.73 5.95
C ILE E 198 16.26 23.66 4.99
N VAL E 199 14.94 23.47 4.87
CA VAL E 199 14.15 24.25 3.93
C VAL E 199 13.68 25.58 4.50
N ALA E 200 13.81 25.77 5.82
CA ALA E 200 13.33 27.00 6.46
C ALA E 200 13.94 28.24 5.81
N LYS E 201 15.26 28.23 5.58
CA LYS E 201 15.91 29.38 4.95
C LYS E 201 15.38 29.61 3.55
N ALA E 202 15.28 28.54 2.75
CA ALA E 202 14.78 28.69 1.39
C ALA E 202 13.32 29.12 1.37
N ILE E 203 12.52 28.59 2.29
CA ILE E 203 11.08 28.91 2.31
C ILE E 203 10.87 30.38 2.70
N LYS E 204 11.56 30.85 3.74
CA LYS E 204 11.38 32.23 4.18
C LYS E 204 11.73 33.22 3.08
N GLU E 205 12.86 33.01 2.40
CA GLU E 205 13.19 33.87 1.26
C GLU E 205 12.16 33.74 0.16
N ALA E 206 11.62 32.53 -0.04
CA ALA E 206 10.60 32.31 -1.06
C ALA E 206 9.33 33.08 -0.74
N ILE E 207 8.95 33.13 0.53
CA ILE E 207 7.72 33.84 0.92
C ILE E 207 7.84 35.33 0.61
N LYS E 208 9.02 35.91 0.83
CA LYS E 208 9.23 37.31 0.51
C LYS E 208 9.17 37.55 -1.00
N LYS E 209 9.90 36.74 -1.78
CA LYS E 209 9.88 36.90 -3.23
C LYS E 209 8.51 36.60 -3.81
N ALA E 210 7.76 35.67 -3.21
CA ALA E 210 6.41 35.38 -3.69
C ALA E 210 5.49 36.59 -3.49
N GLU E 211 5.57 37.23 -2.32
CA GLU E 211 4.75 38.42 -2.07
C GLU E 211 5.16 39.58 -2.95
N GLU E 212 6.46 39.71 -3.24
CA GLU E 212 6.91 40.73 -4.18
C GLU E 212 6.34 40.48 -5.57
N ALA E 213 6.28 39.21 -5.98
CA ALA E 213 5.69 38.88 -7.27
C ALA E 213 4.21 39.21 -7.33
N ILE E 214 3.49 38.96 -6.23
CA ILE E 214 2.07 39.31 -6.17
C ILE E 214 1.89 40.81 -6.32
N LYS E 215 2.76 41.60 -5.69
CA LYS E 215 2.70 43.05 -5.82
C LYS E 215 2.95 43.47 -7.26
N LYS E 216 4.01 42.95 -7.87
CA LYS E 216 4.28 43.24 -9.27
C LYS E 216 3.15 42.80 -10.18
N ALA E 217 2.44 41.73 -9.80
CA ALA E 217 1.29 41.30 -10.58
C ALA E 217 0.13 42.29 -10.45
N GLU E 218 -0.12 42.78 -9.23
CA GLU E 218 -1.17 43.78 -9.04
C GLU E 218 -0.92 45.03 -9.88
N GLU E 219 0.35 45.47 -9.95
CA GLU E 219 0.69 46.59 -10.82
C GLU E 219 0.34 46.29 -12.27
N ALA E 220 0.69 45.09 -12.74
CA ALA E 220 0.33 44.69 -14.10
C ALA E 220 -1.19 44.70 -14.29
N ILE E 221 -1.92 44.25 -13.27
CA ILE E 221 -3.39 44.27 -13.35
C ILE E 221 -3.88 45.70 -13.50
N LYS E 222 -3.26 46.65 -12.80
CA LYS E 222 -3.66 48.05 -12.91
C LYS E 222 -3.42 48.59 -14.31
N LEU E 223 -2.22 48.38 -14.85
CA LEU E 223 -1.91 48.85 -16.19
C LEU E 223 -2.76 48.16 -17.26
N ALA E 224 -3.07 46.88 -17.06
CA ALA E 224 -3.81 46.14 -18.07
C ALA E 224 -5.22 46.68 -18.29
N LYS E 225 -5.92 47.05 -17.22
CA LYS E 225 -7.25 47.64 -17.39
C LYS E 225 -7.18 48.91 -18.21
N GLU E 226 -6.31 49.84 -17.80
CA GLU E 226 -6.19 51.11 -18.52
C GLU E 226 -5.78 50.90 -19.97
N SER E 227 -4.83 50.00 -20.21
CA SER E 227 -4.36 49.76 -21.57
C SER E 227 -5.44 49.15 -22.45
N VAL E 228 -5.99 48.01 -22.03
CA VAL E 228 -6.95 47.27 -22.87
C VAL E 228 -8.23 48.07 -23.06
N GLU E 229 -8.70 48.74 -22.01
CA GLU E 229 -9.93 49.53 -22.13
C GLU E 229 -9.77 50.62 -23.18
N LYS E 230 -8.65 51.34 -23.14
CA LYS E 230 -8.40 52.39 -24.14
C LYS E 230 -8.27 51.80 -25.54
N ASN E 231 -7.53 50.70 -25.67
CA ASN E 231 -7.34 50.09 -26.99
C ASN E 231 -8.65 49.56 -27.56
N LEU E 232 -9.53 49.02 -26.71
CA LEU E 232 -10.80 48.51 -27.18
C LEU E 232 -11.73 49.62 -27.65
N GLU E 233 -11.57 50.83 -27.11
CA GLU E 233 -12.40 51.94 -27.56
C GLU E 233 -12.00 52.41 -28.95
N LYS E 234 -10.69 52.46 -29.22
CA LYS E 234 -10.23 52.85 -30.56
C LYS E 234 -10.69 51.88 -31.62
N LEU E 235 -10.72 50.57 -31.30
CA LEU E 235 -11.22 49.59 -32.26
C LEU E 235 -12.71 49.79 -32.50
N LYS E 236 -13.48 49.95 -31.43
CA LYS E 236 -14.90 50.26 -31.55
C LYS E 236 -15.10 51.57 -32.31
N ALA E 237 -14.21 52.53 -32.07
CA ALA E 237 -14.25 53.83 -32.74
C ALA E 237 -13.90 53.70 -34.22
N ASP F 5 -26.81 14.73 6.27
CA ASP F 5 -27.93 15.12 5.41
C ASP F 5 -27.46 16.12 4.36
N LEU F 6 -26.63 17.06 4.79
CA LEU F 6 -26.04 18.03 3.87
C LEU F 6 -25.15 17.36 2.84
N ARG F 7 -24.33 16.39 3.28
CA ARG F 7 -23.47 15.66 2.36
C ARG F 7 -24.28 14.91 1.32
N ALA F 8 -25.32 14.19 1.76
CA ALA F 8 -26.17 13.48 0.81
C ALA F 8 -26.85 14.43 -0.16
N GLU F 9 -27.20 15.63 0.31
CA GLU F 9 -27.81 16.62 -0.57
C GLU F 9 -26.84 17.09 -1.64
N LEU F 10 -25.59 17.39 -1.25
CA LEU F 10 -24.60 17.86 -2.21
C LEU F 10 -24.28 16.78 -3.24
N LEU F 11 -24.13 15.52 -2.80
CA LEU F 11 -23.82 14.44 -3.73
C LEU F 11 -24.89 14.28 -4.80
N LYS F 12 -26.15 14.53 -4.46
CA LYS F 12 -27.23 14.41 -5.44
C LYS F 12 -27.17 15.52 -6.47
N ALA F 13 -27.07 16.78 -6.03
CA ALA F 13 -27.01 17.90 -6.95
C ALA F 13 -25.77 17.82 -7.84
N LEU F 14 -24.65 17.36 -7.28
CA LEU F 14 -23.45 17.18 -8.08
C LEU F 14 -23.65 16.07 -9.11
N LEU F 15 -24.21 14.93 -8.69
CA LEU F 15 -24.46 13.84 -9.63
C LEU F 15 -25.38 14.26 -10.76
N LYS F 16 -26.44 14.99 -10.46
CA LYS F 16 -27.34 15.47 -11.50
C LYS F 16 -26.63 16.41 -12.46
N ALA F 17 -25.84 17.34 -11.93
CA ALA F 17 -25.09 18.27 -12.77
C ALA F 17 -24.10 17.54 -13.68
N VAL F 18 -23.42 16.53 -13.15
CA VAL F 18 -22.47 15.76 -13.96
C VAL F 18 -23.20 15.02 -15.08
N GLU F 19 -24.40 14.51 -14.79
CA GLU F 19 -25.18 13.85 -15.83
C GLU F 19 -25.49 14.81 -16.98
N GLU F 20 -25.84 16.06 -16.64
CA GLU F 20 -26.07 17.07 -17.66
C GLU F 20 -24.80 17.35 -18.47
N PHE F 21 -23.65 17.35 -17.80
CA PHE F 21 -22.38 17.59 -18.49
C PHE F 21 -22.13 16.52 -19.56
N LEU F 22 -22.32 15.25 -19.22
CA LEU F 22 -22.08 14.18 -20.18
C LEU F 22 -23.04 14.24 -21.37
N LYS F 23 -24.27 14.70 -21.14
CA LYS F 23 -25.20 14.86 -22.26
C LYS F 23 -24.69 15.89 -23.24
N ALA F 24 -24.36 17.09 -22.75
CA ALA F 24 -23.80 18.13 -23.60
C ALA F 24 -22.50 17.67 -24.25
N ALA F 25 -21.65 16.99 -23.48
CA ALA F 25 -20.38 16.49 -24.02
C ALA F 25 -20.62 15.50 -25.15
N GLU F 26 -21.63 14.64 -25.01
CA GLU F 26 -21.95 13.66 -26.05
C GLU F 26 -22.48 14.37 -27.30
N GLU F 27 -23.38 15.34 -27.13
CA GLU F 27 -23.89 16.10 -28.25
C GLU F 27 -22.77 16.79 -29.01
N ALA F 28 -21.85 17.43 -28.28
CA ALA F 28 -20.69 18.06 -28.90
C ALA F 28 -19.85 17.05 -29.67
N ILE F 29 -19.50 15.93 -29.03
CA ILE F 29 -18.64 14.93 -29.67
C ILE F 29 -19.28 14.39 -30.95
N LYS F 30 -20.58 14.09 -30.91
CA LYS F 30 -21.26 13.60 -32.10
C LYS F 30 -21.19 14.62 -33.24
N GLU F 31 -21.38 15.89 -32.92
CA GLU F 31 -21.44 16.91 -33.97
C GLU F 31 -20.04 17.27 -34.46
N LEU F 32 -19.07 17.37 -33.54
CA LEU F 32 -17.70 17.68 -33.95
C LEU F 32 -17.13 16.59 -34.85
N LEU F 33 -17.36 15.32 -34.51
CA LEU F 33 -16.88 14.22 -35.35
C LEU F 33 -17.57 14.21 -36.70
N GLU F 34 -18.81 14.68 -36.76
CA GLU F 34 -19.50 14.78 -38.04
C GLU F 34 -18.86 15.85 -38.92
N LEU F 35 -18.56 17.01 -38.33
CA LEU F 35 -17.87 18.07 -39.06
C LEU F 35 -16.49 17.63 -39.54
N LEU F 36 -15.80 16.79 -38.75
CA LEU F 36 -14.46 16.35 -39.12
C LEU F 36 -14.44 15.59 -40.45
N LYS F 37 -15.42 14.71 -40.67
CA LYS F 37 -15.46 13.96 -41.93
C LYS F 37 -15.56 14.90 -43.12
N LYS F 38 -16.50 15.84 -43.09
CA LYS F 38 -16.65 16.79 -44.19
C LYS F 38 -15.40 17.64 -44.34
N ALA F 39 -14.77 18.01 -43.22
CA ALA F 39 -13.54 18.78 -43.29
C ALA F 39 -12.41 17.96 -43.91
N LEU F 40 -12.33 16.67 -43.57
CA LEU F 40 -11.33 15.80 -44.17
C LEU F 40 -11.56 15.61 -45.67
N GLU F 41 -12.82 15.62 -46.11
CA GLU F 41 -13.11 15.52 -47.53
C GLU F 41 -12.61 16.75 -48.28
N VAL F 42 -12.89 17.94 -47.75
CA VAL F 42 -12.43 19.18 -48.36
C VAL F 42 -10.92 19.20 -48.47
N LEU F 43 -10.24 18.71 -47.43
CA LEU F 43 -8.77 18.69 -47.44
C LEU F 43 -8.23 17.77 -48.53
N LYS F 44 -8.83 16.59 -48.69
CA LYS F 44 -8.37 15.66 -49.73
C LYS F 44 -8.55 16.26 -51.12
N LYS F 45 -9.72 16.83 -51.40
CA LYS F 45 -9.94 17.46 -52.70
C LYS F 45 -8.99 18.62 -52.94
N LEU F 46 -8.59 19.31 -51.86
CA LEU F 46 -7.69 20.45 -52.01
C LEU F 46 -6.27 19.99 -52.33
N ASP F 47 -5.85 18.86 -51.76
CA ASP F 47 -4.52 18.31 -52.02
C ASP F 47 -4.61 16.79 -52.06
N PRO F 48 -4.92 16.22 -53.22
CA PRO F 48 -5.12 14.76 -53.30
C PRO F 48 -3.83 13.97 -53.45
N LYS F 49 -2.71 14.59 -53.82
CA LYS F 49 -1.47 13.88 -54.09
C LYS F 49 -0.45 14.03 -52.97
N SER F 50 -0.86 14.54 -51.81
CA SER F 50 0.05 14.77 -50.69
C SER F 50 0.01 13.59 -49.73
N LYS F 51 1.16 12.96 -49.50
CA LYS F 51 1.23 11.92 -48.49
C LYS F 51 1.10 12.49 -47.09
N GLY F 52 1.48 13.75 -46.89
CA GLY F 52 1.25 14.40 -45.61
C GLY F 52 -0.22 14.53 -45.27
N VAL F 53 -1.02 14.97 -46.25
CA VAL F 53 -2.47 15.06 -46.04
C VAL F 53 -3.05 13.67 -45.79
N GLU F 54 -2.58 12.66 -46.53
CA GLU F 54 -3.06 11.30 -46.33
C GLU F 54 -2.74 10.80 -44.92
N ALA F 55 -1.53 11.10 -44.43
CA ALA F 55 -1.17 10.74 -43.06
C ALA F 55 -2.12 11.38 -42.06
N LEU F 56 -2.47 12.65 -42.29
CA LEU F 56 -3.40 13.33 -41.39
C LEU F 56 -4.77 12.67 -41.41
N VAL F 57 -5.24 12.27 -42.60
CA VAL F 57 -6.55 11.62 -42.70
C VAL F 57 -6.55 10.32 -41.90
N LYS F 58 -5.54 9.48 -42.10
CA LYS F 58 -5.42 8.26 -41.31
C LYS F 58 -5.31 8.58 -39.82
N GLY F 59 -4.49 9.56 -39.46
CA GLY F 59 -4.38 9.94 -38.06
C GLY F 59 -5.68 10.47 -37.49
N ALA F 60 -6.42 11.25 -38.29
CA ALA F 60 -7.68 11.78 -37.81
C ALA F 60 -8.72 10.68 -37.62
N LYS F 61 -8.73 9.69 -38.53
CA LYS F 61 -9.64 8.57 -38.37
C LYS F 61 -9.32 7.77 -37.11
N GLY F 62 -8.02 7.57 -36.83
CA GLY F 62 -7.64 6.88 -35.61
C GLY F 62 -8.06 7.63 -34.36
N ALA F 63 -7.82 8.95 -34.34
CA ALA F 63 -8.24 9.77 -33.21
C ALA F 63 -9.75 9.73 -33.03
N ALA F 64 -10.49 9.74 -34.14
CA ALA F 64 -11.96 9.68 -34.05
C ALA F 64 -12.42 8.38 -33.41
N LYS F 65 -11.77 7.27 -33.75
CA LYS F 65 -12.12 5.99 -33.13
C LYS F 65 -11.91 6.02 -31.62
N GLY F 66 -10.77 6.56 -31.18
CA GLY F 66 -10.50 6.64 -29.76
C GLY F 66 -11.46 7.54 -29.01
N ILE F 67 -11.96 8.59 -29.65
CA ILE F 67 -12.91 9.49 -29.02
C ILE F 67 -14.24 8.78 -28.78
N GLU F 68 -14.71 8.02 -29.79
CA GLU F 68 -15.96 7.28 -29.63
C GLU F 68 -15.85 6.24 -28.54
N ALA F 69 -14.76 5.47 -28.53
CA ALA F 69 -14.54 4.48 -27.49
C ALA F 69 -14.47 5.12 -26.11
N ALA F 70 -13.79 6.28 -26.01
CA ALA F 70 -13.61 6.91 -24.71
C ALA F 70 -14.92 7.37 -24.10
N MET F 71 -15.88 7.81 -24.93
CA MET F 71 -17.15 8.28 -24.39
C MET F 71 -18.06 7.12 -23.98
N LYS F 72 -18.00 6.01 -24.71
CA LYS F 72 -18.72 4.81 -24.28
C LYS F 72 -18.30 4.39 -22.88
N ILE F 73 -17.00 4.46 -22.58
CA ILE F 73 -16.52 4.22 -21.22
C ILE F 73 -17.09 5.25 -20.26
N ALA F 74 -17.11 6.52 -20.66
CA ALA F 74 -17.59 7.58 -19.77
C ALA F 74 -19.04 7.40 -19.41
N LYS F 75 -19.85 6.86 -20.33
CA LYS F 75 -21.26 6.60 -20.02
C LYS F 75 -21.38 5.48 -19.00
N ALA F 76 -20.63 4.40 -19.19
CA ALA F 76 -20.67 3.27 -18.27
C ALA F 76 -20.18 3.68 -16.88
N VAL F 77 -19.07 4.42 -16.80
CA VAL F 77 -18.55 4.87 -15.51
C VAL F 77 -19.57 5.74 -14.80
N LEU F 78 -20.35 6.52 -15.55
CA LEU F 78 -21.42 7.30 -14.95
C LEU F 78 -22.45 6.41 -14.29
N GLU F 79 -22.75 5.26 -14.91
CA GLU F 79 -23.70 4.31 -14.33
C GLU F 79 -23.17 3.71 -13.03
N VAL F 80 -21.89 3.30 -13.04
CA VAL F 80 -21.25 2.84 -11.80
C VAL F 80 -21.27 3.94 -10.75
N ALA F 81 -21.08 5.19 -11.18
CA ALA F 81 -21.14 6.31 -10.24
C ALA F 81 -22.52 6.46 -9.63
N LYS F 82 -23.58 6.23 -10.42
CA LYS F 82 -24.94 6.36 -9.91
C LYS F 82 -25.19 5.41 -8.76
N ILE F 83 -24.77 4.15 -8.90
CA ILE F 83 -24.97 3.17 -7.84
C ILE F 83 -24.16 3.55 -6.61
N LYS F 84 -22.89 3.94 -6.81
CA LYS F 84 -22.02 4.31 -5.70
C LYS F 84 -22.55 5.52 -4.95
N VAL F 85 -23.22 6.44 -5.64
CA VAL F 85 -23.82 7.59 -4.96
C VAL F 85 -24.95 7.15 -4.05
N GLU F 86 -25.84 6.29 -4.56
CA GLU F 86 -26.92 5.75 -3.74
C GLU F 86 -26.37 5.01 -2.53
N LYS F 87 -25.34 4.17 -2.74
CA LYS F 87 -24.75 3.45 -1.63
C LYS F 87 -24.02 4.38 -0.65
N ALA F 88 -23.46 5.48 -1.17
CA ALA F 88 -22.84 6.46 -0.27
C ALA F 88 -23.89 7.20 0.55
N ILE F 89 -25.04 7.47 -0.05
CA ILE F 89 -26.15 8.04 0.70
C ILE F 89 -26.68 7.04 1.71
N ALA F 90 -26.68 5.76 1.36
CA ALA F 90 -27.13 4.70 2.26
C ALA F 90 -26.06 4.29 3.26
N GLY F 91 -24.88 4.91 3.23
CA GLY F 91 -23.85 4.64 4.20
C GLY F 91 -23.10 3.33 4.06
N GLU F 92 -23.29 2.61 2.95
CA GLU F 92 -22.61 1.33 2.79
C GLU F 92 -21.17 1.50 2.35
N VAL F 93 -20.88 2.51 1.53
CA VAL F 93 -19.54 2.72 0.98
C VAL F 93 -19.10 4.13 1.33
N ASP F 94 -17.78 4.29 1.51
CA ASP F 94 -17.21 5.60 1.80
C ASP F 94 -17.53 6.56 0.66
N PRO F 95 -18.02 7.77 0.95
CA PRO F 95 -18.35 8.72 -0.14
C PRO F 95 -17.19 9.07 -1.05
N GLU F 96 -15.93 8.90 -0.60
CA GLU F 96 -14.80 9.24 -1.45
C GLU F 96 -14.74 8.36 -2.70
N GLU F 97 -15.17 7.10 -2.59
CA GLU F 97 -15.23 6.24 -3.77
C GLU F 97 -16.23 6.79 -4.79
N ALA F 98 -17.30 7.43 -4.33
CA ALA F 98 -18.26 8.02 -5.25
C ALA F 98 -17.69 9.26 -5.93
N LEU F 99 -16.94 10.08 -5.19
CA LEU F 99 -16.32 11.26 -5.79
C LEU F 99 -15.32 10.86 -6.86
N ARG F 100 -14.48 9.86 -6.58
CA ARG F 100 -13.53 9.39 -7.58
C ARG F 100 -14.24 8.79 -8.78
N ALA F 101 -15.41 8.17 -8.57
CA ALA F 101 -16.19 7.64 -9.69
C ALA F 101 -16.78 8.78 -10.52
N LEU F 102 -17.35 9.79 -9.85
CA LEU F 102 -17.85 10.96 -10.56
C LEU F 102 -16.72 11.68 -11.27
N ARG F 103 -15.58 11.82 -10.61
CA ARG F 103 -14.42 12.46 -11.22
C ARG F 103 -13.97 11.70 -12.47
N ALA F 104 -13.97 10.36 -12.41
CA ALA F 104 -13.55 9.56 -13.56
C ALA F 104 -14.45 9.79 -14.76
N ALA F 105 -15.77 9.68 -14.58
CA ALA F 105 -16.70 9.94 -15.67
C ALA F 105 -16.54 11.35 -16.21
N LEU F 106 -16.33 12.33 -15.33
CA LEU F 106 -16.16 13.71 -15.76
C LEU F 106 -14.88 13.89 -16.57
N GLU F 107 -13.75 13.38 -16.05
CA GLU F 107 -12.46 13.60 -16.70
C GLU F 107 -12.38 12.86 -18.04
N ILE F 108 -12.94 11.64 -18.09
CA ILE F 108 -12.89 10.86 -19.33
C ILE F 108 -13.66 11.57 -20.43
N ALA F 109 -14.83 12.12 -20.11
CA ALA F 109 -15.65 12.79 -21.11
C ALA F 109 -14.95 14.04 -21.64
N PHE F 110 -14.50 14.91 -20.74
CA PHE F 110 -13.83 16.13 -21.18
C PHE F 110 -12.56 15.83 -21.96
N ALA F 111 -11.84 14.77 -21.58
CA ALA F 111 -10.63 14.39 -22.31
C ALA F 111 -10.95 14.05 -23.76
N ALA F 112 -11.98 13.24 -23.98
CA ALA F 112 -12.40 12.92 -25.34
C ALA F 112 -12.92 14.16 -26.06
N PHE F 113 -13.61 15.04 -25.34
CA PHE F 113 -14.12 16.27 -25.94
C PHE F 113 -12.98 17.17 -26.40
N GLU F 114 -11.98 17.39 -25.54
CA GLU F 114 -10.87 18.28 -25.90
C GLU F 114 -10.09 17.74 -27.08
N LEU F 115 -9.95 16.42 -27.20
CA LEU F 115 -9.25 15.86 -28.36
C LEU F 115 -10.02 16.11 -29.64
N ALA F 116 -11.35 15.99 -29.58
CA ALA F 116 -12.16 16.27 -30.77
C ALA F 116 -11.97 17.70 -31.24
N CYS F 117 -11.97 18.66 -30.30
CA CYS F 117 -11.74 20.05 -30.67
C CYS F 117 -10.35 20.24 -31.27
N GLU F 118 -9.35 19.53 -30.75
CA GLU F 118 -7.99 19.68 -31.26
C GLU F 118 -7.86 19.12 -32.67
N VAL F 119 -8.43 17.94 -32.91
CA VAL F 119 -8.35 17.34 -34.25
C VAL F 119 -9.06 18.22 -35.27
N LEU F 120 -10.24 18.73 -34.93
CA LEU F 120 -10.96 19.62 -35.83
C LEU F 120 -10.20 20.93 -36.01
N LYS F 121 -9.65 21.48 -34.93
CA LYS F 121 -8.85 22.69 -35.01
C LYS F 121 -7.69 22.53 -35.99
N LYS F 122 -6.93 21.44 -35.82
CA LYS F 122 -5.80 21.19 -36.71
C LYS F 122 -6.25 20.95 -38.15
N THR F 123 -7.42 20.32 -38.34
CA THR F 123 -7.90 20.06 -39.69
C THR F 123 -8.29 21.36 -40.39
N LEU F 124 -9.04 22.22 -39.71
CA LEU F 124 -9.40 23.50 -40.29
C LEU F 124 -8.15 24.34 -40.56
N GLU F 125 -7.19 24.32 -39.63
CA GLU F 125 -5.93 25.02 -39.85
C GLU F 125 -5.13 24.40 -40.98
N ALA F 126 -5.26 23.08 -41.19
CA ALA F 126 -4.56 22.43 -42.29
C ALA F 126 -5.15 22.86 -43.63
N ILE F 127 -6.48 22.87 -43.74
CA ILE F 127 -7.14 23.36 -44.95
C ILE F 127 -6.71 24.79 -45.26
N LYS F 128 -6.65 25.64 -44.23
CA LYS F 128 -6.22 27.02 -44.42
C LYS F 128 -4.79 27.09 -44.89
N ALA F 129 -3.90 26.30 -44.29
CA ALA F 129 -2.49 26.33 -44.68
C ALA F 129 -2.29 25.76 -46.08
N VAL F 130 -3.02 24.70 -46.42
CA VAL F 130 -2.90 24.10 -47.75
C VAL F 130 -3.45 25.05 -48.81
N ALA F 131 -4.60 25.68 -48.54
CA ALA F 131 -5.16 26.63 -49.49
C ALA F 131 -4.24 27.84 -49.67
N ASP F 132 -3.68 28.36 -48.57
CA ASP F 132 -2.76 29.48 -48.67
C ASP F 132 -1.57 29.14 -49.55
N ASP F 133 -1.09 27.90 -49.49
CA ASP F 133 0.04 27.48 -50.30
C ASP F 133 -0.33 27.15 -51.74
N LYS F 134 -1.60 26.81 -52.00
CA LYS F 134 -2.03 26.48 -53.35
C LYS F 134 -2.29 27.74 -54.17
N TYR F 135 -3.03 28.70 -53.61
CA TYR F 135 -3.34 29.93 -54.34
C TYR F 135 -2.10 30.79 -54.55
N THR F 136 -1.26 30.92 -53.51
CA THR F 136 -0.03 31.70 -53.63
C THR F 136 0.84 31.18 -54.77
N ALA F 137 0.90 29.86 -54.95
CA ALA F 137 1.64 29.30 -56.07
C ALA F 137 1.05 29.73 -57.41
N ALA F 138 -0.26 29.91 -57.49
CA ALA F 138 -0.90 30.35 -58.73
C ALA F 138 -0.72 31.86 -58.94
N ILE F 139 -0.77 32.64 -57.86
CA ILE F 139 -0.56 34.08 -57.96
C ILE F 139 0.83 34.38 -58.53
N LEU F 140 1.85 33.72 -57.99
CA LEU F 140 3.22 33.92 -58.46
C LEU F 140 3.45 33.34 -59.84
N ALA F 141 2.58 32.46 -60.32
CA ALA F 141 2.70 31.88 -61.64
C ALA F 141 1.94 32.64 -62.71
N GLY F 142 1.25 33.72 -62.34
CA GLY F 142 0.53 34.52 -63.30
C GLY F 142 -0.77 33.92 -63.79
N ASP F 143 -1.29 32.89 -63.11
CA ASP F 143 -2.53 32.23 -63.51
C ASP F 143 -3.71 33.02 -62.95
N ASN F 144 -3.95 34.19 -63.56
CA ASN F 144 -5.02 35.11 -63.18
C ASN F 144 -4.85 35.50 -61.72
N PRO F 145 -3.86 36.34 -61.39
CA PRO F 145 -3.63 36.68 -59.97
C PRO F 145 -4.80 37.38 -59.31
N ALA F 146 -5.64 38.09 -60.06
CA ALA F 146 -6.78 38.78 -59.47
C ALA F 146 -7.77 37.80 -58.86
N ALA F 147 -8.12 36.76 -59.61
CA ALA F 147 -9.09 35.79 -59.11
C ALA F 147 -8.53 34.94 -57.99
N GLN F 148 -7.23 34.60 -58.08
CA GLN F 148 -6.62 33.75 -57.05
C GLN F 148 -6.59 34.44 -55.70
N GLN F 149 -6.21 35.73 -55.67
CA GLN F 149 -6.17 36.47 -54.42
C GLN F 149 -7.55 36.57 -53.78
N LYS F 150 -8.60 36.61 -54.59
CA LYS F 150 -9.97 36.66 -54.04
C LYS F 150 -10.34 35.34 -53.38
N ALA F 151 -10.09 34.22 -54.06
CA ALA F 151 -10.36 32.92 -53.48
C ALA F 151 -9.54 32.68 -52.23
N LEU F 152 -8.27 33.12 -52.23
CA LEU F 152 -7.44 33.02 -51.05
C LEU F 152 -8.03 33.79 -49.88
N ALA F 153 -8.48 35.03 -50.13
CA ALA F 153 -9.08 35.83 -49.07
C ALA F 153 -10.37 35.20 -48.56
N GLU F 154 -11.20 34.70 -49.48
CA GLU F 154 -12.47 34.07 -49.08
C GLU F 154 -12.22 32.82 -48.25
N THR F 155 -11.32 31.95 -48.70
CA THR F 155 -11.04 30.71 -47.98
C THR F 155 -10.55 30.99 -46.56
N ASN F 156 -9.59 31.91 -46.42
CA ASN F 156 -9.10 32.25 -45.08
C ASN F 156 -10.19 32.84 -44.21
N ALA F 157 -11.11 33.60 -44.81
CA ALA F 157 -12.24 34.14 -44.05
C ALA F 157 -13.15 33.02 -43.56
N LEU F 158 -13.35 31.97 -44.36
CA LEU F 158 -14.22 30.88 -43.97
C LEU F 158 -13.59 30.02 -42.88
N CYS F 159 -12.30 29.73 -43.00
CA CYS F 159 -11.62 28.93 -41.98
C CYS F 159 -11.56 29.66 -40.65
N THR F 160 -11.31 30.97 -40.69
CA THR F 160 -11.23 31.74 -39.45
C THR F 160 -12.55 31.71 -38.70
N ASP F 161 -13.66 31.85 -39.43
CA ASP F 161 -14.98 31.83 -38.79
C ASP F 161 -15.25 30.49 -38.13
N SER F 162 -14.80 29.40 -38.77
CA SER F 162 -14.99 28.07 -38.20
C SER F 162 -14.09 27.84 -36.99
N LEU F 163 -12.85 28.31 -37.04
CA LEU F 163 -11.95 28.16 -35.90
C LEU F 163 -12.44 28.93 -34.69
N ILE F 164 -13.04 30.11 -34.90
CA ILE F 164 -13.60 30.88 -33.80
C ILE F 164 -14.79 30.14 -33.20
N ALA F 165 -15.60 29.49 -34.04
CA ALA F 165 -16.76 28.75 -33.54
C ALA F 165 -16.35 27.57 -32.69
N VAL F 166 -15.38 26.77 -33.16
CA VAL F 166 -14.92 25.61 -32.40
C VAL F 166 -14.32 26.05 -31.08
N GLU F 167 -13.56 27.15 -31.07
CA GLU F 167 -12.97 27.64 -29.84
C GLU F 167 -14.03 28.04 -28.83
N GLY F 168 -15.16 28.57 -29.30
CA GLY F 168 -16.26 28.88 -28.41
C GLY F 168 -16.83 27.65 -27.73
N VAL F 169 -16.86 26.52 -28.44
CA VAL F 169 -17.38 25.29 -27.87
C VAL F 169 -16.47 24.81 -26.75
N GLU F 170 -15.16 24.82 -26.97
CA GLU F 170 -14.23 24.38 -25.94
C GLU F 170 -14.35 25.25 -24.69
N LYS F 171 -14.38 26.56 -24.87
CA LYS F 171 -14.45 27.46 -23.72
C LYS F 171 -15.76 27.29 -22.96
N GLY F 172 -16.84 26.96 -23.66
CA GLY F 172 -18.11 26.71 -23.00
C GLY F 172 -18.03 25.55 -22.02
N LEU F 173 -17.58 24.40 -22.51
CA LEU F 173 -17.49 23.21 -21.65
C LEU F 173 -16.32 23.31 -20.67
N LYS F 174 -15.21 23.94 -21.08
CA LYS F 174 -14.08 24.09 -20.18
C LYS F 174 -14.47 24.87 -18.91
N GLY F 175 -15.35 25.86 -19.06
CA GLY F 175 -15.86 26.55 -17.89
C GLY F 175 -16.68 25.66 -16.98
N ALA F 176 -17.57 24.84 -17.56
CA ALA F 176 -18.35 23.89 -16.78
C ALA F 176 -17.46 22.84 -16.13
N TYR F 177 -16.50 22.30 -16.88
CA TYR F 177 -15.55 21.34 -16.32
C TYR F 177 -14.76 21.96 -15.18
N LEU F 178 -14.44 23.24 -15.28
CA LEU F 178 -13.70 23.92 -14.23
C LEU F 178 -14.53 24.03 -12.95
N ALA F 179 -15.79 24.43 -13.08
CA ALA F 179 -16.66 24.57 -11.91
C ALA F 179 -16.89 23.23 -11.23
N LEU F 180 -17.25 22.20 -12.00
CA LEU F 180 -17.49 20.88 -11.42
C LEU F 180 -16.24 20.33 -10.75
N GLU F 181 -15.07 20.55 -11.36
CA GLU F 181 -13.82 20.08 -10.76
C GLU F 181 -13.55 20.78 -9.44
N ALA F 182 -13.89 22.07 -9.34
CA ALA F 182 -13.71 22.78 -8.09
C ALA F 182 -14.66 22.26 -7.01
N ILE F 183 -15.87 21.85 -7.41
CA ILE F 183 -16.83 21.32 -6.46
C ILE F 183 -16.31 20.01 -5.87
N ILE F 184 -15.83 19.11 -6.73
CA ILE F 184 -15.29 17.83 -6.27
C ILE F 184 -14.07 18.06 -5.39
N GLU F 185 -13.24 19.05 -5.73
CA GLU F 185 -12.07 19.34 -4.90
C GLU F 185 -12.47 19.86 -3.53
N ALA F 186 -13.55 20.62 -3.45
CA ALA F 186 -14.02 21.11 -2.15
C ALA F 186 -14.51 19.96 -1.28
N LEU F 187 -15.24 19.01 -1.87
CA LEU F 187 -15.74 17.87 -1.12
C LEU F 187 -14.61 16.99 -0.60
N GLU F 188 -13.50 16.91 -1.35
CA GLU F 188 -12.36 16.12 -0.89
C GLU F 188 -11.64 16.80 0.26
N VAL F 189 -11.70 18.14 0.33
CA VAL F 189 -11.09 18.85 1.45
C VAL F 189 -12.06 18.90 2.62
N ALA F 190 -13.36 19.06 2.35
CA ALA F 190 -14.36 19.08 3.40
C ALA F 190 -14.77 17.65 3.71
N GLU F 191 -13.95 16.98 4.53
CA GLU F 191 -14.22 15.60 4.91
C GLU F 191 -15.10 15.52 6.16
N ASP F 192 -14.98 16.49 7.06
CA ASP F 192 -15.77 16.51 8.29
C ASP F 192 -17.05 17.31 8.10
N GLU F 193 -17.90 17.29 9.14
CA GLU F 193 -19.13 18.06 9.12
C GLU F 193 -18.84 19.55 9.11
N GLU F 194 -17.83 19.99 9.88
CA GLU F 194 -17.48 21.40 9.96
C GLU F 194 -17.09 21.95 8.60
N GLY F 195 -16.24 21.23 7.88
CA GLY F 195 -15.82 21.69 6.56
C GLY F 195 -16.96 21.75 5.56
N LEU F 196 -17.83 20.74 5.57
CA LEU F 196 -18.92 20.67 4.60
C LEU F 196 -19.86 21.87 4.71
N LYS F 197 -20.09 22.36 5.93
CA LYS F 197 -20.97 23.51 6.10
C LYS F 197 -20.35 24.80 5.56
N ILE F 198 -19.02 24.88 5.55
CA ILE F 198 -18.37 26.09 5.03
C ILE F 198 -18.49 26.15 3.52
N VAL F 199 -18.28 25.02 2.84
CA VAL F 199 -18.33 24.97 1.39
C VAL F 199 -19.74 24.76 0.85
N ALA F 200 -20.70 24.36 1.69
CA ALA F 200 -22.05 24.06 1.22
C ALA F 200 -22.66 25.23 0.47
N LYS F 201 -22.55 26.44 1.04
CA LYS F 201 -23.13 27.62 0.40
C LYS F 201 -22.48 27.87 -0.96
N ALA F 202 -21.14 27.83 -1.01
CA ALA F 202 -20.44 28.05 -2.27
C ALA F 202 -20.70 26.93 -3.26
N ILE F 203 -20.76 25.68 -2.79
CA ILE F 203 -20.95 24.55 -3.70
C ILE F 203 -22.32 24.58 -4.36
N LYS F 204 -23.37 24.85 -3.57
CA LYS F 204 -24.72 24.89 -4.11
C LYS F 204 -24.83 25.94 -5.23
N GLU F 205 -24.27 27.12 -5.01
CA GLU F 205 -24.26 28.15 -6.05
C GLU F 205 -23.45 27.70 -7.26
N ALA F 206 -22.35 26.99 -7.03
CA ALA F 206 -21.50 26.53 -8.13
C ALA F 206 -22.22 25.52 -9.02
N ILE F 207 -23.00 24.62 -8.41
CA ILE F 207 -23.71 23.61 -9.20
C ILE F 207 -24.73 24.25 -10.12
N LYS F 208 -25.42 25.29 -9.63
CA LYS F 208 -26.40 26.00 -10.46
C LYS F 208 -25.72 26.73 -11.61
N LYS F 209 -24.65 27.49 -11.31
CA LYS F 209 -23.94 28.19 -12.38
C LYS F 209 -23.30 27.21 -13.35
N ALA F 210 -22.87 26.04 -12.87
CA ALA F 210 -22.30 25.04 -13.77
C ALA F 210 -23.34 24.57 -14.79
N GLU F 211 -24.58 24.36 -14.33
CA GLU F 211 -25.64 23.98 -15.25
C GLU F 211 -25.97 25.11 -16.22
N GLU F 212 -25.90 26.36 -15.74
CA GLU F 212 -26.06 27.51 -16.63
C GLU F 212 -24.97 27.56 -17.68
N ALA F 213 -23.74 27.23 -17.30
CA ALA F 213 -22.64 27.21 -18.26
C ALA F 213 -22.87 26.14 -19.32
N ILE F 214 -23.39 24.98 -18.90
CA ILE F 214 -23.73 23.92 -19.86
C ILE F 214 -24.79 24.41 -20.83
N LYS F 215 -25.77 25.17 -20.34
CA LYS F 215 -26.82 25.69 -21.22
C LYS F 215 -26.23 26.62 -22.28
N LYS F 216 -25.42 27.58 -21.87
CA LYS F 216 -24.74 28.44 -22.83
C LYS F 216 -23.81 27.65 -23.74
N ALA F 217 -23.23 26.55 -23.23
CA ALA F 217 -22.40 25.69 -24.07
C ALA F 217 -23.25 24.95 -25.10
N GLU F 218 -24.38 24.40 -24.69
CA GLU F 218 -25.27 23.72 -25.63
C GLU F 218 -25.73 24.67 -26.74
N GLU F 219 -26.07 25.91 -26.37
CA GLU F 219 -26.40 26.92 -27.38
C GLU F 219 -25.22 27.15 -28.32
N ALA F 220 -24.01 27.29 -27.75
CA ALA F 220 -22.81 27.47 -28.57
C ALA F 220 -22.60 26.30 -29.51
N ILE F 221 -22.85 25.08 -29.04
CA ILE F 221 -22.68 23.89 -29.88
C ILE F 221 -23.58 23.97 -31.11
N LYS F 222 -24.82 24.46 -30.94
CA LYS F 222 -25.73 24.56 -32.07
C LYS F 222 -25.21 25.56 -33.11
N LEU F 223 -24.83 26.76 -32.65
CA LEU F 223 -24.32 27.76 -33.57
C LEU F 223 -23.04 27.30 -34.26
N ALA F 224 -22.20 26.53 -33.54
CA ALA F 224 -20.99 26.01 -34.15
C ALA F 224 -21.33 25.03 -35.26
N LYS F 225 -22.38 24.23 -35.07
CA LYS F 225 -22.83 23.32 -36.11
C LYS F 225 -23.19 24.10 -37.38
N GLU F 226 -24.06 25.11 -37.25
CA GLU F 226 -24.47 25.89 -38.41
C GLU F 226 -23.29 26.61 -39.05
N SER F 227 -22.39 27.17 -38.23
CA SER F 227 -21.26 27.93 -38.75
C SER F 227 -20.33 27.04 -39.57
N VAL F 228 -19.82 25.97 -38.96
CA VAL F 228 -18.85 25.12 -39.63
C VAL F 228 -19.46 24.40 -40.81
N GLU F 229 -20.71 23.93 -40.67
CA GLU F 229 -21.35 23.18 -41.75
C GLU F 229 -21.48 24.03 -43.02
N LYS F 230 -21.99 25.26 -42.88
CA LYS F 230 -22.14 26.12 -44.05
C LYS F 230 -20.80 26.48 -44.66
N ASN F 231 -19.81 26.82 -43.82
CA ASN F 231 -18.50 27.21 -44.32
C ASN F 231 -17.82 26.06 -45.07
N LEU F 232 -18.03 24.82 -44.59
CA LEU F 232 -17.42 23.67 -45.26
C LEU F 232 -18.04 23.42 -46.63
N GLU F 233 -19.30 23.80 -46.84
CA GLU F 233 -19.91 23.62 -48.15
C GLU F 233 -19.36 24.61 -49.16
N LYS F 234 -19.17 25.87 -48.75
CA LYS F 234 -18.59 26.87 -49.64
C LYS F 234 -17.18 26.49 -50.04
N LEU F 235 -16.42 25.90 -49.12
CA LEU F 235 -15.07 25.43 -49.43
C LEU F 235 -15.09 24.28 -50.43
N LYS F 236 -16.02 23.33 -50.23
CA LYS F 236 -16.15 22.20 -51.15
C LYS F 236 -16.41 22.67 -52.58
N ALA F 237 -17.23 23.70 -52.75
CA ALA F 237 -17.53 24.23 -54.07
C ALA F 237 -16.31 24.95 -54.65
N HIS G 3 -21.87 2.29 44.88
CA HIS G 3 -20.63 1.79 44.28
C HIS G 3 -20.10 0.58 45.04
N MET G 4 -20.31 0.57 46.36
CA MET G 4 -19.91 -0.55 47.19
C MET G 4 -21.05 -1.52 47.48
N ASP G 5 -22.21 -1.32 46.87
CA ASP G 5 -23.28 -2.32 46.87
C ASP G 5 -23.42 -3.04 45.55
N LEU G 6 -23.32 -2.31 44.43
CA LEU G 6 -23.31 -2.97 43.13
C LEU G 6 -22.09 -3.85 42.97
N ARG G 7 -20.91 -3.34 43.37
CA ARG G 7 -19.69 -4.13 43.36
C ARG G 7 -19.79 -5.31 44.34
N ALA G 8 -20.30 -5.05 45.55
CA ALA G 8 -20.42 -6.12 46.54
C ALA G 8 -21.32 -7.24 46.03
N GLU G 9 -22.38 -6.89 45.29
CA GLU G 9 -23.23 -7.92 44.70
C GLU G 9 -22.47 -8.70 43.62
N LEU G 10 -21.77 -7.97 42.75
CA LEU G 10 -21.01 -8.62 41.68
C LEU G 10 -19.86 -9.45 42.25
N LEU G 11 -19.14 -8.91 43.24
CA LEU G 11 -18.03 -9.65 43.83
C LEU G 11 -18.51 -10.96 44.44
N LYS G 12 -19.71 -10.96 45.02
CA LYS G 12 -20.28 -12.19 45.56
C LYS G 12 -20.73 -13.12 44.43
N ALA G 13 -21.50 -12.59 43.47
CA ALA G 13 -21.95 -13.40 42.35
C ALA G 13 -20.77 -13.93 41.54
N LEU G 14 -19.72 -13.12 41.38
CA LEU G 14 -18.50 -13.59 40.73
C LEU G 14 -17.85 -14.69 41.55
N LEU G 15 -17.75 -14.48 42.86
CA LEU G 15 -17.16 -15.49 43.74
C LEU G 15 -17.94 -16.80 43.67
N LYS G 16 -19.27 -16.73 43.63
CA LYS G 16 -20.07 -17.95 43.49
C LYS G 16 -19.76 -18.66 42.18
N ALA G 17 -19.69 -17.91 41.08
CA ALA G 17 -19.37 -18.51 39.79
C ALA G 17 -18.01 -19.18 39.82
N VAL G 18 -17.02 -18.53 40.44
CA VAL G 18 -15.70 -19.14 40.56
C VAL G 18 -15.78 -20.40 41.43
N GLU G 19 -16.60 -20.38 42.48
CA GLU G 19 -16.79 -21.56 43.31
C GLU G 19 -17.39 -22.70 42.49
N GLU G 20 -18.39 -22.40 41.66
CA GLU G 20 -18.97 -23.42 40.79
C GLU G 20 -17.94 -23.90 39.78
N PHE G 21 -17.15 -22.97 39.24
CA PHE G 21 -16.09 -23.32 38.30
C PHE G 21 -15.08 -24.26 38.94
N LEU G 22 -14.66 -23.95 40.18
CA LEU G 22 -13.67 -24.77 40.86
C LEU G 22 -14.19 -26.18 41.14
N LYS G 23 -15.48 -26.31 41.44
CA LYS G 23 -16.05 -27.64 41.67
C LYS G 23 -16.03 -28.48 40.40
N ALA G 24 -16.57 -27.93 39.31
CA ALA G 24 -16.57 -28.66 38.04
C ALA G 24 -15.16 -28.99 37.58
N ALA G 25 -14.23 -28.04 37.73
CA ALA G 25 -12.86 -28.28 37.33
C ALA G 25 -12.23 -29.42 38.12
N GLU G 26 -12.51 -29.50 39.43
CA GLU G 26 -11.92 -30.56 40.24
C GLU G 26 -12.48 -31.92 39.88
N GLU G 27 -13.80 -32.02 39.76
CA GLU G 27 -14.41 -33.29 39.37
C GLU G 27 -13.91 -33.74 38.00
N ALA G 28 -13.84 -32.81 37.05
CA ALA G 28 -13.28 -33.13 35.74
C ALA G 28 -11.86 -33.67 35.88
N ILE G 29 -11.01 -32.95 36.63
CA ILE G 29 -9.63 -33.39 36.84
C ILE G 29 -9.60 -34.77 37.49
N LYS G 30 -10.46 -34.98 38.49
CA LYS G 30 -10.53 -36.29 39.14
C LYS G 30 -10.92 -37.37 38.14
N GLU G 31 -11.85 -37.07 37.25
CA GLU G 31 -12.34 -38.09 36.32
C GLU G 31 -11.32 -38.34 35.21
N LEU G 32 -10.67 -37.29 34.72
CA LEU G 32 -9.65 -37.43 33.69
C LEU G 32 -8.48 -38.26 34.18
N LEU G 33 -8.04 -38.05 35.42
CA LEU G 33 -6.91 -38.78 35.95
C LEU G 33 -7.21 -40.27 36.07
N GLU G 34 -8.47 -40.64 36.31
CA GLU G 34 -8.81 -42.05 36.34
C GLU G 34 -8.75 -42.66 34.94
N LEU G 35 -9.32 -41.97 33.94
CA LEU G 35 -9.24 -42.45 32.57
C LEU G 35 -7.79 -42.53 32.11
N LEU G 36 -6.95 -41.59 32.56
CA LEU G 36 -5.53 -41.64 32.21
C LEU G 36 -4.89 -42.93 32.69
N LYS G 37 -5.22 -43.35 33.91
CA LYS G 37 -4.71 -44.62 34.43
C LYS G 37 -5.12 -45.78 33.54
N LYS G 38 -6.40 -45.86 33.20
CA LYS G 38 -6.88 -46.91 32.32
C LYS G 38 -6.25 -46.81 30.93
N ALA G 39 -6.06 -45.58 30.44
CA ALA G 39 -5.43 -45.40 29.14
C ALA G 39 -3.97 -45.85 29.14
N LEU G 40 -3.24 -45.56 30.22
CA LEU G 40 -1.85 -46.01 30.30
C LEU G 40 -1.76 -47.53 30.37
N GLU G 41 -2.75 -48.19 30.97
CA GLU G 41 -2.75 -49.65 31.02
C GLU G 41 -2.95 -50.23 29.62
N VAL G 42 -3.93 -49.71 28.87
CA VAL G 42 -4.15 -50.18 27.50
C VAL G 42 -2.90 -49.97 26.67
N LEU G 43 -2.24 -48.81 26.84
CA LEU G 43 -1.01 -48.54 26.11
C LEU G 43 0.09 -49.52 26.52
N LYS G 44 0.16 -49.85 27.81
CA LYS G 44 1.14 -50.80 28.30
C LYS G 44 0.96 -52.17 27.64
N LYS G 45 -0.28 -52.65 27.58
CA LYS G 45 -0.55 -53.93 26.94
C LYS G 45 -0.19 -53.93 25.45
N LEU G 46 -0.29 -52.79 24.79
CA LEU G 46 0.01 -52.75 23.36
C LEU G 46 1.49 -52.90 23.10
N ASP G 47 2.34 -52.35 23.97
CA ASP G 47 3.79 -52.50 23.84
C ASP G 47 4.39 -52.57 25.24
N PRO G 48 4.48 -53.76 25.82
CA PRO G 48 4.95 -53.87 27.21
C PRO G 48 6.45 -53.78 27.36
N LYS G 49 7.22 -53.94 26.28
CA LYS G 49 8.67 -53.93 26.34
C LYS G 49 9.26 -52.64 25.78
N SER G 50 8.44 -51.60 25.62
CA SER G 50 8.89 -50.34 25.05
C SER G 50 9.30 -49.39 26.17
N LYS G 51 10.56 -48.96 26.15
CA LYS G 51 11.03 -47.97 27.11
C LYS G 51 10.45 -46.59 26.81
N GLY G 52 10.09 -46.32 25.56
CA GLY G 52 9.41 -45.08 25.24
C GLY G 52 8.05 -44.97 25.91
N VAL G 53 7.26 -46.05 25.85
CA VAL G 53 5.96 -46.07 26.54
C VAL G 53 6.16 -45.92 28.05
N GLU G 54 7.16 -46.61 28.60
CA GLU G 54 7.42 -46.50 30.04
C GLU G 54 7.76 -45.07 30.43
N ALA G 55 8.57 -44.39 29.61
CA ALA G 55 8.88 -42.99 29.88
C ALA G 55 7.62 -42.15 29.92
N LEU G 56 6.68 -42.41 29.00
CA LEU G 56 5.41 -41.70 29.03
C LEU G 56 4.62 -42.05 30.29
N VAL G 57 4.60 -43.32 30.67
CA VAL G 57 3.90 -43.73 31.88
C VAL G 57 4.49 -43.04 33.11
N LYS G 58 5.82 -43.10 33.23
CA LYS G 58 6.49 -42.37 34.31
C LYS G 58 6.22 -40.88 34.23
N GLY G 59 6.32 -40.30 33.02
CA GLY G 59 6.06 -38.89 32.85
C GLY G 59 4.63 -38.51 33.15
N ALA G 60 3.67 -39.35 32.74
CA ALA G 60 2.27 -39.05 33.01
C ALA G 60 1.96 -39.10 34.50
N LYS G 61 2.55 -40.07 35.21
CA LYS G 61 2.38 -40.13 36.66
C LYS G 61 2.97 -38.90 37.33
N GLY G 62 4.12 -38.44 36.85
CA GLY G 62 4.72 -37.22 37.38
C GLY G 62 3.82 -36.01 37.16
N ALA G 63 3.29 -35.87 35.94
CA ALA G 63 2.35 -34.78 35.68
C ALA G 63 1.13 -34.88 36.57
N ALA G 64 0.66 -36.11 36.83
CA ALA G 64 -0.50 -36.30 37.70
C ALA G 64 -0.24 -35.76 39.10
N LYS G 65 0.99 -35.96 39.61
CA LYS G 65 1.34 -35.41 40.92
C LYS G 65 1.19 -33.89 40.93
N GLY G 66 1.70 -33.23 39.89
CA GLY G 66 1.55 -31.78 39.81
C GLY G 66 0.11 -31.34 39.67
N ILE G 67 -0.71 -32.13 38.97
CA ILE G 67 -2.12 -31.80 38.82
C ILE G 67 -2.84 -31.91 40.15
N GLU G 68 -2.55 -32.97 40.92
CA GLU G 68 -3.17 -33.13 42.23
C GLU G 68 -2.76 -32.02 43.18
N ALA G 69 -1.46 -31.71 43.22
CA ALA G 69 -0.96 -30.64 44.08
C ALA G 69 -1.54 -29.29 43.70
N ALA G 70 -1.64 -29.01 42.39
CA ALA G 70 -2.06 -27.68 41.95
C ALA G 70 -3.51 -27.38 42.32
N MET G 71 -4.39 -28.38 42.34
CA MET G 71 -5.78 -28.08 42.65
C MET G 71 -6.01 -27.87 44.14
N LYS G 72 -5.30 -28.61 44.99
CA LYS G 72 -5.36 -28.32 46.43
C LYS G 72 -4.96 -26.89 46.73
N ILE G 73 -3.94 -26.39 46.03
CA ILE G 73 -3.57 -24.97 46.15
C ILE G 73 -4.74 -24.10 45.70
N ALA G 74 -5.40 -24.47 44.60
CA ALA G 74 -6.51 -23.67 44.08
C ALA G 74 -7.65 -23.61 45.08
N LYS G 75 -7.85 -24.67 45.87
CA LYS G 75 -8.88 -24.65 46.90
C LYS G 75 -8.57 -23.65 47.99
N ALA G 76 -7.32 -23.63 48.44
CA ALA G 76 -6.92 -22.70 49.50
C ALA G 76 -7.06 -21.25 49.03
N VAL G 77 -6.65 -20.96 47.79
CA VAL G 77 -6.77 -19.60 47.26
C VAL G 77 -8.22 -19.15 47.23
N LEU G 78 -9.16 -20.08 46.99
CA LEU G 78 -10.57 -19.71 47.03
C LEU G 78 -10.97 -19.22 48.42
N GLU G 79 -10.45 -19.85 49.47
CA GLU G 79 -10.74 -19.39 50.82
C GLU G 79 -10.12 -18.03 51.09
N VAL G 80 -8.85 -17.86 50.69
CA VAL G 80 -8.21 -16.54 50.78
C VAL G 80 -8.97 -15.52 49.94
N ALA G 81 -9.48 -15.93 48.78
CA ALA G 81 -10.28 -15.04 47.96
C ALA G 81 -11.57 -14.65 48.68
N LYS G 82 -12.18 -15.59 49.40
CA LYS G 82 -13.41 -15.31 50.12
C LYS G 82 -13.19 -14.21 51.16
N ILE G 83 -12.11 -14.31 51.94
CA ILE G 83 -11.84 -13.32 52.98
C ILE G 83 -11.58 -11.95 52.37
N LYS G 84 -10.74 -11.89 51.34
CA LYS G 84 -10.45 -10.61 50.69
C LYS G 84 -11.70 -10.01 50.06
N VAL G 85 -12.61 -10.85 49.57
CA VAL G 85 -13.86 -10.34 49.02
C VAL G 85 -14.73 -9.76 50.14
N GLU G 86 -14.86 -10.50 51.25
CA GLU G 86 -15.63 -10.00 52.39
C GLU G 86 -15.04 -8.69 52.92
N LYS G 87 -13.72 -8.62 53.05
CA LYS G 87 -13.09 -7.40 53.54
C LYS G 87 -13.21 -6.27 52.53
N ALA G 88 -13.22 -6.58 51.22
CA ALA G 88 -13.41 -5.55 50.21
C ALA G 88 -14.84 -5.01 50.22
N ILE G 89 -15.82 -5.85 50.54
CA ILE G 89 -17.20 -5.40 50.65
C ILE G 89 -17.35 -4.40 51.78
N ALA G 90 -16.62 -4.61 52.88
CA ALA G 90 -16.66 -3.69 54.02
C ALA G 90 -15.78 -2.47 53.82
N GLY G 91 -15.13 -2.34 52.67
CA GLY G 91 -14.31 -1.18 52.38
C GLY G 91 -12.98 -1.13 53.11
N GLU G 92 -12.60 -2.21 53.78
CA GLU G 92 -11.34 -2.23 54.53
C GLU G 92 -10.15 -2.50 53.62
N VAL G 93 -10.33 -3.29 52.57
CA VAL G 93 -9.25 -3.68 51.68
C VAL G 93 -9.61 -3.28 50.26
N ASP G 94 -8.58 -2.93 49.48
CA ASP G 94 -8.79 -2.56 48.09
C ASP G 94 -9.41 -3.71 47.31
N PRO G 95 -10.46 -3.46 46.53
CA PRO G 95 -11.07 -4.56 45.75
C PRO G 95 -10.12 -5.23 44.78
N GLU G 96 -9.05 -4.56 44.36
CA GLU G 96 -8.10 -5.18 43.44
C GLU G 96 -7.41 -6.38 44.04
N GLU G 97 -7.16 -6.36 45.35
CA GLU G 97 -6.60 -7.53 46.02
C GLU G 97 -7.55 -8.72 45.94
N ALA G 98 -8.87 -8.46 45.95
CA ALA G 98 -9.83 -9.54 45.81
C ALA G 98 -9.85 -10.06 44.37
N LEU G 99 -9.79 -9.15 43.39
CA LEU G 99 -9.76 -9.56 42.00
C LEU G 99 -8.49 -10.35 41.70
N ARG G 100 -7.34 -9.88 42.21
CA ARG G 100 -6.10 -10.61 42.04
C ARG G 100 -6.16 -11.98 42.70
N ALA G 101 -6.87 -12.09 43.83
CA ALA G 101 -7.04 -13.38 44.49
C ALA G 101 -7.97 -14.28 43.70
N LEU G 102 -9.09 -13.74 43.22
CA LEU G 102 -10.02 -14.53 42.41
C LEU G 102 -9.35 -15.03 41.14
N ARG G 103 -8.57 -14.16 40.48
CA ARG G 103 -7.86 -14.56 39.26
C ARG G 103 -6.90 -15.72 39.53
N ALA G 104 -6.20 -15.68 40.66
CA ALA G 104 -5.25 -16.74 40.99
C ALA G 104 -5.96 -18.08 41.13
N ALA G 105 -7.02 -18.13 41.95
CA ALA G 105 -7.79 -19.36 42.10
C ALA G 105 -8.35 -19.85 40.77
N LEU G 106 -8.81 -18.92 39.93
CA LEU G 106 -9.35 -19.29 38.63
C LEU G 106 -8.27 -19.85 37.72
N GLU G 107 -7.16 -19.13 37.58
CA GLU G 107 -6.12 -19.53 36.63
C GLU G 107 -5.40 -20.80 37.07
N ILE G 108 -5.17 -20.97 38.37
CA ILE G 108 -4.45 -22.15 38.85
C ILE G 108 -5.23 -23.41 38.54
N ALA G 109 -6.54 -23.40 38.76
CA ALA G 109 -7.35 -24.59 38.49
C ALA G 109 -7.39 -24.90 37.00
N PHE G 110 -7.71 -23.90 36.18
CA PHE G 110 -7.81 -24.11 34.75
C PHE G 110 -6.49 -24.59 34.16
N ALA G 111 -5.37 -24.10 34.68
CA ALA G 111 -4.07 -24.58 34.23
C ALA G 111 -3.93 -26.07 34.50
N ALA G 112 -4.28 -26.51 35.71
CA ALA G 112 -4.25 -27.93 36.03
C ALA G 112 -5.26 -28.70 35.19
N PHE G 113 -6.42 -28.10 34.92
CA PHE G 113 -7.43 -28.77 34.10
C PHE G 113 -6.93 -29.01 32.69
N GLU G 114 -6.36 -27.97 32.06
CA GLU G 114 -5.86 -28.13 30.69
C GLU G 114 -4.73 -29.15 30.59
N LEU G 115 -3.89 -29.25 31.63
CA LEU G 115 -2.82 -30.23 31.58
C LEU G 115 -3.37 -31.65 31.60
N ALA G 116 -4.42 -31.89 32.39
CA ALA G 116 -5.06 -33.21 32.39
C ALA G 116 -5.61 -33.54 31.01
N CYS G 117 -6.29 -32.57 30.37
CA CYS G 117 -6.81 -32.78 29.02
C CYS G 117 -5.68 -33.05 28.04
N GLU G 118 -4.55 -32.35 28.19
CA GLU G 118 -3.44 -32.50 27.25
C GLU G 118 -2.78 -33.88 27.41
N VAL G 119 -2.53 -34.30 28.65
CA VAL G 119 -1.90 -35.59 28.87
C VAL G 119 -2.79 -36.72 28.37
N LEU G 120 -4.09 -36.65 28.65
CA LEU G 120 -5.00 -37.69 28.21
C LEU G 120 -5.11 -37.74 26.68
N LYS G 121 -5.22 -36.57 26.04
CA LYS G 121 -5.24 -36.55 24.57
C LYS G 121 -3.97 -37.15 23.99
N LYS G 122 -2.81 -36.73 24.49
CA LYS G 122 -1.55 -37.27 24.00
C LYS G 122 -1.46 -38.77 24.26
N THR G 123 -2.02 -39.25 25.38
CA THR G 123 -2.01 -40.67 25.67
C THR G 123 -2.90 -41.44 24.70
N LEU G 124 -4.11 -40.93 24.45
CA LEU G 124 -5.00 -41.55 23.47
C LEU G 124 -4.38 -41.52 22.08
N GLU G 125 -3.72 -40.42 21.72
CA GLU G 125 -3.05 -40.34 20.42
C GLU G 125 -1.88 -41.32 20.35
N ALA G 126 -1.25 -41.63 21.48
CA ALA G 126 -0.17 -42.61 21.49
C ALA G 126 -0.71 -44.01 21.23
N ILE G 127 -1.81 -44.37 21.90
CA ILE G 127 -2.45 -45.66 21.66
C ILE G 127 -2.82 -45.81 20.19
N LYS G 128 -3.36 -44.76 19.58
CA LYS G 128 -3.70 -44.81 18.17
C LYS G 128 -2.47 -45.01 17.30
N ALA G 129 -1.39 -44.29 17.60
CA ALA G 129 -0.16 -44.42 16.81
C ALA G 129 0.50 -45.78 17.03
N VAL G 130 0.49 -46.28 18.27
CA VAL G 130 1.10 -47.57 18.56
C VAL G 130 0.31 -48.70 17.89
N ALA G 131 -1.02 -48.64 17.94
CA ALA G 131 -1.83 -49.66 17.28
C ALA G 131 -1.61 -49.64 15.78
N ASP G 132 -1.57 -48.44 15.18
CA ASP G 132 -1.28 -48.32 13.75
C ASP G 132 0.06 -48.96 13.41
N ASP G 133 1.02 -48.83 14.32
CA ASP G 133 2.36 -49.38 14.09
C ASP G 133 2.41 -50.88 14.33
N LYS G 134 1.52 -51.42 15.17
CA LYS G 134 1.52 -52.86 15.40
C LYS G 134 0.76 -53.61 14.32
N TYR G 135 -0.44 -53.14 13.97
CA TYR G 135 -1.26 -53.83 12.97
C TYR G 135 -0.64 -53.74 11.57
N THR G 136 -0.14 -52.56 11.18
CA THR G 136 0.48 -52.43 9.87
C THR G 136 1.64 -53.39 9.70
N ALA G 137 2.41 -53.62 10.77
CA ALA G 137 3.48 -54.61 10.71
C ALA G 137 2.92 -56.01 10.47
N ALA G 138 1.73 -56.29 11.01
CA ALA G 138 1.10 -57.59 10.79
C ALA G 138 0.47 -57.67 9.40
N ILE G 139 -0.12 -56.55 8.93
CA ILE G 139 -0.69 -56.52 7.59
C ILE G 139 0.39 -56.80 6.55
N LEU G 140 1.54 -56.14 6.70
CA LEU G 140 2.65 -56.33 5.77
C LEU G 140 3.31 -57.71 5.91
N ALA G 141 3.08 -58.39 7.03
CA ALA G 141 3.64 -59.72 7.25
C ALA G 141 2.72 -60.84 6.81
N GLY G 142 1.52 -60.53 6.33
CA GLY G 142 0.59 -61.55 5.88
C GLY G 142 -0.11 -62.31 6.98
N ASP G 143 -0.07 -61.82 8.21
CA ASP G 143 -0.71 -62.51 9.34
C ASP G 143 -2.20 -62.14 9.38
N ASN G 144 -2.93 -62.71 8.42
CA ASN G 144 -4.37 -62.48 8.24
C ASN G 144 -4.63 -60.99 8.03
N PRO G 145 -4.28 -60.45 6.86
CA PRO G 145 -4.46 -59.00 6.64
C PRO G 145 -5.90 -58.53 6.77
N ALA G 146 -6.88 -59.40 6.52
CA ALA G 146 -8.28 -58.99 6.63
C ALA G 146 -8.62 -58.63 8.06
N ALA G 147 -8.24 -59.48 9.01
CA ALA G 147 -8.56 -59.23 10.41
C ALA G 147 -7.74 -58.06 10.96
N GLN G 148 -6.48 -57.94 10.56
CA GLN G 148 -5.64 -56.86 11.05
C GLN G 148 -6.15 -55.50 10.58
N GLN G 149 -6.49 -55.39 9.29
CA GLN G 149 -7.03 -54.14 8.78
C GLN G 149 -8.36 -53.79 9.45
N LYS G 150 -9.14 -54.81 9.84
CA LYS G 150 -10.37 -54.55 10.57
C LYS G 150 -10.08 -54.03 11.97
N ALA G 151 -9.15 -54.69 12.68
CA ALA G 151 -8.74 -54.21 14.00
C ALA G 151 -8.11 -52.83 13.91
N LEU G 152 -7.35 -52.57 12.84
CA LEU G 152 -6.75 -51.25 12.64
C LEU G 152 -7.82 -50.17 12.56
N ALA G 153 -8.87 -50.42 11.75
CA ALA G 153 -9.94 -49.45 11.63
C ALA G 153 -10.73 -49.30 12.92
N GLU G 154 -10.99 -50.42 13.61
CA GLU G 154 -11.77 -50.37 14.85
C GLU G 154 -11.03 -49.58 15.92
N THR G 155 -9.74 -49.85 16.11
CA THR G 155 -8.96 -49.14 17.12
C THR G 155 -8.97 -47.64 16.86
N ASN G 156 -8.72 -47.24 15.60
CA ASN G 156 -8.73 -45.82 15.26
C ASN G 156 -10.11 -45.21 15.47
N ALA G 157 -11.16 -45.99 15.21
CA ALA G 157 -12.51 -45.51 15.46
C ALA G 157 -12.75 -45.28 16.95
N LEU G 158 -12.19 -46.15 17.80
CA LEU G 158 -12.37 -46.00 19.24
C LEU G 158 -11.56 -44.83 19.78
N CYS G 159 -10.32 -44.69 19.31
CA CYS G 159 -9.48 -43.58 19.75
C CYS G 159 -10.04 -42.23 19.30
N THR G 160 -10.56 -42.17 18.07
CA THR G 160 -11.09 -40.91 17.55
C THR G 160 -12.28 -40.43 18.38
N ASP G 161 -13.19 -41.34 18.73
CA ASP G 161 -14.36 -40.95 19.52
C ASP G 161 -13.95 -40.45 20.90
N SER G 162 -12.91 -41.05 21.48
CA SER G 162 -12.42 -40.61 22.79
C SER G 162 -11.77 -39.23 22.70
N LEU G 163 -11.02 -38.97 21.63
CA LEU G 163 -10.40 -37.66 21.46
C LEU G 163 -11.47 -36.57 21.31
N ILE G 164 -12.57 -36.90 20.64
CA ILE G 164 -13.66 -35.95 20.49
C ILE G 164 -14.32 -35.68 21.84
N ALA G 165 -14.43 -36.72 22.67
CA ALA G 165 -15.03 -36.55 23.99
C ALA G 165 -14.18 -35.65 24.88
N VAL G 166 -12.86 -35.91 24.93
CA VAL G 166 -11.98 -35.10 25.75
C VAL G 166 -11.96 -33.66 25.27
N GLU G 167 -11.95 -33.46 23.94
CA GLU G 167 -11.94 -32.11 23.39
C GLU G 167 -13.21 -31.35 23.74
N GLY G 168 -14.36 -32.05 23.81
CA GLY G 168 -15.59 -31.40 24.21
C GLY G 168 -15.53 -30.86 25.63
N VAL G 169 -14.88 -31.60 26.53
CA VAL G 169 -14.76 -31.14 27.91
C VAL G 169 -13.85 -29.92 28.00
N GLU G 170 -12.71 -29.97 27.31
CA GLU G 170 -11.77 -28.85 27.35
C GLU G 170 -12.40 -27.58 26.79
N LYS G 171 -13.07 -27.68 25.64
CA LYS G 171 -13.72 -26.51 25.05
C LYS G 171 -14.88 -26.02 25.93
N GLY G 172 -15.54 -26.92 26.64
CA GLY G 172 -16.63 -26.51 27.52
C GLY G 172 -16.17 -25.55 28.61
N LEU G 173 -15.15 -25.95 29.37
CA LEU G 173 -14.68 -25.10 30.46
C LEU G 173 -13.93 -23.87 29.96
N LYS G 174 -13.23 -23.99 28.83
CA LYS G 174 -12.53 -22.84 28.28
C LYS G 174 -13.49 -21.69 27.99
N GLY G 175 -14.70 -22.01 27.53
CA GLY G 175 -15.72 -20.98 27.36
C GLY G 175 -16.10 -20.31 28.67
N ALA G 176 -16.30 -21.11 29.72
CA ALA G 176 -16.60 -20.55 31.03
C ALA G 176 -15.42 -19.75 31.56
N TYR G 177 -14.21 -20.27 31.42
CA TYR G 177 -13.01 -19.54 31.82
C TYR G 177 -12.89 -18.22 31.06
N LEU G 178 -13.32 -18.21 29.79
CA LEU G 178 -13.27 -16.99 29.00
C LEU G 178 -14.21 -15.93 29.56
N ALA G 179 -15.44 -16.32 29.90
CA ALA G 179 -16.39 -15.38 30.46
C ALA G 179 -15.93 -14.85 31.81
N LEU G 180 -15.53 -15.76 32.70
CA LEU G 180 -15.09 -15.36 34.04
C LEU G 180 -13.86 -14.46 33.97
N GLU G 181 -12.93 -14.76 33.07
CA GLU G 181 -11.75 -13.91 32.92
C GLU G 181 -12.13 -12.53 32.39
N ALA G 182 -13.14 -12.47 31.52
CA ALA G 182 -13.60 -11.18 31.02
C ALA G 182 -14.27 -10.36 32.11
N ILE G 183 -14.97 -11.03 33.03
CA ILE G 183 -15.62 -10.33 34.14
C ILE G 183 -14.57 -9.71 35.06
N ILE G 184 -13.56 -10.49 35.43
CA ILE G 184 -12.50 -9.98 36.31
C ILE G 184 -11.78 -8.81 35.63
N GLU G 185 -11.53 -8.93 34.33
CA GLU G 185 -10.88 -7.85 33.59
C GLU G 185 -11.77 -6.62 33.50
N ALA G 186 -13.08 -6.82 33.39
CA ALA G 186 -14.00 -5.68 33.32
C ALA G 186 -14.03 -4.91 34.63
N LEU G 187 -14.03 -5.62 35.75
CA LEU G 187 -14.04 -4.95 37.06
C LEU G 187 -12.78 -4.14 37.28
N GLU G 188 -11.65 -4.57 36.73
CA GLU G 188 -10.40 -3.82 36.87
C GLU G 188 -10.42 -2.54 36.05
N VAL G 189 -11.17 -2.52 34.95
CA VAL G 189 -11.26 -1.30 34.17
C VAL G 189 -12.34 -0.38 34.74
N ALA G 190 -13.46 -0.96 35.18
CA ALA G 190 -14.53 -0.17 35.80
C ALA G 190 -14.24 -0.11 37.29
N GLU G 191 -13.31 0.78 37.65
CA GLU G 191 -12.94 0.97 39.04
C GLU G 191 -13.78 2.04 39.72
N ASP G 192 -14.25 3.03 38.96
CA ASP G 192 -15.03 4.12 39.51
C ASP G 192 -16.52 3.80 39.46
N GLU G 193 -17.31 4.69 40.05
CA GLU G 193 -18.76 4.51 40.06
C GLU G 193 -19.35 4.61 38.66
N GLU G 194 -18.86 5.56 37.86
CA GLU G 194 -19.39 5.74 36.51
C GLU G 194 -19.17 4.50 35.65
N GLY G 195 -17.96 3.93 35.71
CA GLY G 195 -17.67 2.76 34.90
C GLY G 195 -18.46 1.53 35.30
N LEU G 196 -18.59 1.27 36.60
CA LEU G 196 -19.28 0.06 37.06
C LEU G 196 -20.74 0.04 36.61
N LYS G 197 -21.38 1.21 36.53
CA LYS G 197 -22.78 1.24 36.14
C LYS G 197 -22.96 0.84 34.67
N ILE G 198 -21.94 1.08 33.84
CA ILE G 198 -22.03 0.70 32.45
C ILE G 198 -21.84 -0.81 32.27
N VAL G 199 -20.86 -1.39 32.97
CA VAL G 199 -20.54 -2.80 32.79
C VAL G 199 -21.35 -3.73 33.68
N ALA G 200 -22.02 -3.21 34.71
CA ALA G 200 -22.75 -4.07 35.65
C ALA G 200 -23.78 -4.94 34.93
N LYS G 201 -24.58 -4.33 34.06
CA LYS G 201 -25.60 -5.08 33.35
C LYS G 201 -24.99 -6.15 32.46
N ALA G 202 -23.91 -5.80 31.73
CA ALA G 202 -23.25 -6.77 30.88
C ALA G 202 -22.63 -7.90 31.71
N ILE G 203 -22.09 -7.56 32.90
CA ILE G 203 -21.45 -8.57 33.74
C ILE G 203 -22.48 -9.58 34.25
N LYS G 204 -23.65 -9.09 34.70
CA LYS G 204 -24.69 -10.01 35.18
C LYS G 204 -25.10 -11.00 34.11
N GLU G 205 -25.27 -10.53 32.87
CA GLU G 205 -25.57 -11.45 31.77
C GLU G 205 -24.43 -12.42 31.55
N ALA G 206 -23.19 -11.96 31.71
CA ALA G 206 -22.03 -12.83 31.57
C ALA G 206 -22.01 -13.90 32.66
N ILE G 207 -22.38 -13.52 33.89
CA ILE G 207 -22.39 -14.49 34.98
C ILE G 207 -23.42 -15.59 34.72
N LYS G 208 -24.58 -15.23 34.17
CA LYS G 208 -25.58 -16.23 33.84
C LYS G 208 -25.10 -17.18 32.75
N LYS G 209 -24.58 -16.62 31.65
CA LYS G 209 -24.08 -17.48 30.58
C LYS G 209 -22.88 -18.31 31.04
N ALA G 210 -22.05 -17.75 31.92
CA ALA G 210 -20.92 -18.52 32.44
C ALA G 210 -21.39 -19.71 33.27
N GLU G 211 -22.39 -19.49 34.13
CA GLU G 211 -22.93 -20.59 34.93
C GLU G 211 -23.65 -21.60 34.06
N GLU G 212 -24.33 -21.13 33.00
CA GLU G 212 -24.93 -22.06 32.03
C GLU G 212 -23.85 -22.89 31.35
N ALA G 213 -22.70 -22.26 31.05
CA ALA G 213 -21.59 -23.00 30.45
C ALA G 213 -21.05 -24.07 31.39
N ILE G 214 -21.02 -23.77 32.69
CA ILE G 214 -20.56 -24.76 33.66
C ILE G 214 -21.46 -26.00 33.63
N LYS G 215 -22.78 -25.78 33.54
CA LYS G 215 -23.70 -26.90 33.44
C LYS G 215 -23.47 -27.70 32.16
N LYS G 216 -23.38 -26.99 31.02
CA LYS G 216 -23.11 -27.66 29.75
C LYS G 216 -21.79 -28.42 29.80
N ALA G 217 -20.82 -27.91 30.55
CA ALA G 217 -19.55 -28.62 30.73
C ALA G 217 -19.74 -29.86 31.59
N GLU G 218 -20.48 -29.74 32.70
CA GLU G 218 -20.74 -30.88 33.57
C GLU G 218 -21.41 -32.02 32.81
N GLU G 219 -22.38 -31.71 31.94
CA GLU G 219 -22.99 -32.72 31.10
C GLU G 219 -21.94 -33.40 30.22
N ALA G 220 -21.08 -32.60 29.58
CA ALA G 220 -20.02 -33.17 28.74
C ALA G 220 -19.07 -34.04 29.56
N ILE G 221 -18.74 -33.61 30.77
CA ILE G 221 -17.84 -34.39 31.63
C ILE G 221 -18.45 -35.76 31.93
N LYS G 222 -19.76 -35.79 32.19
CA LYS G 222 -20.41 -37.06 32.50
C LYS G 222 -20.38 -38.00 31.30
N LEU G 223 -20.78 -37.50 30.13
CA LEU G 223 -20.74 -38.32 28.92
C LEU G 223 -19.31 -38.74 28.56
N ALA G 224 -18.34 -37.86 28.80
CA ALA G 224 -16.96 -38.18 28.47
C ALA G 224 -16.45 -39.35 29.30
N LYS G 225 -16.80 -39.39 30.59
CA LYS G 225 -16.44 -40.54 31.42
C LYS G 225 -17.02 -41.82 30.83
N GLU G 226 -18.34 -41.81 30.57
CA GLU G 226 -19.01 -42.99 30.05
C GLU G 226 -18.47 -43.38 28.68
N SER G 227 -18.23 -42.39 27.81
CA SER G 227 -17.75 -42.67 26.46
C SER G 227 -16.34 -43.26 26.47
N VAL G 228 -15.39 -42.56 27.08
CA VAL G 228 -14.00 -42.99 27.04
C VAL G 228 -13.83 -44.32 27.78
N GLU G 229 -14.51 -44.47 28.91
CA GLU G 229 -14.42 -45.73 29.66
C GLU G 229 -14.89 -46.90 28.81
N LYS G 230 -16.00 -46.72 28.09
CA LYS G 230 -16.51 -47.78 27.23
C LYS G 230 -15.51 -48.10 26.12
N ASN G 231 -14.97 -47.07 25.47
CA ASN G 231 -14.00 -47.29 24.42
C ASN G 231 -12.73 -47.93 24.95
N LEU G 232 -12.32 -47.56 26.17
CA LEU G 232 -11.12 -48.13 26.76
C LEU G 232 -11.30 -49.61 27.11
N GLU G 233 -12.54 -50.02 27.38
CA GLU G 233 -12.79 -51.44 27.66
C GLU G 233 -12.70 -52.28 26.39
N LYS G 234 -13.26 -51.78 25.29
CA LYS G 234 -13.16 -52.50 24.02
C LYS G 234 -11.71 -52.60 23.54
N LEU G 235 -10.92 -51.55 23.78
CA LEU G 235 -9.51 -51.59 23.38
C LEU G 235 -8.73 -52.61 24.20
N LYS G 236 -8.94 -52.63 25.51
CA LYS G 236 -8.26 -53.61 26.36
C LYS G 236 -8.63 -55.04 25.96
N ALA G 237 -9.90 -55.28 25.64
CA ALA G 237 -10.35 -56.60 25.23
C ALA G 237 -9.80 -56.96 23.86
N GLY H 1 6.39 -12.87 63.69
CA GLY H 1 6.75 -13.91 64.64
C GLY H 1 6.30 -15.29 64.20
N SER H 2 5.02 -15.59 64.45
CA SER H 2 4.48 -16.88 64.02
C SER H 2 4.40 -16.97 62.51
N HIS H 3 4.04 -15.88 61.84
CA HIS H 3 3.99 -15.89 60.39
C HIS H 3 5.38 -15.81 59.78
N MET H 4 6.28 -15.05 60.43
CA MET H 4 7.65 -14.93 59.91
C MET H 4 8.40 -16.26 59.98
N ASP H 5 8.00 -17.15 60.90
CA ASP H 5 8.58 -18.50 60.91
C ASP H 5 7.92 -19.37 59.85
N LEU H 6 6.59 -19.28 59.71
CA LEU H 6 5.90 -20.02 58.66
C LEU H 6 6.33 -19.54 57.28
N ARG H 7 6.47 -18.22 57.10
CA ARG H 7 6.95 -17.69 55.82
C ARG H 7 8.35 -18.20 55.52
N ALA H 8 9.25 -18.10 56.50
CA ALA H 8 10.60 -18.63 56.32
C ALA H 8 10.59 -20.14 56.12
N GLU H 9 9.67 -20.84 56.77
CA GLU H 9 9.59 -22.29 56.61
C GLU H 9 9.18 -22.67 55.19
N LEU H 10 8.16 -22.00 54.65
CA LEU H 10 7.73 -22.30 53.29
C LEU H 10 8.80 -21.93 52.28
N LEU H 11 9.41 -20.75 52.44
CA LEU H 11 10.46 -20.32 51.52
C LEU H 11 11.65 -21.29 51.51
N LYS H 12 11.95 -21.91 52.65
CA LYS H 12 13.06 -22.85 52.69
C LYS H 12 12.73 -24.12 51.91
N ALA H 13 11.58 -24.73 52.19
CA ALA H 13 11.16 -25.91 51.45
C ALA H 13 10.93 -25.59 49.98
N LEU H 14 10.40 -24.40 49.70
CA LEU H 14 10.20 -23.98 48.31
C LEU H 14 11.53 -23.84 47.58
N LEU H 15 12.50 -23.18 48.22
CA LEU H 15 13.82 -23.03 47.61
C LEU H 15 14.44 -24.39 47.33
N LYS H 16 14.29 -25.33 48.27
CA LYS H 16 14.81 -26.69 48.05
C LYS H 16 14.16 -27.33 46.83
N ALA H 17 12.82 -27.21 46.72
CA ALA H 17 12.13 -27.78 45.57
C ALA H 17 12.59 -27.14 44.27
N VAL H 18 12.77 -25.82 44.26
CA VAL H 18 13.24 -25.15 43.05
C VAL H 18 14.67 -25.58 42.70
N GLU H 19 15.52 -25.79 43.72
CA GLU H 19 16.87 -26.27 43.44
C GLU H 19 16.84 -27.63 42.75
N GLU H 20 15.98 -28.54 43.24
CA GLU H 20 15.84 -29.85 42.60
C GLU H 20 15.28 -29.71 41.19
N PHE H 21 14.33 -28.79 41.00
CA PHE H 21 13.74 -28.58 39.68
C PHE H 21 14.78 -28.19 38.65
N LEU H 22 15.64 -27.21 38.98
CA LEU H 22 16.66 -26.78 38.04
C LEU H 22 17.71 -27.87 37.78
N LYS H 23 18.01 -28.68 38.81
CA LYS H 23 18.98 -29.76 38.62
C LYS H 23 18.46 -30.79 37.62
N ALA H 24 17.25 -31.30 37.85
CA ALA H 24 16.65 -32.24 36.91
C ALA H 24 16.49 -31.61 35.53
N ALA H 25 16.08 -30.34 35.48
CA ALA H 25 15.93 -29.64 34.20
C ALA H 25 17.25 -29.55 33.46
N GLU H 26 18.34 -29.30 34.19
CA GLU H 26 19.66 -29.20 33.56
C GLU H 26 20.08 -30.54 32.97
N GLU H 27 19.91 -31.62 33.74
CA GLU H 27 20.22 -32.95 33.24
C GLU H 27 19.41 -33.26 31.99
N ALA H 28 18.11 -32.93 32.00
CA ALA H 28 17.29 -33.10 30.81
C ALA H 28 17.89 -32.36 29.63
N ILE H 29 18.23 -31.08 29.81
CA ILE H 29 18.82 -30.29 28.74
C ILE H 29 20.12 -30.94 28.25
N LYS H 30 20.94 -31.43 29.19
CA LYS H 30 22.18 -32.11 28.81
C LYS H 30 21.89 -33.33 27.96
N GLU H 31 20.86 -34.11 28.33
CA GLU H 31 20.59 -35.35 27.62
C GLU H 31 19.83 -35.10 26.31
N LEU H 32 18.85 -34.19 26.33
CA LEU H 32 18.08 -33.90 25.13
C LEU H 32 18.95 -33.30 24.03
N LEU H 33 19.86 -32.39 24.39
CA LEU H 33 20.74 -31.79 23.39
C LEU H 33 21.68 -32.81 22.76
N GLU H 34 22.04 -33.85 23.50
CA GLU H 34 22.89 -34.90 22.94
C GLU H 34 22.15 -35.69 21.86
N LEU H 35 20.90 -36.07 22.14
CA LEU H 35 20.09 -36.76 21.14
C LEU H 35 19.87 -35.91 19.90
N LEU H 36 19.73 -34.59 20.09
CA LEU H 36 19.50 -33.69 18.96
C LEU H 36 20.65 -33.73 17.97
N LYS H 37 21.89 -33.77 18.45
CA LYS H 37 23.05 -33.82 17.57
C LYS H 37 23.02 -35.05 16.67
N LYS H 38 22.85 -36.23 17.26
CA LYS H 38 22.76 -37.45 16.47
C LYS H 38 21.52 -37.44 15.57
N ALA H 39 20.42 -36.87 16.06
CA ALA H 39 19.21 -36.82 15.24
C ALA H 39 19.41 -35.97 13.99
N LEU H 40 20.14 -34.87 14.11
CA LEU H 40 20.44 -34.05 12.94
C LEU H 40 21.31 -34.82 11.94
N GLU H 41 22.17 -35.70 12.44
CA GLU H 41 22.99 -36.53 11.56
C GLU H 41 22.11 -37.50 10.78
N VAL H 42 21.17 -38.16 11.46
CA VAL H 42 20.26 -39.10 10.80
C VAL H 42 19.48 -38.39 9.70
N LEU H 43 19.02 -37.16 9.97
CA LEU H 43 18.26 -36.41 8.98
C LEU H 43 19.13 -36.07 7.77
N LYS H 44 20.39 -35.67 7.99
CA LYS H 44 21.29 -35.38 6.89
C LYS H 44 21.55 -36.62 6.05
N LYS H 45 21.80 -37.76 6.71
CA LYS H 45 22.03 -39.01 5.98
C LYS H 45 20.83 -39.39 5.12
N LEU H 46 19.62 -39.07 5.57
CA LEU H 46 18.43 -39.43 4.82
C LEU H 46 18.25 -38.55 3.59
N ASP H 47 18.63 -37.27 3.69
CA ASP H 47 18.55 -36.32 2.58
C ASP H 47 19.75 -35.38 2.64
N PRO H 48 20.87 -35.75 2.02
CA PRO H 48 22.08 -34.92 2.12
C PRO H 48 22.07 -33.71 1.20
N LYS H 49 21.22 -33.69 0.17
CA LYS H 49 21.17 -32.59 -0.79
C LYS H 49 19.94 -31.71 -0.58
N SER H 50 19.30 -31.82 0.58
CA SER H 50 18.09 -31.05 0.85
C SER H 50 18.47 -29.74 1.52
N LYS H 51 18.11 -28.63 0.87
CA LYS H 51 18.36 -27.31 1.44
C LYS H 51 17.47 -27.05 2.64
N GLY H 52 16.29 -27.66 2.67
CA GLY H 52 15.44 -27.59 3.85
C GLY H 52 16.08 -28.25 5.06
N VAL H 53 16.64 -29.44 4.87
CA VAL H 53 17.31 -30.14 5.97
C VAL H 53 18.48 -29.33 6.49
N GLU H 54 19.28 -28.75 5.58
CA GLU H 54 20.41 -27.93 6.01
C GLU H 54 19.95 -26.71 6.80
N ALA H 55 18.88 -26.07 6.33
CA ALA H 55 18.32 -24.93 7.06
C ALA H 55 17.91 -25.33 8.48
N LEU H 56 17.29 -26.50 8.63
CA LEU H 56 16.90 -26.96 9.96
C LEU H 56 18.12 -27.21 10.83
N VAL H 57 19.17 -27.80 10.27
CA VAL H 57 20.39 -28.07 11.03
C VAL H 57 20.98 -26.77 11.55
N LYS H 58 21.13 -25.78 10.67
CA LYS H 58 21.62 -24.47 11.11
C LYS H 58 20.70 -23.86 12.16
N GLY H 59 19.38 -23.92 11.91
CA GLY H 59 18.44 -23.40 12.89
C GLY H 59 18.47 -24.15 14.20
N ALA H 60 18.64 -25.47 14.15
CA ALA H 60 18.67 -26.28 15.37
C ALA H 60 19.93 -26.00 16.19
N LYS H 61 21.07 -25.81 15.53
CA LYS H 61 22.29 -25.48 16.26
C LYS H 61 22.17 -24.12 16.96
N GLY H 62 21.54 -23.15 16.30
CA GLY H 62 21.33 -21.86 16.94
C GLY H 62 20.45 -21.95 18.18
N ALA H 63 19.35 -22.70 18.07
CA ALA H 63 18.46 -22.89 19.22
C ALA H 63 19.19 -23.57 20.37
N ALA H 64 20.07 -24.52 20.07
CA ALA H 64 20.80 -25.22 21.12
C ALA H 64 21.68 -24.25 21.92
N LYS H 65 22.32 -23.30 21.25
CA LYS H 65 23.10 -22.29 21.95
C LYS H 65 22.23 -21.47 22.89
N GLY H 66 21.05 -21.07 22.43
CA GLY H 66 20.15 -20.31 23.28
C GLY H 66 19.70 -21.08 24.51
N ILE H 67 19.56 -22.40 24.39
CA ILE H 67 19.16 -23.20 25.54
C ILE H 67 20.25 -23.22 26.59
N GLU H 68 21.52 -23.40 26.17
CA GLU H 68 22.63 -23.40 27.12
C GLU H 68 22.79 -22.04 27.77
N ALA H 69 22.73 -20.97 26.98
CA ALA H 69 22.83 -19.62 27.53
C ALA H 69 21.70 -19.35 28.52
N ALA H 70 20.49 -19.77 28.18
CA ALA H 70 19.34 -19.50 29.06
C ALA H 70 19.45 -20.23 30.38
N MET H 71 20.03 -21.43 30.39
CA MET H 71 20.11 -22.17 31.64
C MET H 71 21.23 -21.66 32.54
N LYS H 72 22.36 -21.25 31.95
CA LYS H 72 23.39 -20.58 32.75
C LYS H 72 22.83 -19.33 33.41
N ILE H 73 22.00 -18.58 32.70
CA ILE H 73 21.30 -17.45 33.31
C ILE H 73 20.41 -17.94 34.45
N ALA H 74 19.70 -19.07 34.22
CA ALA H 74 18.82 -19.61 35.23
C ALA H 74 19.58 -20.02 36.49
N LYS H 75 20.82 -20.48 36.33
CA LYS H 75 21.64 -20.82 37.49
C LYS H 75 22.00 -19.58 38.30
N ALA H 76 22.43 -18.51 37.60
CA ALA H 76 22.80 -17.29 38.29
C ALA H 76 21.60 -16.66 39.01
N VAL H 77 20.44 -16.63 38.36
CA VAL H 77 19.24 -16.09 38.99
C VAL H 77 18.87 -16.90 40.22
N LEU H 78 19.11 -18.21 40.18
CA LEU H 78 18.85 -19.04 41.36
C LEU H 78 19.74 -18.63 42.52
N GLU H 79 20.99 -18.27 42.24
CA GLU H 79 21.87 -17.79 43.30
C GLU H 79 21.39 -16.46 43.85
N VAL H 80 21.03 -15.53 42.97
CA VAL H 80 20.42 -14.28 43.42
C VAL H 80 19.15 -14.57 44.22
N ALA H 81 18.39 -15.58 43.81
CA ALA H 81 17.19 -15.96 44.55
C ALA H 81 17.54 -16.46 45.94
N LYS H 82 18.64 -17.22 46.06
CA LYS H 82 19.04 -17.73 47.37
C LYS H 82 19.34 -16.60 48.35
N ILE H 83 20.08 -15.58 47.90
CA ILE H 83 20.42 -14.46 48.77
C ILE H 83 19.17 -13.70 49.18
N LYS H 84 18.29 -13.42 48.22
CA LYS H 84 17.05 -12.71 48.54
C LYS H 84 16.17 -13.50 49.50
N VAL H 85 16.24 -14.83 49.44
CA VAL H 85 15.50 -15.64 50.40
C VAL H 85 16.07 -15.47 51.80
N GLU H 86 17.40 -15.53 51.94
CA GLU H 86 18.02 -15.29 53.23
C GLU H 86 17.70 -13.90 53.76
N LYS H 87 17.77 -12.88 52.90
CA LYS H 87 17.44 -11.52 53.34
C LYS H 87 15.96 -11.39 53.65
N ALA H 88 15.10 -12.14 52.96
CA ALA H 88 13.68 -12.12 53.30
C ALA H 88 13.43 -12.78 54.63
N ILE H 89 14.18 -13.85 54.94
CA ILE H 89 14.10 -14.47 56.26
C ILE H 89 14.61 -13.52 57.34
N ALA H 90 15.65 -12.76 57.02
CA ALA H 90 16.22 -11.79 57.96
C ALA H 90 15.46 -10.47 57.98
N GLY H 91 14.38 -10.34 57.21
CA GLY H 91 13.56 -9.15 57.23
C GLY H 91 14.16 -7.94 56.54
N GLU H 92 15.27 -8.11 55.81
CA GLU H 92 15.90 -6.97 55.15
C GLU H 92 15.18 -6.58 53.85
N VAL H 93 14.64 -7.57 53.13
CA VAL H 93 14.00 -7.32 51.84
C VAL H 93 12.58 -7.87 51.89
N ASP H 94 11.68 -7.20 51.18
CA ASP H 94 10.30 -7.65 51.09
C ASP H 94 10.24 -9.05 50.49
N PRO H 95 9.43 -9.95 51.05
CA PRO H 95 9.39 -11.33 50.54
C PRO H 95 8.99 -11.45 49.07
N GLU H 96 8.29 -10.46 48.50
CA GLU H 96 7.91 -10.57 47.09
C GLU H 96 9.13 -10.57 46.16
N GLU H 97 10.20 -9.85 46.53
CA GLU H 97 11.41 -9.88 45.72
C GLU H 97 12.01 -11.28 45.68
N ALA H 98 11.86 -12.06 46.76
CA ALA H 98 12.35 -13.43 46.75
C ALA H 98 11.46 -14.32 45.89
N LEU H 99 10.14 -14.13 45.96
CA LEU H 99 9.23 -14.92 45.14
C LEU H 99 9.43 -14.64 43.65
N ARG H 100 9.54 -13.36 43.29
CA ARG H 100 9.79 -13.01 41.89
C ARG H 100 11.14 -13.51 41.41
N ALA H 101 12.13 -13.58 42.31
CA ALA H 101 13.43 -14.15 41.95
C ALA H 101 13.33 -15.65 41.72
N LEU H 102 12.65 -16.35 42.63
CA LEU H 102 12.44 -17.78 42.46
C LEU H 102 11.65 -18.08 41.19
N ARG H 103 10.60 -17.30 40.93
CA ARG H 103 9.82 -17.47 39.71
C ARG H 103 10.68 -17.28 38.46
N ALA H 104 11.57 -16.29 38.49
CA ALA H 104 12.43 -16.04 37.33
C ALA H 104 13.29 -17.26 37.02
N ALA H 105 13.99 -17.79 38.04
CA ALA H 105 14.78 -19.00 37.84
C ALA H 105 13.90 -20.15 37.37
N LEU H 106 12.69 -20.26 37.91
CA LEU H 106 11.77 -21.32 37.50
C LEU H 106 11.32 -21.14 36.06
N GLU H 107 10.84 -19.94 35.70
CA GLU H 107 10.28 -19.73 34.37
C GLU H 107 11.35 -19.78 33.29
N ILE H 108 12.54 -19.23 33.58
CA ILE H 108 13.61 -19.24 32.58
C ILE H 108 14.06 -20.66 32.29
N ALA H 109 14.19 -21.48 33.34
CA ALA H 109 14.63 -22.87 33.16
C ALA H 109 13.63 -23.67 32.35
N PHE H 110 12.35 -23.63 32.76
CA PHE H 110 11.33 -24.38 32.04
C PHE H 110 11.19 -23.91 30.59
N ALA H 111 11.38 -22.62 30.35
CA ALA H 111 11.33 -22.10 28.98
C ALA H 111 12.39 -22.76 28.11
N ALA H 112 13.63 -22.83 28.60
CA ALA H 112 14.68 -23.52 27.85
C ALA H 112 14.38 -25.00 27.73
N PHE H 113 13.83 -25.61 28.78
CA PHE H 113 13.49 -27.03 28.74
C PHE H 113 12.44 -27.31 27.67
N GLU H 114 11.37 -26.51 27.66
CA GLU H 114 10.30 -26.72 26.68
C GLU H 114 10.80 -26.55 25.25
N LEU H 115 11.74 -25.63 25.03
CA LEU H 115 12.30 -25.45 23.69
C LEU H 115 13.12 -26.67 23.28
N ALA H 116 13.88 -27.24 24.22
CA ALA H 116 14.67 -28.43 23.93
C ALA H 116 13.78 -29.59 23.49
N CYS H 117 12.68 -29.82 24.21
CA CYS H 117 11.75 -30.88 23.82
C CYS H 117 11.15 -30.62 22.44
N GLU H 118 10.86 -29.35 22.14
CA GLU H 118 10.22 -29.03 20.86
C GLU H 118 11.19 -29.22 19.69
N VAL H 119 12.44 -28.76 19.83
CA VAL H 119 13.40 -28.90 18.75
C VAL H 119 13.66 -30.36 18.42
N LEU H 120 13.83 -31.20 19.44
CA LEU H 120 14.03 -32.62 19.19
C LEU H 120 12.81 -33.24 18.54
N LYS H 121 11.62 -32.89 19.03
CA LYS H 121 10.38 -33.39 18.44
C LYS H 121 10.29 -33.02 16.96
N LYS H 122 10.56 -31.75 16.64
CA LYS H 122 10.51 -31.33 15.23
C LYS H 122 11.55 -32.07 14.40
N THR H 123 12.71 -32.39 14.98
CA THR H 123 13.73 -33.13 14.24
C THR H 123 13.29 -34.57 13.98
N LEU H 124 12.75 -35.22 15.01
CA LEU H 124 12.25 -36.58 14.84
C LEU H 124 11.11 -36.63 13.82
N GLU H 125 10.22 -35.64 13.84
CA GLU H 125 9.16 -35.58 12.85
C GLU H 125 9.71 -35.34 11.45
N ALA H 126 10.83 -34.62 11.34
CA ALA H 126 11.44 -34.41 10.03
C ALA H 126 12.03 -35.71 9.49
N ILE H 127 12.75 -36.45 10.33
CA ILE H 127 13.29 -37.75 9.92
C ILE H 127 12.15 -38.67 9.48
N LYS H 128 11.06 -38.69 10.23
CA LYS H 128 9.91 -39.52 9.87
C LYS H 128 9.30 -39.07 8.55
N ALA H 129 9.14 -37.77 8.36
CA ALA H 129 8.53 -37.25 7.14
C ALA H 129 9.44 -37.46 5.93
N VAL H 130 10.75 -37.30 6.11
CA VAL H 130 11.68 -37.49 5.00
C VAL H 130 11.71 -38.96 4.57
N ALA H 131 11.72 -39.88 5.54
CA ALA H 131 11.70 -41.30 5.21
C ALA H 131 10.44 -41.68 4.46
N ASP H 132 9.29 -41.14 4.89
CA ASP H 132 8.04 -41.40 4.18
C ASP H 132 8.15 -40.97 2.71
N ASP H 133 8.86 -39.86 2.46
CA ASP H 133 9.04 -39.38 1.09
C ASP H 133 10.11 -40.15 0.33
N LYS H 134 11.05 -40.78 1.05
CA LYS H 134 12.11 -41.54 0.39
C LYS H 134 11.62 -42.90 -0.07
N TYR H 135 10.95 -43.64 0.82
CA TYR H 135 10.49 -44.99 0.48
C TYR H 135 9.35 -44.95 -0.53
N THR H 136 8.38 -44.05 -0.33
CA THR H 136 7.25 -43.94 -1.26
C THR H 136 7.71 -43.67 -2.68
N ALA H 137 8.75 -42.85 -2.85
CA ALA H 137 9.28 -42.61 -4.19
C ALA H 137 9.82 -43.88 -4.82
N ALA H 138 10.39 -44.79 -4.01
CA ALA H 138 10.88 -46.06 -4.55
C ALA H 138 9.75 -47.05 -4.79
N ILE H 139 8.75 -47.06 -3.91
CA ILE H 139 7.60 -47.95 -4.08
C ILE H 139 6.88 -47.65 -5.39
N LEU H 140 6.61 -46.35 -5.64
CA LEU H 140 5.91 -45.97 -6.86
C LEU H 140 6.78 -46.15 -8.10
N ALA H 141 8.09 -46.27 -7.94
CA ALA H 141 8.99 -46.50 -9.06
C ALA H 141 9.28 -47.98 -9.29
N GLY H 142 8.71 -48.86 -8.48
CA GLY H 142 8.94 -50.28 -8.63
C GLY H 142 10.27 -50.77 -8.12
N ASP H 143 10.96 -49.96 -7.32
CA ASP H 143 12.27 -50.31 -6.77
C ASP H 143 12.09 -51.18 -5.52
N ASN H 144 11.69 -52.44 -5.77
CA ASN H 144 11.45 -53.44 -4.73
C ASN H 144 10.40 -52.96 -3.74
N PRO H 145 9.12 -52.90 -4.14
CA PRO H 145 8.09 -52.39 -3.21
C PRO H 145 7.94 -53.19 -1.93
N ALA H 146 8.25 -54.48 -1.96
CA ALA H 146 8.10 -55.29 -0.75
C ALA H 146 9.08 -54.86 0.34
N ALA H 147 10.35 -54.67 -0.01
CA ALA H 147 11.35 -54.30 0.98
C ALA H 147 11.17 -52.86 1.45
N GLN H 148 10.79 -51.96 0.54
CA GLN H 148 10.64 -50.55 0.90
C GLN H 148 9.52 -50.36 1.91
N GLN H 149 8.37 -51.01 1.69
CA GLN H 149 7.26 -50.88 2.62
C GLN H 149 7.61 -51.39 4.01
N LYS H 150 8.48 -52.41 4.09
CA LYS H 150 8.92 -52.90 5.39
C LYS H 150 9.83 -51.89 6.09
N ALA H 151 10.81 -51.34 5.35
CA ALA H 151 11.67 -50.31 5.92
C ALA H 151 10.88 -49.08 6.31
N LEU H 152 9.87 -48.73 5.51
CA LEU H 152 8.99 -47.61 5.84
C LEU H 152 8.30 -47.83 7.19
N ALA H 153 7.76 -49.04 7.39
CA ALA H 153 7.10 -49.36 8.65
C ALA H 153 8.09 -49.35 9.80
N GLU H 154 9.29 -49.91 9.60
CA GLU H 154 10.29 -49.94 10.66
C GLU H 154 10.72 -48.53 11.06
N THR H 155 11.01 -47.69 10.07
CA THR H 155 11.41 -46.30 10.36
C THR H 155 10.33 -45.57 11.13
N ASN H 156 9.07 -45.69 10.69
CA ASN H 156 7.98 -45.03 11.40
C ASN H 156 7.83 -45.57 12.81
N ALA H 157 8.10 -46.87 12.99
CA ALA H 157 8.07 -47.44 14.33
C ALA H 157 9.15 -46.85 15.21
N LEU H 158 10.32 -46.59 14.63
CA LEU H 158 11.43 -46.04 15.40
C LEU H 158 11.21 -44.57 15.73
N CYS H 159 10.69 -43.80 14.77
CA CYS H 159 10.42 -42.39 15.02
C CYS H 159 9.28 -42.20 16.02
N THR H 160 8.21 -43.01 15.89
CA THR H 160 7.04 -42.83 16.76
C THR H 160 7.36 -43.11 18.21
N ASP H 161 8.11 -44.18 18.51
CA ASP H 161 8.40 -44.50 19.90
C ASP H 161 9.24 -43.41 20.57
N SER H 162 10.14 -42.78 19.82
CA SER H 162 10.94 -41.70 20.38
C SER H 162 10.09 -40.48 20.70
N LEU H 163 9.11 -40.19 19.84
CA LEU H 163 8.20 -39.08 20.11
C LEU H 163 7.41 -39.31 21.39
N ILE H 164 7.06 -40.57 21.66
CA ILE H 164 6.36 -40.89 22.91
C ILE H 164 7.27 -40.65 24.11
N ALA H 165 8.56 -40.94 23.96
CA ALA H 165 9.51 -40.74 25.06
C ALA H 165 9.67 -39.26 25.38
N VAL H 166 9.86 -38.42 24.35
CA VAL H 166 10.02 -36.98 24.56
C VAL H 166 8.76 -36.39 25.20
N GLU H 167 7.58 -36.87 24.77
CA GLU H 167 6.34 -36.36 25.34
C GLU H 167 6.24 -36.69 26.82
N GLY H 168 6.74 -37.87 27.23
CA GLY H 168 6.76 -38.20 28.64
C GLY H 168 7.66 -37.29 29.45
N VAL H 169 8.81 -36.91 28.87
CA VAL H 169 9.74 -36.05 29.58
C VAL H 169 9.16 -34.66 29.76
N GLU H 170 8.57 -34.10 28.69
CA GLU H 170 7.99 -32.77 28.78
C GLU H 170 6.86 -32.72 29.82
N LYS H 171 5.95 -33.70 29.76
CA LYS H 171 4.84 -33.72 30.70
C LYS H 171 5.30 -33.95 32.13
N GLY H 172 6.38 -34.70 32.32
CA GLY H 172 6.93 -34.95 33.65
C GLY H 172 7.34 -33.68 34.37
N LEU H 173 8.20 -32.89 33.75
CA LEU H 173 8.65 -31.65 34.39
C LEU H 173 7.56 -30.60 34.39
N LYS H 174 6.72 -30.57 33.35
CA LYS H 174 5.63 -29.60 33.31
C LYS H 174 4.68 -29.79 34.50
N GLY H 175 4.49 -31.04 34.94
CA GLY H 175 3.71 -31.27 36.14
C GLY H 175 4.35 -30.63 37.37
N ALA H 176 5.67 -30.77 37.50
CA ALA H 176 6.37 -30.10 38.60
C ALA H 176 6.28 -28.59 38.45
N TYR H 177 6.47 -28.09 37.23
CA TYR H 177 6.32 -26.65 36.97
C TYR H 177 4.91 -26.17 37.31
N LEU H 178 3.91 -27.02 37.08
CA LEU H 178 2.53 -26.64 37.39
C LEU H 178 2.34 -26.44 38.89
N ALA H 179 2.84 -27.38 39.69
CA ALA H 179 2.69 -27.28 41.14
C ALA H 179 3.44 -26.07 41.70
N LEU H 180 4.71 -25.91 41.32
CA LEU H 180 5.52 -24.81 41.83
C LEU H 180 4.94 -23.46 41.42
N GLU H 181 4.41 -23.35 40.19
CA GLU H 181 3.82 -22.09 39.76
C GLU H 181 2.59 -21.76 40.61
N ALA H 182 1.82 -22.78 40.99
CA ALA H 182 0.69 -22.54 41.88
C ALA H 182 1.13 -22.17 43.28
N ILE H 183 2.25 -22.76 43.75
CA ILE H 183 2.76 -22.46 45.07
C ILE H 183 3.21 -21.01 45.17
N ILE H 184 3.99 -20.56 44.19
CA ILE H 184 4.47 -19.17 44.19
C ILE H 184 3.30 -18.20 44.10
N GLU H 185 2.27 -18.57 43.32
CA GLU H 185 1.09 -17.70 43.22
C GLU H 185 0.35 -17.60 44.54
N ALA H 186 0.33 -18.68 45.33
CA ALA H 186 -0.35 -18.63 46.62
C ALA H 186 0.35 -17.70 47.60
N LEU H 187 1.69 -17.76 47.64
CA LEU H 187 2.43 -16.90 48.56
C LEU H 187 2.27 -15.42 48.24
N GLU H 188 2.12 -15.07 46.97
CA GLU H 188 1.90 -13.68 46.61
C GLU H 188 0.50 -13.21 47.00
N VAL H 189 -0.46 -14.12 47.07
CA VAL H 189 -1.81 -13.77 47.49
C VAL H 189 -1.93 -13.75 49.01
N ALA H 190 -1.26 -14.67 49.69
CA ALA H 190 -1.31 -14.76 51.15
C ALA H 190 -0.26 -13.82 51.75
N GLU H 191 -0.64 -12.54 51.85
CA GLU H 191 0.26 -11.55 52.42
C GLU H 191 0.13 -11.43 53.93
N ASP H 192 -1.06 -11.66 54.47
CA ASP H 192 -1.28 -11.55 55.91
C ASP H 192 -1.11 -12.92 56.59
N GLU H 193 -1.18 -12.91 57.92
CA GLU H 193 -1.06 -14.14 58.68
C GLU H 193 -2.23 -15.08 58.43
N GLU H 194 -3.44 -14.53 58.32
CA GLU H 194 -4.62 -15.36 58.11
C GLU H 194 -4.51 -16.16 56.83
N GLY H 195 -4.05 -15.54 55.75
CA GLY H 195 -3.90 -16.24 54.49
C GLY H 195 -2.89 -17.37 54.55
N LEU H 196 -1.76 -17.14 55.21
CA LEU H 196 -0.73 -18.17 55.30
C LEU H 196 -1.21 -19.41 56.02
N LYS H 197 -2.08 -19.25 57.02
CA LYS H 197 -2.57 -20.42 57.75
C LYS H 197 -3.47 -21.28 56.87
N ILE H 198 -4.15 -20.67 55.89
CA ILE H 198 -5.01 -21.44 55.01
C ILE H 198 -4.19 -22.24 54.00
N VAL H 199 -3.16 -21.61 53.41
CA VAL H 199 -2.37 -22.26 52.37
C VAL H 199 -1.22 -23.11 52.91
N ALA H 200 -0.88 -22.97 54.19
CA ALA H 200 0.25 -23.72 54.75
C ALA H 200 0.08 -25.22 54.53
N LYS H 201 -1.11 -25.74 54.83
CA LYS H 201 -1.35 -27.17 54.65
C LYS H 201 -1.29 -27.55 53.18
N ALA H 202 -1.93 -26.75 52.31
CA ALA H 202 -1.94 -27.05 50.89
C ALA H 202 -0.55 -26.93 50.27
N ILE H 203 0.24 -25.94 50.71
CA ILE H 203 1.56 -25.74 50.14
C ILE H 203 2.49 -26.88 50.51
N LYS H 204 2.47 -27.30 51.78
CA LYS H 204 3.34 -28.40 52.22
C LYS H 204 3.06 -29.67 51.43
N GLU H 205 1.77 -30.01 51.26
CA GLU H 205 1.43 -31.18 50.45
C GLU H 205 1.84 -30.98 49.00
N ALA H 206 1.71 -29.75 48.49
CA ALA H 206 2.11 -29.46 47.11
C ALA H 206 3.61 -29.65 46.91
N ILE H 207 4.41 -29.23 47.90
CA ILE H 207 5.86 -29.40 47.81
C ILE H 207 6.22 -30.88 47.80
N LYS H 208 5.50 -31.67 48.60
CA LYS H 208 5.73 -33.12 48.62
C LYS H 208 5.43 -33.74 47.26
N LYS H 209 4.26 -33.43 46.70
CA LYS H 209 3.90 -33.95 45.38
C LYS H 209 4.82 -33.44 44.30
N ALA H 210 5.31 -32.20 44.45
CA ALA H 210 6.24 -31.64 43.46
C ALA H 210 7.57 -32.39 43.47
N GLU H 211 8.08 -32.74 44.65
CA GLU H 211 9.33 -33.49 44.73
C GLU H 211 9.17 -34.89 44.16
N GLU H 212 8.00 -35.52 44.37
CA GLU H 212 7.73 -36.80 43.75
C GLU H 212 7.67 -36.69 42.22
N ALA H 213 7.08 -35.62 41.71
CA ALA H 213 6.99 -35.43 40.26
C ALA H 213 8.36 -35.28 39.63
N ILE H 214 9.26 -34.53 40.27
CA ILE H 214 10.61 -34.37 39.75
C ILE H 214 11.33 -35.72 39.67
N LYS H 215 11.14 -36.55 40.68
CA LYS H 215 11.76 -37.88 40.67
C LYS H 215 11.24 -38.73 39.52
N LYS H 216 9.91 -38.79 39.36
CA LYS H 216 9.34 -39.52 38.22
C LYS H 216 9.77 -38.91 36.90
N ALA H 217 10.00 -37.59 36.86
CA ALA H 217 10.52 -36.97 35.65
C ALA H 217 11.95 -37.41 35.38
N GLU H 218 12.78 -37.44 36.43
CA GLU H 218 14.16 -37.92 36.27
C GLU H 218 14.19 -39.34 35.75
N GLU H 219 13.30 -40.21 36.24
CA GLU H 219 13.19 -41.56 35.71
C GLU H 219 12.89 -41.53 34.21
N ALA H 220 11.92 -40.71 33.80
CA ALA H 220 11.58 -40.60 32.39
C ALA H 220 12.77 -40.11 31.57
N ILE H 221 13.55 -39.17 32.11
CA ILE H 221 14.71 -38.66 31.38
C ILE H 221 15.72 -39.78 31.14
N LYS H 222 15.95 -40.62 32.15
CA LYS H 222 16.88 -41.74 31.99
C LYS H 222 16.35 -42.74 30.97
N LEU H 223 15.07 -43.10 31.09
CA LEU H 223 14.46 -44.03 30.14
C LEU H 223 14.48 -43.46 28.73
N ALA H 224 14.29 -42.14 28.60
CA ALA H 224 14.28 -41.51 27.28
C ALA H 224 15.65 -41.59 26.62
N LYS H 225 16.72 -41.43 27.40
CA LYS H 225 18.06 -41.54 26.86
C LYS H 225 18.30 -42.90 26.22
N GLU H 226 18.07 -43.98 26.98
CA GLU H 226 18.32 -45.32 26.47
C GLU H 226 17.42 -45.66 25.29
N SER H 227 16.15 -45.27 25.36
CA SER H 227 15.21 -45.62 24.29
C SER H 227 15.58 -44.93 22.98
N VAL H 228 15.70 -43.60 23.00
CA VAL H 228 15.95 -42.85 21.78
C VAL H 228 17.33 -43.18 21.21
N GLU H 229 18.33 -43.37 22.06
CA GLU H 229 19.68 -43.66 21.59
C GLU H 229 19.72 -44.92 20.74
N LYS H 230 19.10 -46.00 21.23
CA LYS H 230 19.09 -47.24 20.45
C LYS H 230 18.31 -47.08 19.16
N ASN H 231 17.13 -46.44 19.23
CA ASN H 231 16.32 -46.24 18.04
C ASN H 231 17.04 -45.40 16.99
N LEU H 232 17.81 -44.41 17.44
CA LEU H 232 18.57 -43.59 16.50
C LEU H 232 19.68 -44.40 15.84
N GLU H 233 20.19 -45.42 16.52
CA GLU H 233 21.23 -46.26 15.93
C GLU H 233 20.66 -47.17 14.85
N LYS H 234 19.48 -47.75 15.08
CA LYS H 234 18.84 -48.56 14.06
C LYS H 234 18.49 -47.72 12.83
N LEU H 235 18.07 -46.48 13.04
CA LEU H 235 17.81 -45.59 11.92
C LEU H 235 19.10 -45.26 11.17
N LYS H 236 20.17 -44.97 11.92
CA LYS H 236 21.47 -44.76 11.29
C LYS H 236 21.92 -45.98 10.51
N ALA H 237 21.66 -47.17 11.06
CA ALA H 237 22.02 -48.42 10.40
C ALA H 237 21.13 -48.66 9.17
#